data_7VZY
#
_entry.id   7VZY
#
_cell.length_a   111.483
_cell.length_b   111.483
_cell.length_c   231.355
_cell.angle_alpha   90.000
_cell.angle_beta   90.000
_cell.angle_gamma   120.000
#
_symmetry.space_group_name_H-M   'P 31 2 1'
#
loop_
_entity.id
_entity.type
_entity.pdbx_description
1 polymer GdmN
2 non-polymer (5~{S},6~{E},8~{S},9~{S},12~{R},15~{E})-21-chloranyl-12,20-dimethoxy-6,8,16-trimethyl-5,9-bis(oxidanyl)-2-azabicyclo[16.3.1]docosa-1(21),6,15,18(22),19-pentaene-3,11-dione
3 non-polymer 'FE (III) ION'
4 non-polymer 'ADENOSINE MONOPHOSPHATE'
5 non-polymer GLYCEROL
6 non-polymer 'SULFATE ION'
7 non-polymer 'PHOSPHORIC ACID MONO(FORMAMIDE)ESTER'
8 non-polymer 1,2-ETHANEDIOL
9 non-polymer DI(HYDROXYETHYL)ETHER
#
_entity_poly.entity_id   1
_entity_poly.type   'polypeptide(L)'
_entity_poly.pdbx_seq_one_letter_code
;MGSSHHHHHHSSGLVPRGSHMLVLGLNGNFSAADTDVVPQLGEVFFHDSAASLIRDGELVAAVEEERLNRIKKTTKFPLN
AVRECLALAGARPEDVDAVGYYFPENHIDTVLNHLYTEYPRAPLRYSRELIRQRLKEGLGWDLPDEKLVYVPHHEAHAYS
SYLHSGMDSALVLVLDGRGELHSGTVYRAEGTRLEKLADYPVPKSLGGLYLNATYLLGYGFGDEYKVMGLAPWGNPETYR
DTFAKLYTLQDNGEYELHGNIMVPNLVSPLFYAEGFRPRRKGEPFTQAHRDFAAALQETVEKIVLHILEYWAKTSGHSRL
CFGGGVAHNSSLNGLILKSGLFDEVFVHPASHDAGAGEGAAYAAAASLGTLERPGKRLLSASLGPALGGREQIRARLADW
APLIDVEFPDDAVETAAGLLAEGQVLGWAYGRSEFGPRALGHRSIVADARPEENRTRINAMVKKREGFRPFAPVVTAEAA
RDYFDLSGADGNHEFMSFVVPVLPERRTELGAVTHVDGTARVQVVSAESGERFHRLVRRFGELTGTPVLLNTSFNNNAEP
IVQSLDDVVTSFLTTDLDVLVVEDCLVRGKASPDLGVLVPRFRPVTRLVERRTAGPDASAGAKTHEIHLDYDGGPSAKVS
PELYELLGAVDGTTTLGDLAKTVGGLSDALATEVFALWEQRFLTLAPAGDIGPLADDGTRGH
;
_entity_poly.pdbx_strand_id   A,B
#
loop_
_chem_comp.id
_chem_comp.type
_chem_comp.name
_chem_comp.formula
83Z non-polymer (5~{S},6~{E},8~{S},9~{S},12~{R},15~{E})-21-chloranyl-12,20-dimethoxy-6,8,16-trimethyl-5,9-bis(oxidanyl)-2-azabicyclo[16.3.1]docosa-1(21),6,15,18(22),19-pentaene-3,11-dione 'C26 H34 Cl N O6'
AMP non-polymer 'ADENOSINE MONOPHOSPHATE' 'C10 H14 N5 O7 P'
CP non-polymer 'PHOSPHORIC ACID MONO(FORMAMIDE)ESTER' 'C H4 N O5 P'
EDO non-polymer 1,2-ETHANEDIOL 'C2 H6 O2'
FE non-polymer 'FE (III) ION' 'Fe 3'
GOL non-polymer GLYCEROL 'C3 H8 O3'
PEG non-polymer DI(HYDROXYETHYL)ETHER 'C4 H10 O3'
SO4 non-polymer 'SULFATE ION' 'O4 S -2'
#
# COMPACT_ATOMS: atom_id res chain seq x y z
N MET A 21 -9.32 38.64 19.26
CA MET A 21 -8.40 37.73 18.54
C MET A 21 -8.62 36.23 18.80
N LEU A 22 -9.23 35.57 17.82
CA LEU A 22 -9.71 34.19 17.95
C LEU A 22 -9.15 33.40 16.77
N VAL A 23 -8.25 32.45 17.06
CA VAL A 23 -7.51 31.76 16.03
C VAL A 23 -7.74 30.26 16.14
N LEU A 24 -8.02 29.63 15.00
CA LEU A 24 -8.25 28.19 14.92
C LEU A 24 -6.96 27.48 14.52
N GLY A 25 -6.62 26.41 15.23
CA GLY A 25 -5.48 25.58 14.87
C GLY A 25 -5.95 24.29 14.23
N LEU A 26 -5.37 23.95 13.08
CA LEU A 26 -5.78 22.77 12.32
C LEU A 26 -4.61 21.83 12.11
N ASN A 27 -4.93 20.53 12.10
CA ASN A 27 -3.98 19.50 11.66
C ASN A 27 -4.79 18.27 11.28
N GLY A 28 -4.21 17.46 10.41
CA GLY A 28 -4.86 16.27 9.88
C GLY A 28 -4.89 16.33 8.36
N ASN A 29 -5.52 15.31 7.78
CA ASN A 29 -5.75 15.26 6.34
C ASN A 29 -7.13 15.86 6.05
N PHE A 30 -7.72 15.55 4.89
CA PHE A 30 -8.90 16.27 4.42
C PHE A 30 -10.02 15.32 3.97
N SER A 31 -9.98 14.09 4.43
CA SER A 31 -11.02 13.14 4.08
C SER A 31 -12.33 13.47 4.79
N ALA A 32 -13.44 13.21 4.09
CA ALA A 32 -14.78 13.32 4.66
C ALA A 32 -15.02 12.18 5.65
N ALA A 33 -16.25 12.04 6.13
CA ALA A 33 -16.49 11.06 7.18
C ALA A 33 -16.59 9.64 6.65
N ASP A 34 -17.09 9.46 5.43
CA ASP A 34 -17.36 8.13 4.91
C ASP A 34 -16.40 7.66 3.84
N THR A 35 -15.51 8.54 3.35
CA THR A 35 -14.53 8.17 2.33
C THR A 35 -13.23 8.90 2.61
N ASP A 36 -12.16 8.46 1.96
CA ASP A 36 -10.87 9.11 2.13
C ASP A 36 -10.48 9.78 0.81
N VAL A 37 -9.56 10.76 0.90
CA VAL A 37 -9.22 11.53 -0.30
C VAL A 37 -8.78 10.60 -1.42
N VAL A 38 -8.08 9.52 -1.09
CA VAL A 38 -7.87 8.40 -1.98
C VAL A 38 -8.35 7.16 -1.24
N PRO A 39 -8.72 6.10 -1.96
CA PRO A 39 -9.19 4.89 -1.30
C PRO A 39 -8.12 4.27 -0.43
N GLN A 40 -8.53 3.87 0.78
CA GLN A 40 -7.64 3.20 1.73
C GLN A 40 -6.38 4.03 2.05
N LEU A 41 -6.54 5.35 2.13
CA LEU A 41 -5.45 6.23 2.55
C LEU A 41 -4.76 5.66 3.79
N GLY A 42 -3.45 5.65 3.76
CA GLY A 42 -2.70 5.00 4.82
C GLY A 42 -2.83 5.76 6.13
N GLU A 43 -2.91 5.00 7.23
CA GLU A 43 -3.19 5.58 8.54
C GLU A 43 -2.15 6.59 8.99
N VAL A 44 -1.00 6.68 8.32
CA VAL A 44 0.06 7.62 8.71
C VAL A 44 0.09 8.87 7.83
N PHE A 45 -0.86 9.04 6.92
CA PHE A 45 -0.84 10.23 6.06
C PHE A 45 -1.62 11.35 6.77
N PHE A 46 -0.92 12.04 7.67
CA PHE A 46 -1.45 13.20 8.40
C PHE A 46 -2.51 12.75 9.41
N HIS A 47 -2.04 12.09 10.45
CA HIS A 47 -2.81 11.46 11.49
C HIS A 47 -3.08 12.43 12.66
N ASP A 48 -3.85 11.95 13.63
CA ASP A 48 -4.11 12.66 14.89
C ASP A 48 -4.83 13.99 14.67
N SER A 49 -5.69 14.04 13.66
CA SER A 49 -6.54 15.19 13.37
C SER A 49 -7.13 15.82 14.63
N ALA A 50 -7.14 17.15 14.66
CA ALA A 50 -7.59 17.87 15.82
C ALA A 50 -7.86 19.33 15.45
N ALA A 51 -8.54 20.02 16.34
CA ALA A 51 -8.78 21.45 16.20
C ALA A 51 -8.59 22.08 17.56
N SER A 52 -8.03 23.29 17.55
CA SER A 52 -7.77 24.08 18.75
C SER A 52 -8.22 25.51 18.48
N LEU A 53 -8.73 26.15 19.51
CA LEU A 53 -9.10 27.57 19.44
C LEU A 53 -8.30 28.31 20.48
N ILE A 54 -7.62 29.36 20.04
N ILE A 54 -7.59 29.35 20.06
CA ILE A 54 -6.95 30.31 20.92
CA ILE A 54 -6.97 30.25 21.02
C ILE A 54 -7.78 31.58 20.96
C ILE A 54 -7.71 31.58 20.98
N ARG A 55 -7.87 32.18 22.14
CA ARG A 55 -8.51 33.50 22.26
C ARG A 55 -7.67 34.36 23.20
N ASP A 56 -7.14 35.47 22.68
CA ASP A 56 -6.26 36.34 23.46
C ASP A 56 -5.09 35.56 24.04
N GLY A 57 -4.54 34.66 23.24
CA GLY A 57 -3.40 33.84 23.63
C GLY A 57 -3.72 32.68 24.54
N GLU A 58 -4.94 32.57 25.05
CA GLU A 58 -5.32 31.48 25.91
C GLU A 58 -5.92 30.37 25.07
N LEU A 59 -5.54 29.12 25.37
CA LEU A 59 -6.08 27.96 24.69
C LEU A 59 -7.41 27.61 25.36
N VAL A 60 -8.52 27.91 24.68
CA VAL A 60 -9.84 27.76 25.29
C VAL A 60 -10.54 26.47 24.91
N ALA A 61 -10.15 25.84 23.82
CA ALA A 61 -10.80 24.59 23.49
C ALA A 61 -9.88 23.79 22.57
N ALA A 62 -9.89 22.47 22.75
CA ALA A 62 -9.09 21.60 21.89
C ALA A 62 -9.58 20.18 22.02
N VAL A 63 -9.75 19.49 20.89
CA VAL A 63 -10.21 18.10 20.90
C VAL A 63 -9.67 17.41 19.65
N GLU A 64 -9.22 16.18 19.85
CA GLU A 64 -8.85 15.33 18.73
C GLU A 64 -10.09 14.76 18.04
N GLU A 65 -10.07 14.76 16.71
CA GLU A 65 -11.20 14.21 15.96
C GLU A 65 -11.44 12.74 16.29
N GLU A 66 -10.41 11.98 16.68
CA GLU A 66 -10.57 10.57 17.06
C GLU A 66 -11.68 10.40 18.12
N ARG A 67 -11.76 11.35 19.05
CA ARG A 67 -12.78 11.30 20.09
C ARG A 67 -14.19 11.42 19.50
N LEU A 68 -14.33 12.06 18.35
CA LEU A 68 -15.67 12.31 17.82
C LEU A 68 -16.08 11.33 16.72
N ASN A 69 -15.18 10.93 15.82
CA ASN A 69 -15.50 9.84 14.90
C ASN A 69 -15.08 8.47 15.39
N ARG A 70 -14.52 8.37 16.60
CA ARG A 70 -14.24 7.07 17.22
C ARG A 70 -13.24 6.23 16.42
N ILE A 71 -12.39 6.85 15.61
CA ILE A 71 -11.32 6.14 14.89
C ILE A 71 -9.98 6.58 15.49
N LYS A 72 -9.36 5.70 16.30
CA LYS A 72 -8.05 5.94 16.90
C LYS A 72 -7.10 6.59 15.92
N LYS A 73 -6.57 7.76 16.30
CA LYS A 73 -5.53 8.50 15.58
C LYS A 73 -5.94 8.85 14.14
N THR A 74 -7.22 9.14 13.93
CA THR A 74 -7.76 9.27 12.58
C THR A 74 -7.02 10.32 11.74
N THR A 75 -6.99 10.10 10.42
CA THR A 75 -6.49 11.08 9.46
C THR A 75 -7.58 11.97 8.90
N LYS A 76 -8.85 11.66 9.14
CA LYS A 76 -9.95 12.37 8.51
C LYS A 76 -10.04 13.80 9.05
N PHE A 77 -10.55 14.68 8.20
CA PHE A 77 -10.57 16.11 8.48
C PHE A 77 -11.32 16.41 9.78
N PRO A 78 -10.76 17.23 10.67
CA PRO A 78 -11.35 17.46 12.00
C PRO A 78 -12.54 18.41 11.97
N LEU A 79 -13.50 18.11 11.09
CA LEU A 79 -14.71 18.92 10.99
C LEU A 79 -15.44 18.99 12.32
N ASN A 80 -15.76 17.83 12.93
CA ASN A 80 -16.49 17.82 14.20
C ASN A 80 -15.72 18.50 15.31
N ALA A 81 -14.39 18.49 15.25
CA ALA A 81 -13.61 19.14 16.30
C ALA A 81 -13.71 20.67 16.20
N VAL A 82 -13.72 21.19 14.97
CA VAL A 82 -13.90 22.62 14.80
C VAL A 82 -15.25 23.04 15.35
N ARG A 83 -16.29 22.29 15.02
CA ARG A 83 -17.63 22.62 15.48
C ARG A 83 -17.71 22.57 17.01
N GLU A 84 -17.10 21.53 17.62
CA GLU A 84 -17.08 21.43 19.07
C GLU A 84 -16.26 22.54 19.71
N CYS A 85 -15.17 22.95 19.07
CA CYS A 85 -14.36 24.04 19.59
C CYS A 85 -15.09 25.37 19.54
N LEU A 86 -15.75 25.69 18.43
CA LEU A 86 -16.54 26.93 18.37
C LEU A 86 -17.65 26.92 19.40
N ALA A 87 -18.27 25.76 19.62
CA ALA A 87 -19.30 25.69 20.63
C ALA A 87 -18.74 25.98 22.01
N LEU A 88 -17.59 25.40 22.33
CA LEU A 88 -17.06 25.64 23.68
C LEU A 88 -16.70 27.09 23.89
N ALA A 89 -16.18 27.75 22.86
CA ALA A 89 -15.80 29.16 22.94
C ALA A 89 -16.98 30.11 22.86
N GLY A 90 -18.18 29.60 22.62
CA GLY A 90 -19.32 30.44 22.32
C GLY A 90 -19.14 31.29 21.08
N ALA A 91 -18.48 30.76 20.05
CA ALA A 91 -18.16 31.51 18.85
C ALA A 91 -18.91 30.98 17.62
N ARG A 92 -19.12 31.85 16.65
CA ARG A 92 -19.56 31.45 15.33
C ARG A 92 -18.38 31.41 14.36
N PRO A 93 -18.46 30.63 13.27
CA PRO A 93 -17.34 30.60 12.30
C PRO A 93 -16.86 31.97 11.82
N GLU A 94 -17.80 32.90 11.60
CA GLU A 94 -17.51 34.27 11.21
C GLU A 94 -16.65 35.00 12.25
N ASP A 95 -16.62 34.53 13.50
CA ASP A 95 -15.83 35.21 14.53
C ASP A 95 -14.33 34.95 14.43
N VAL A 96 -13.91 33.98 13.62
CA VAL A 96 -12.53 33.50 13.66
C VAL A 96 -11.65 34.40 12.80
N ASP A 97 -10.56 34.91 13.40
CA ASP A 97 -9.66 35.83 12.68
C ASP A 97 -8.69 35.09 11.77
N ALA A 98 -8.14 33.96 12.19
CA ALA A 98 -7.23 33.23 11.33
C ALA A 98 -7.34 31.75 11.59
N VAL A 99 -6.87 30.97 10.62
CA VAL A 99 -6.74 29.52 10.72
C VAL A 99 -5.31 29.17 10.35
N GLY A 100 -4.62 28.48 11.25
CA GLY A 100 -3.30 27.94 10.95
C GLY A 100 -3.34 26.46 10.61
N TYR A 101 -2.46 26.04 9.70
CA TYR A 101 -2.33 24.62 9.35
C TYR A 101 -0.91 24.16 9.67
N TYR A 102 -0.77 22.97 10.27
CA TYR A 102 0.50 22.61 10.91
C TYR A 102 1.63 22.18 9.95
N PHE A 103 1.55 22.43 8.65
CA PHE A 103 2.55 22.05 7.64
C PHE A 103 2.60 23.14 6.57
N PRO A 104 3.72 23.32 5.89
CA PRO A 104 3.76 24.31 4.79
C PRO A 104 2.94 23.85 3.58
N GLU A 105 2.44 24.83 2.82
CA GLU A 105 1.45 24.57 1.79
C GLU A 105 2.04 23.76 0.63
N ASN A 106 3.28 24.03 0.25
CA ASN A 106 3.89 23.24 -0.81
C ASN A 106 4.11 21.80 -0.38
N HIS A 107 4.46 21.56 0.89
CA HIS A 107 4.74 20.20 1.31
C HIS A 107 3.48 19.32 1.29
N ILE A 108 2.40 19.76 1.93
CA ILE A 108 1.19 18.94 1.94
C ILE A 108 0.65 18.79 0.52
N ASP A 109 0.77 19.83 -0.30
CA ASP A 109 0.24 19.73 -1.67
C ASP A 109 1.09 18.81 -2.54
N THR A 110 2.41 18.78 -2.31
CA THR A 110 3.24 17.80 -3.04
C THR A 110 2.87 16.38 -2.67
N VAL A 111 2.58 16.13 -1.39
CA VAL A 111 2.20 14.78 -0.99
C VAL A 111 0.82 14.43 -1.54
N LEU A 112 -0.14 15.37 -1.46
CA LEU A 112 -1.40 15.12 -2.11
C LEU A 112 -1.16 14.78 -3.58
N ASN A 113 -0.32 15.56 -4.25
CA ASN A 113 -0.07 15.35 -5.66
C ASN A 113 0.52 13.95 -5.93
N HIS A 114 1.38 13.47 -5.03
CA HIS A 114 1.87 12.10 -5.16
C HIS A 114 0.73 11.09 -5.10
N LEU A 115 -0.12 11.18 -4.06
CA LEU A 115 -1.25 10.25 -3.97
C LEU A 115 -2.10 10.27 -5.22
N TYR A 116 -2.23 11.45 -5.86
CA TYR A 116 -3.05 11.56 -7.05
C TYR A 116 -2.40 10.87 -8.24
N THR A 117 -1.07 10.98 -8.38
CA THR A 117 -0.42 10.23 -9.47
C THR A 117 -0.69 8.73 -9.31
N GLU A 118 -0.73 8.24 -8.06
CA GLU A 118 -0.96 6.82 -7.82
C GLU A 118 -2.42 6.41 -7.93
N TYR A 119 -3.33 7.37 -8.01
CA TYR A 119 -4.77 7.10 -8.08
C TYR A 119 -5.38 8.00 -9.13
N PRO A 120 -5.24 7.65 -10.40
CA PRO A 120 -5.59 8.61 -11.47
C PRO A 120 -7.06 9.00 -11.54
N ARG A 121 -7.95 8.39 -10.76
CA ARG A 121 -9.34 8.87 -10.74
C ARG A 121 -9.55 10.02 -9.78
N ALA A 122 -8.68 10.22 -8.83
CA ALA A 122 -8.91 11.26 -7.85
C ALA A 122 -8.82 12.62 -8.52
N PRO A 123 -9.79 13.50 -8.28
CA PRO A 123 -9.67 14.88 -8.77
C PRO A 123 -8.51 15.60 -8.11
N LEU A 124 -7.86 16.47 -8.89
CA LEU A 124 -6.82 17.30 -8.33
C LEU A 124 -7.45 18.40 -7.50
N ARG A 125 -7.58 18.15 -6.20
CA ARG A 125 -7.96 19.17 -5.21
C ARG A 125 -6.86 19.24 -4.18
N TYR A 126 -6.19 20.38 -4.07
CA TYR A 126 -5.10 20.49 -3.11
C TYR A 126 -5.63 21.09 -1.80
N SER A 127 -4.72 21.34 -0.85
CA SER A 127 -5.16 21.51 0.53
C SER A 127 -6.00 22.77 0.71
N ARG A 128 -5.66 23.85 0.02
CA ARG A 128 -6.40 25.09 0.25
C ARG A 128 -7.86 24.93 -0.19
N GLU A 129 -8.07 24.40 -1.39
CA GLU A 129 -9.41 24.07 -1.85
C GLU A 129 -10.10 23.07 -0.95
N LEU A 130 -9.36 22.11 -0.39
CA LEU A 130 -10.01 21.10 0.42
C LEU A 130 -10.36 21.65 1.80
N ILE A 131 -9.50 22.49 2.36
CA ILE A 131 -9.85 23.08 3.65
C ILE A 131 -11.07 23.97 3.50
N ARG A 132 -11.11 24.77 2.43
CA ARG A 132 -12.24 25.68 2.20
C ARG A 132 -13.51 24.91 1.89
N GLN A 133 -13.42 23.82 1.12
CA GLN A 133 -14.62 23.04 0.86
C GLN A 133 -15.15 22.40 2.15
N ARG A 134 -14.26 21.89 3.00
CA ARG A 134 -14.73 21.24 4.22
C ARG A 134 -15.41 22.24 5.14
N LEU A 135 -14.79 23.42 5.34
CA LEU A 135 -15.35 24.38 6.27
C LEU A 135 -16.68 24.94 5.76
N LYS A 136 -16.78 25.13 4.45
CA LYS A 136 -17.98 25.68 3.85
C LYS A 136 -19.13 24.67 3.86
N GLU A 137 -18.89 23.43 3.39
CA GLU A 137 -19.98 22.45 3.42
C GLU A 137 -20.33 22.01 4.82
N GLY A 138 -19.36 21.97 5.73
CA GLY A 138 -19.60 21.40 7.04
C GLY A 138 -19.99 22.38 8.13
N LEU A 139 -19.67 23.67 7.94
CA LEU A 139 -20.00 24.70 8.92
C LEU A 139 -20.64 25.94 8.32
N GLY A 140 -20.86 25.98 7.00
CA GLY A 140 -21.41 27.15 6.34
C GLY A 140 -20.48 28.33 6.43
N TRP A 141 -19.19 28.11 6.22
CA TRP A 141 -18.14 29.06 6.57
C TRP A 141 -17.31 29.30 5.33
N ASP A 142 -17.47 30.48 4.74
CA ASP A 142 -16.65 30.92 3.62
C ASP A 142 -15.36 31.50 4.20
N LEU A 143 -14.32 30.64 4.30
CA LEU A 143 -13.03 31.09 4.78
C LEU A 143 -12.30 31.83 3.67
N PRO A 144 -11.83 33.05 3.89
CA PRO A 144 -11.09 33.76 2.84
C PRO A 144 -9.64 33.30 2.77
N ASP A 145 -9.08 33.40 1.56
CA ASP A 145 -7.68 32.98 1.39
C ASP A 145 -6.75 33.71 2.35
N GLU A 146 -6.96 35.01 2.52
CA GLU A 146 -6.03 35.79 3.33
C GLU A 146 -5.99 35.36 4.79
N LYS A 147 -7.00 34.63 5.28
CA LYS A 147 -7.04 34.21 6.68
C LYS A 147 -6.43 32.83 6.95
N LEU A 148 -6.14 32.05 5.92
CA LEU A 148 -5.52 30.74 6.07
C LEU A 148 -4.00 30.89 6.05
N VAL A 149 -3.34 30.57 7.15
CA VAL A 149 -1.89 30.63 7.25
C VAL A 149 -1.36 29.21 7.40
N TYR A 150 -0.43 28.81 6.52
CA TYR A 150 0.32 27.58 6.66
C TYR A 150 1.62 27.83 7.40
N VAL A 151 2.09 26.82 8.13
CA VAL A 151 3.13 26.98 9.14
C VAL A 151 4.17 25.88 8.99
N PRO A 152 5.46 26.18 9.15
CA PRO A 152 6.46 25.10 9.28
C PRO A 152 6.14 24.20 10.45
N HIS A 153 6.29 22.90 10.23
CA HIS A 153 5.75 21.93 11.17
C HIS A 153 6.44 22.01 12.54
N HIS A 154 7.78 22.02 12.56
CA HIS A 154 8.43 22.06 13.88
C HIS A 154 8.30 23.42 14.57
N GLU A 155 8.04 24.49 13.81
CA GLU A 155 7.67 25.76 14.41
C GLU A 155 6.36 25.63 15.17
N ALA A 156 5.37 24.97 14.57
CA ALA A 156 4.10 24.74 15.25
C ALA A 156 4.27 23.93 16.53
N HIS A 157 5.05 22.85 16.48
CA HIS A 157 5.37 22.12 17.71
C HIS A 157 5.96 23.04 18.75
N ALA A 158 7.00 23.78 18.37
CA ALA A 158 7.76 24.54 19.37
C ALA A 158 6.86 25.56 20.06
N TYR A 159 6.01 26.25 19.31
CA TYR A 159 5.13 27.24 19.93
C TYR A 159 4.27 26.57 20.98
N SER A 160 3.61 25.47 20.60
CA SER A 160 2.76 24.74 21.52
C SER A 160 3.51 24.32 22.78
N SER A 161 4.63 23.59 22.62
CA SER A 161 5.43 23.18 23.77
C SER A 161 5.85 24.38 24.62
N TYR A 162 6.39 25.43 24.00
CA TYR A 162 7.03 26.48 24.80
C TYR A 162 6.03 27.48 25.42
N LEU A 163 5.02 27.93 24.67
CA LEU A 163 4.15 28.98 25.19
C LEU A 163 3.34 28.53 26.40
N HIS A 164 3.08 27.24 26.54
CA HIS A 164 2.35 26.69 27.68
C HIS A 164 3.23 26.29 28.84
N SER A 165 4.55 26.49 28.74
CA SER A 165 5.51 26.08 29.77
C SER A 165 5.53 27.01 30.97
N GLY A 166 5.06 28.24 30.81
CA GLY A 166 5.22 29.28 31.80
C GLY A 166 6.58 29.94 31.80
N MET A 167 7.53 29.49 30.99
CA MET A 167 8.89 30.01 30.99
C MET A 167 8.99 31.16 30.00
N ASP A 168 9.85 32.14 30.31
CA ASP A 168 10.08 33.27 29.42
C ASP A 168 11.39 33.14 28.63
N SER A 169 12.18 32.11 28.90
CA SER A 169 13.23 31.69 28.00
C SER A 169 13.48 30.21 28.18
N ALA A 170 13.86 29.53 27.09
CA ALA A 170 14.18 28.12 27.18
C ALA A 170 14.90 27.65 25.93
N LEU A 171 15.56 26.51 26.07
CA LEU A 171 15.87 25.67 24.93
C LEU A 171 14.62 24.88 24.56
N VAL A 172 14.22 24.92 23.30
CA VAL A 172 13.10 24.12 22.83
C VAL A 172 13.63 23.09 21.85
N LEU A 173 13.40 21.83 22.16
CA LEU A 173 13.78 20.71 21.31
C LEU A 173 12.52 20.02 20.77
N VAL A 174 12.44 19.88 19.46
CA VAL A 174 11.33 19.21 18.79
C VAL A 174 11.89 17.98 18.08
N LEU A 175 11.45 16.79 18.48
CA LEU A 175 11.77 15.56 17.76
C LEU A 175 10.50 14.79 17.44
N ASP A 176 10.28 14.52 16.15
CA ASP A 176 9.17 13.64 15.76
C ASP A 176 9.66 12.69 14.66
N GLY A 177 8.75 12.19 13.83
CA GLY A 177 9.17 11.48 12.62
C GLY A 177 9.74 12.46 11.61
N ARG A 178 8.92 13.40 11.14
CA ARG A 178 9.43 14.39 10.19
C ARG A 178 8.48 15.57 10.06
N GLY A 179 9.03 16.77 10.03
CA GLY A 179 8.37 17.93 9.46
C GLY A 179 8.45 17.91 7.94
N GLU A 180 8.36 19.10 7.33
CA GLU A 180 8.50 19.17 5.88
C GLU A 180 9.94 18.84 5.42
N LEU A 181 10.98 19.24 6.20
CA LEU A 181 12.39 19.03 5.81
C LEU A 181 13.29 18.43 6.89
N HIS A 182 12.86 18.31 8.13
CA HIS A 182 13.75 17.88 9.21
C HIS A 182 13.05 16.89 10.12
N SER A 183 13.84 16.01 10.70
CA SER A 183 13.32 15.11 11.72
C SER A 183 13.41 15.72 13.11
N GLY A 184 14.35 16.66 13.32
CA GLY A 184 14.43 17.37 14.58
C GLY A 184 14.82 18.84 14.44
N THR A 185 14.27 19.71 15.26
CA THR A 185 14.69 21.10 15.29
C THR A 185 15.00 21.50 16.72
N VAL A 186 16.05 22.31 16.87
CA VAL A 186 16.39 22.94 18.15
C VAL A 186 16.19 24.44 18.05
N TYR A 187 15.51 25.01 19.05
CA TYR A 187 15.19 26.43 19.08
C TYR A 187 15.67 27.06 20.36
N ARG A 188 15.89 28.36 20.30
CA ARG A 188 15.95 29.18 21.50
C ARG A 188 14.67 30.01 21.55
N ALA A 189 14.06 30.09 22.72
CA ALA A 189 12.83 30.84 22.93
C ALA A 189 13.08 31.91 23.98
N GLU A 190 12.77 33.16 23.65
CA GLU A 190 12.89 34.25 24.61
C GLU A 190 11.66 35.12 24.42
N GLY A 191 10.89 35.32 25.50
CA GLY A 191 9.63 36.03 25.39
C GLY A 191 8.66 35.31 24.48
N THR A 192 8.41 35.86 23.29
CA THR A 192 7.64 35.15 22.28
C THR A 192 8.42 34.96 20.98
N ARG A 193 9.74 35.14 21.00
CA ARG A 193 10.59 34.91 19.83
C ARG A 193 11.08 33.45 19.83
N LEU A 194 10.95 32.79 18.67
CA LEU A 194 11.66 31.54 18.44
C LEU A 194 12.83 31.80 17.50
N GLU A 195 14.01 31.34 17.90
CA GLU A 195 15.21 31.44 17.11
C GLU A 195 15.71 30.02 16.85
N LYS A 196 15.75 29.62 15.59
CA LYS A 196 16.28 28.31 15.25
C LYS A 196 17.79 28.28 15.50
N LEU A 197 18.24 27.21 16.16
CA LEU A 197 19.66 26.99 16.39
C LEU A 197 20.22 25.84 15.58
N ALA A 198 19.41 24.85 15.26
CA ALA A 198 19.91 23.62 14.66
C ALA A 198 18.75 22.83 14.07
N ASP A 199 19.07 21.98 13.11
CA ASP A 199 18.09 21.00 12.69
C ASP A 199 18.79 19.69 12.29
N TYR A 200 18.05 18.59 12.38
CA TYR A 200 18.52 17.29 11.93
C TYR A 200 17.70 16.83 10.75
N PRO A 201 18.31 16.33 9.66
CA PRO A 201 17.52 16.01 8.48
C PRO A 201 16.62 14.79 8.67
N VAL A 202 15.75 14.55 7.69
CA VAL A 202 14.70 13.53 7.74
C VAL A 202 15.29 12.12 7.87
N PRO A 203 16.31 11.73 7.11
CA PRO A 203 16.84 10.36 7.29
C PRO A 203 17.56 10.14 8.61
N LYS A 204 17.65 11.13 9.50
CA LYS A 204 18.12 10.89 10.86
C LYS A 204 16.97 10.77 11.86
N SER A 205 15.76 10.48 11.39
CA SER A 205 14.59 10.54 12.25
C SER A 205 14.62 9.48 13.33
N LEU A 206 14.45 9.94 14.59
CA LEU A 206 14.36 9.02 15.73
C LEU A 206 12.96 8.46 15.85
N GLY A 207 11.94 9.24 15.51
CA GLY A 207 10.61 8.69 15.50
C GLY A 207 10.46 7.65 14.41
N GLY A 208 11.08 7.90 13.26
CA GLY A 208 11.12 6.89 12.22
C GLY A 208 11.81 5.61 12.68
N LEU A 209 12.91 5.75 13.43
CA LEU A 209 13.61 4.57 13.91
C LEU A 209 12.74 3.80 14.91
N TYR A 210 12.06 4.52 15.81
CA TYR A 210 11.24 3.85 16.81
C TYR A 210 10.06 3.10 16.16
N LEU A 211 9.38 3.74 15.20
CA LEU A 211 8.33 3.07 14.45
C LEU A 211 8.86 1.87 13.69
N ASN A 212 10.04 2.02 13.05
CA ASN A 212 10.63 0.90 12.32
C ASN A 212 10.85 -0.30 13.22
N ALA A 213 11.41 -0.05 14.41
CA ALA A 213 11.63 -1.13 15.36
C ALA A 213 10.31 -1.71 15.84
N THR A 214 9.33 -0.85 16.13
CA THR A 214 7.99 -1.29 16.56
C THR A 214 7.39 -2.32 15.62
N TYR A 215 7.51 -2.11 14.31
CA TYR A 215 6.99 -3.11 13.37
C TYR A 215 7.61 -4.49 13.54
N LEU A 216 8.81 -4.60 14.13
CA LEU A 216 9.38 -5.93 14.36
C LEU A 216 8.76 -6.66 15.53
N LEU A 217 8.01 -5.99 16.40
CA LEU A 217 7.38 -6.65 17.53
C LEU A 217 5.91 -6.96 17.27
N GLY A 218 5.48 -6.95 16.01
CA GLY A 218 4.10 -7.26 15.67
C GLY A 218 3.14 -6.13 15.91
N TYR A 219 3.66 -4.94 16.17
CA TYR A 219 2.87 -3.74 16.43
C TYR A 219 2.89 -2.83 15.19
N GLY A 220 2.13 -1.75 15.27
CA GLY A 220 2.13 -0.81 14.16
C GLY A 220 2.08 0.64 14.61
N PHE A 221 1.74 1.55 13.70
CA PHE A 221 1.66 2.94 14.11
C PHE A 221 0.67 3.10 15.26
N GLY A 222 1.03 3.91 16.27
CA GLY A 222 0.24 4.05 17.47
C GLY A 222 0.62 3.13 18.62
N ASP A 223 1.48 2.15 18.40
CA ASP A 223 1.81 1.19 19.43
C ASP A 223 3.15 1.49 20.09
N GLU A 224 3.80 2.60 19.72
CA GLU A 224 5.15 2.87 20.18
C GLU A 224 5.26 2.83 21.70
N TYR A 225 4.23 3.31 22.40
CA TYR A 225 4.31 3.33 23.85
C TYR A 225 4.04 1.97 24.49
N LYS A 226 3.51 1.02 23.73
CA LYS A 226 3.52 -0.36 24.21
C LYS A 226 4.93 -0.92 24.19
N VAL A 227 5.67 -0.64 23.11
CA VAL A 227 7.07 -1.07 23.02
C VAL A 227 7.86 -0.46 24.15
N MET A 228 7.59 0.81 24.47
CA MET A 228 8.31 1.46 25.56
C MET A 228 7.92 0.89 26.92
N GLY A 229 6.69 0.40 27.05
CA GLY A 229 6.29 -0.32 28.25
C GLY A 229 6.86 -1.71 28.35
N LEU A 230 7.15 -2.33 27.20
CA LEU A 230 7.82 -3.63 27.20
C LEU A 230 9.31 -3.53 27.53
N ALA A 231 9.97 -2.42 27.15
CA ALA A 231 11.42 -2.27 27.34
C ALA A 231 11.93 -2.65 28.73
N PRO A 232 11.33 -2.19 29.84
CA PRO A 232 11.90 -2.51 31.16
C PRO A 232 12.04 -4.01 31.48
N TRP A 233 11.29 -4.89 30.81
CA TRP A 233 11.36 -6.33 31.02
C TRP A 233 12.52 -6.98 30.29
N GLY A 234 13.28 -6.23 29.50
CA GLY A 234 14.30 -6.79 28.65
C GLY A 234 15.68 -6.40 29.14
N ASN A 235 16.68 -7.06 28.58
CA ASN A 235 18.07 -6.77 28.91
C ASN A 235 18.70 -6.04 27.72
N PRO A 236 19.02 -4.75 27.84
CA PRO A 236 19.57 -4.02 26.68
C PRO A 236 20.95 -4.51 26.24
N GLU A 237 21.57 -5.45 26.97
CA GLU A 237 22.88 -5.97 26.57
C GLU A 237 22.80 -6.86 25.33
N THR A 238 21.75 -7.67 25.22
CA THR A 238 21.70 -8.68 24.16
C THR A 238 21.90 -8.06 22.79
N TYR A 239 21.21 -6.94 22.53
CA TYR A 239 21.22 -6.39 21.18
C TYR A 239 21.88 -5.01 21.14
N ARG A 240 22.57 -4.60 22.21
CA ARG A 240 23.32 -3.35 22.19
C ARG A 240 24.24 -3.26 20.98
N ASP A 241 25.03 -4.31 20.75
CA ASP A 241 26.03 -4.21 19.69
C ASP A 241 25.42 -4.32 18.30
N THR A 242 24.21 -4.88 18.20
CA THR A 242 23.49 -4.88 16.94
C THR A 242 22.93 -3.48 16.63
N PHE A 243 22.23 -2.88 17.59
CA PHE A 243 21.77 -1.50 17.39
C PHE A 243 22.94 -0.56 17.15
N ALA A 244 24.10 -0.84 17.77
CA ALA A 244 25.28 -0.02 17.56
C ALA A 244 25.65 0.08 16.08
N LYS A 245 25.31 -0.93 15.29
CA LYS A 245 25.59 -0.87 13.87
C LYS A 245 24.69 0.14 13.14
N LEU A 246 23.61 0.60 13.78
CA LEU A 246 22.62 1.42 13.08
C LEU A 246 22.77 2.91 13.35
N TYR A 247 23.60 3.30 14.32
CA TYR A 247 23.84 4.71 14.59
C TYR A 247 25.29 4.94 14.99
N THR A 248 25.72 6.19 14.83
CA THR A 248 27.03 6.63 15.30
C THR A 248 26.85 7.99 15.95
N LEU A 249 27.26 8.10 17.22
CA LEU A 249 27.39 9.42 17.84
C LEU A 249 28.65 10.12 17.32
N GLN A 250 28.51 11.38 16.92
CA GLN A 250 29.63 12.14 16.41
C GLN A 250 29.88 13.33 17.34
N ASP A 251 30.99 14.03 17.10
CA ASP A 251 31.36 15.15 17.96
C ASP A 251 30.38 16.30 17.82
N ASN A 252 30.25 17.08 18.90
CA ASN A 252 29.56 18.37 18.91
C ASN A 252 28.07 18.21 18.59
N GLY A 253 27.45 17.23 19.28
CA GLY A 253 26.03 17.00 19.20
C GLY A 253 25.53 16.35 17.94
N GLU A 254 26.41 15.97 17.02
CA GLU A 254 25.96 15.34 15.80
C GLU A 254 25.78 13.84 15.99
N TYR A 255 25.03 13.22 15.08
CA TYR A 255 24.87 11.77 15.03
C TYR A 255 24.50 11.36 13.61
N GLU A 256 24.58 10.06 13.36
CA GLU A 256 24.22 9.51 12.06
C GLU A 256 23.36 8.28 12.28
N LEU A 257 22.35 8.10 11.44
CA LEU A 257 21.72 6.78 11.32
C LEU A 257 22.16 6.15 10.01
N HIS A 258 22.37 4.83 10.04
CA HIS A 258 22.96 4.10 8.92
C HIS A 258 21.89 3.32 8.15
N GLY A 259 21.56 3.80 6.95
CA GLY A 259 20.46 3.25 6.17
C GLY A 259 20.86 2.07 5.29
N ASN A 260 19.88 1.63 4.50
CA ASN A 260 20.12 0.53 3.57
C ASN A 260 19.28 0.78 2.33
N ILE A 261 19.55 0.00 1.29
CA ILE A 261 18.80 0.09 0.05
C ILE A 261 17.90 -1.12 -0.15
N MET A 262 17.71 -1.96 0.86
CA MET A 262 16.88 -3.15 0.67
C MET A 262 15.40 -2.85 0.89
N VAL A 263 15.05 -2.27 2.04
CA VAL A 263 13.63 -2.10 2.37
C VAL A 263 13.45 -0.76 3.07
N PRO A 264 12.22 -0.20 3.01
CA PRO A 264 11.99 1.08 3.69
C PRO A 264 11.77 0.89 5.18
N ASN A 265 12.76 0.28 5.83
CA ASN A 265 12.76 0.08 7.26
C ASN A 265 14.19 -0.02 7.71
N LEU A 266 14.55 0.76 8.71
CA LEU A 266 15.95 0.94 9.06
C LEU A 266 16.51 -0.16 9.95
N VAL A 267 15.65 -0.98 10.57
CA VAL A 267 16.06 -1.93 11.58
C VAL A 267 15.98 -3.36 11.08
N SER A 268 14.99 -3.68 10.25
CA SER A 268 14.71 -5.09 10.05
C SER A 268 15.76 -5.85 9.23
N PRO A 269 16.40 -5.26 8.21
CA PRO A 269 17.37 -6.06 7.44
C PRO A 269 18.52 -6.57 8.28
N LEU A 270 19.13 -5.69 9.08
CA LEU A 270 20.24 -6.11 9.91
C LEU A 270 19.79 -7.18 10.90
N PHE A 271 18.64 -6.98 11.55
CA PHE A 271 18.16 -7.96 12.52
C PHE A 271 17.72 -9.27 11.89
N TYR A 272 17.18 -9.22 10.67
CA TYR A 272 16.89 -10.47 9.97
C TYR A 272 18.17 -11.27 9.77
N ALA A 273 19.20 -10.62 9.20
CA ALA A 273 20.49 -11.24 8.97
C ALA A 273 21.05 -11.89 10.22
N GLU A 274 20.74 -11.34 11.40
CA GLU A 274 21.29 -11.92 12.62
C GLU A 274 20.36 -12.97 13.23
N GLY A 275 19.26 -13.29 12.58
CA GLY A 275 18.38 -14.35 13.04
C GLY A 275 17.17 -13.91 13.80
N PHE A 276 16.91 -12.61 13.92
CA PHE A 276 15.72 -12.10 14.58
C PHE A 276 14.50 -12.25 13.68
N ARG A 277 13.45 -12.86 14.20
CA ARG A 277 12.24 -12.98 13.40
C ARG A 277 11.13 -12.12 13.97
N PRO A 278 10.49 -11.30 13.14
CA PRO A 278 9.37 -10.49 13.59
C PRO A 278 8.28 -11.30 14.28
N ARG A 279 7.85 -10.81 15.44
CA ARG A 279 6.77 -11.42 16.17
C ARG A 279 5.46 -11.42 15.35
N ARG A 280 4.64 -12.46 15.50
CA ARG A 280 3.35 -12.52 14.83
C ARG A 280 2.23 -12.09 15.77
N LYS A 281 1.14 -11.57 15.19
CA LYS A 281 -0.01 -11.16 16.01
C LYS A 281 -0.61 -12.38 16.68
N GLY A 282 -0.84 -12.28 17.99
CA GLY A 282 -1.30 -13.41 18.76
C GLY A 282 -0.21 -14.26 19.36
N GLU A 283 1.01 -14.03 19.02
CA GLU A 283 2.08 -14.82 19.62
C GLU A 283 2.62 -14.15 20.88
N PRO A 284 3.13 -14.94 21.83
CA PRO A 284 3.70 -14.35 23.05
C PRO A 284 4.91 -13.46 22.77
N PHE A 285 5.28 -12.70 23.78
CA PHE A 285 6.43 -11.81 23.73
C PHE A 285 7.60 -12.54 24.37
N THR A 286 8.45 -13.14 23.52
CA THR A 286 9.60 -13.90 23.97
C THR A 286 10.63 -12.99 24.62
N GLN A 287 11.66 -13.60 25.24
CA GLN A 287 12.70 -12.81 25.85
C GLN A 287 13.53 -12.08 24.82
N ALA A 288 13.63 -12.64 23.61
CA ALA A 288 14.34 -11.92 22.56
C ALA A 288 13.58 -10.66 22.17
N HIS A 289 12.25 -10.74 22.19
CA HIS A 289 11.42 -9.56 21.95
C HIS A 289 11.62 -8.51 23.04
N ARG A 290 11.60 -8.96 24.30
CA ARG A 290 11.80 -8.01 25.40
C ARG A 290 13.18 -7.36 25.31
N ASP A 291 14.19 -8.14 24.94
CA ASP A 291 15.55 -7.61 24.85
C ASP A 291 15.68 -6.63 23.70
N PHE A 292 15.09 -6.95 22.54
CA PHE A 292 15.01 -6.01 21.44
C PHE A 292 14.39 -4.67 21.88
N ALA A 293 13.27 -4.73 22.62
CA ALA A 293 12.65 -3.47 23.05
C ALA A 293 13.60 -2.69 23.93
N ALA A 294 14.24 -3.37 24.89
CA ALA A 294 15.15 -2.68 25.79
C ALA A 294 16.31 -2.02 25.04
N ALA A 295 16.90 -2.73 24.09
CA ALA A 295 18.00 -2.12 23.32
C ALA A 295 17.51 -0.90 22.54
N LEU A 296 16.38 -1.03 21.83
CA LEU A 296 15.79 0.11 21.11
C LEU A 296 15.63 1.32 22.03
N GLN A 297 14.96 1.12 23.17
CA GLN A 297 14.75 2.20 24.11
C GLN A 297 16.09 2.83 24.55
N GLU A 298 17.10 2.00 24.83
CA GLU A 298 18.40 2.54 25.23
C GLU A 298 19.05 3.35 24.11
N THR A 299 18.95 2.87 22.87
CA THR A 299 19.49 3.57 21.69
C THR A 299 18.93 4.99 21.59
N VAL A 300 17.59 5.13 21.59
CA VAL A 300 16.98 6.45 21.51
C VAL A 300 17.41 7.32 22.67
N GLU A 301 17.49 6.75 23.89
CA GLU A 301 17.94 7.54 25.02
C GLU A 301 19.37 8.03 24.82
N LYS A 302 20.26 7.16 24.32
CA LYS A 302 21.64 7.59 24.10
C LYS A 302 21.72 8.71 23.07
N ILE A 303 20.84 8.70 22.07
CA ILE A 303 20.96 9.72 21.03
C ILE A 303 20.40 11.05 21.50
N VAL A 304 19.17 11.03 22.00
CA VAL A 304 18.54 12.26 22.48
C VAL A 304 19.39 12.90 23.57
N LEU A 305 19.82 12.10 24.55
CA LEU A 305 20.69 12.66 25.59
C LEU A 305 21.99 13.20 25.01
N HIS A 306 22.49 12.63 23.91
CA HIS A 306 23.69 13.14 23.27
C HIS A 306 23.42 14.50 22.66
N ILE A 307 22.30 14.62 21.94
CA ILE A 307 21.84 15.92 21.45
C ILE A 307 21.72 16.92 22.59
N LEU A 308 20.99 16.53 23.65
CA LEU A 308 20.67 17.49 24.71
C LEU A 308 21.91 17.91 25.48
N GLU A 309 22.80 16.97 25.81
CA GLU A 309 24.02 17.36 26.50
C GLU A 309 24.75 18.43 25.71
N TYR A 310 24.79 18.28 24.39
CA TYR A 310 25.53 19.25 23.61
C TYR A 310 24.81 20.59 23.63
N TRP A 311 23.52 20.61 23.30
CA TRP A 311 22.81 21.87 23.17
C TRP A 311 22.51 22.53 24.51
N ALA A 312 22.51 21.79 25.61
CA ALA A 312 22.39 22.45 26.91
C ALA A 312 23.60 23.36 27.18
N LYS A 313 24.82 22.84 27.00
CA LYS A 313 26.02 23.61 27.28
C LYS A 313 26.34 24.60 26.18
N THR A 314 25.82 24.41 24.97
CA THR A 314 26.14 25.33 23.91
C THR A 314 25.23 26.56 23.95
N SER A 315 23.94 26.33 24.18
CA SER A 315 22.98 27.44 24.17
C SER A 315 22.91 28.15 25.50
N GLY A 316 23.39 27.51 26.57
CA GLY A 316 23.39 28.11 27.88
C GLY A 316 22.07 28.08 28.64
N HIS A 317 21.02 27.47 28.08
CA HIS A 317 19.74 27.46 28.77
C HIS A 317 19.70 26.38 29.84
N SER A 318 19.14 26.73 30.99
CA SER A 318 18.91 25.81 32.10
C SER A 318 17.52 25.15 32.06
N ARG A 319 16.64 25.61 31.18
CA ARG A 319 15.26 25.15 31.11
C ARG A 319 14.99 24.59 29.72
N LEU A 320 14.34 23.43 29.68
CA LEU A 320 14.08 22.72 28.44
C LEU A 320 12.57 22.52 28.24
N CYS A 321 12.09 22.82 27.04
CA CYS A 321 10.79 22.40 26.56
C CYS A 321 11.01 21.32 25.51
N PHE A 322 10.31 20.20 25.66
CA PHE A 322 10.49 19.05 24.79
C PHE A 322 9.16 18.75 24.09
N GLY A 323 9.19 18.76 22.77
CA GLY A 323 7.96 18.56 22.03
C GLY A 323 8.11 17.66 20.83
N GLY A 324 7.08 17.53 20.03
CA GLY A 324 7.15 16.54 18.98
C GLY A 324 6.77 15.16 19.52
N GLY A 325 6.29 14.30 18.61
CA GLY A 325 5.82 13.00 18.99
C GLY A 325 6.78 12.20 19.86
N VAL A 326 8.09 12.42 19.71
CA VAL A 326 9.03 11.64 20.50
C VAL A 326 8.94 12.02 21.98
N ALA A 327 8.47 13.25 22.26
CA ALA A 327 8.31 13.69 23.64
C ALA A 327 7.19 12.94 24.39
N HIS A 328 6.47 12.04 23.74
CA HIS A 328 5.53 11.19 24.48
C HIS A 328 6.19 9.91 24.99
N ASN A 329 7.51 9.80 24.81
CA ASN A 329 8.25 8.67 25.37
C ASN A 329 8.52 9.01 26.82
N SER A 330 7.63 8.57 27.72
CA SER A 330 7.76 8.93 29.14
C SER A 330 9.12 8.52 29.70
N SER A 331 9.64 7.36 29.29
CA SER A 331 10.88 6.87 29.84
C SER A 331 12.04 7.79 29.49
N LEU A 332 12.14 8.16 28.22
CA LEU A 332 13.11 9.16 27.81
C LEU A 332 12.99 10.42 28.68
N ASN A 333 11.77 10.93 28.82
CA ASN A 333 11.56 12.14 29.62
C ASN A 333 12.07 11.97 31.05
N GLY A 334 11.73 10.85 31.69
CA GLY A 334 12.25 10.59 33.03
C GLY A 334 13.78 10.56 33.08
N LEU A 335 14.42 10.14 31.99
CA LEU A 335 15.88 10.14 31.94
C LEU A 335 16.44 11.55 31.77
N ILE A 336 15.85 12.34 30.86
CA ILE A 336 16.19 13.77 30.73
C ILE A 336 16.04 14.48 32.06
N LEU A 337 15.07 14.07 32.84
CA LEU A 337 14.84 14.71 34.13
C LEU A 337 15.94 14.36 35.12
N LYS A 338 16.48 13.15 35.06
CA LYS A 338 17.46 12.70 36.02
C LYS A 338 18.88 12.93 35.56
N SER A 339 19.05 13.41 34.34
CA SER A 339 20.38 13.61 33.76
C SER A 339 21.12 14.78 34.39
N GLY A 340 20.44 15.67 35.09
CA GLY A 340 21.06 16.88 35.58
C GLY A 340 21.43 17.90 34.53
N LEU A 341 21.07 17.69 33.27
CA LEU A 341 21.39 18.69 32.26
C LEU A 341 20.60 19.98 32.41
N PHE A 342 19.45 19.98 33.09
CA PHE A 342 18.60 21.17 33.17
C PHE A 342 18.03 21.31 34.58
N ASP A 343 17.57 22.52 34.90
CA ASP A 343 16.88 22.75 36.17
C ASP A 343 15.38 22.53 36.07
N GLU A 344 14.83 22.66 34.87
CA GLU A 344 13.40 22.66 34.62
C GLU A 344 13.16 22.02 33.25
N VAL A 345 12.17 21.14 33.18
CA VAL A 345 11.73 20.54 31.93
C VAL A 345 10.21 20.66 31.86
N PHE A 346 9.71 21.06 30.68
CA PHE A 346 8.27 21.10 30.43
C PHE A 346 7.91 20.24 29.22
N VAL A 347 6.89 19.41 29.36
CA VAL A 347 6.33 18.65 28.24
C VAL A 347 4.82 18.92 28.20
N HIS A 348 4.32 19.23 27.01
CA HIS A 348 2.91 19.49 26.77
C HIS A 348 2.12 18.17 26.78
N PRO A 349 0.85 18.19 27.24
CA PRO A 349 0.04 16.96 27.23
C PRO A 349 -0.23 16.40 25.84
N ALA A 350 -0.29 17.23 24.81
CA ALA A 350 -0.33 16.77 23.42
C ALA A 350 0.94 17.29 22.77
N SER A 351 2.00 16.50 22.86
CA SER A 351 3.22 16.89 22.21
C SER A 351 3.31 16.34 20.79
N HIS A 352 2.33 15.52 20.39
CA HIS A 352 2.28 14.96 19.04
C HIS A 352 1.52 15.91 18.11
N ASP A 353 1.13 15.42 16.92
CA ASP A 353 0.64 16.33 15.88
C ASP A 353 -0.63 17.08 16.22
N ALA A 354 -1.36 16.69 17.25
CA ALA A 354 -2.46 17.58 17.62
C ALA A 354 -1.95 18.82 18.32
N GLY A 355 -0.84 18.71 19.08
CA GLY A 355 -0.21 19.89 19.65
C GLY A 355 0.35 20.80 18.58
N ALA A 356 0.94 20.21 17.52
CA ALA A 356 1.38 21.00 16.37
C ALA A 356 0.24 21.81 15.80
N GLY A 357 -0.96 21.23 15.75
CA GLY A 357 -2.09 21.98 15.25
C GLY A 357 -2.45 23.16 16.15
N GLU A 358 -2.41 22.97 17.46
CA GLU A 358 -2.58 24.12 18.35
C GLU A 358 -1.49 25.17 18.10
N GLY A 359 -0.23 24.74 18.06
CA GLY A 359 0.86 25.65 17.76
C GLY A 359 0.72 26.38 16.44
N ALA A 360 0.08 25.74 15.45
CA ALA A 360 -0.14 26.44 14.19
C ALA A 360 -1.03 27.66 14.39
N ALA A 361 -1.86 27.67 15.44
CA ALA A 361 -2.68 28.85 15.68
C ALA A 361 -1.83 29.99 16.22
N TYR A 362 -0.97 29.70 17.19
CA TYR A 362 -0.08 30.73 17.69
C TYR A 362 0.75 31.32 16.56
N ALA A 363 1.29 30.46 15.70
CA ALA A 363 2.14 30.94 14.61
C ALA A 363 1.35 31.74 13.59
N ALA A 364 0.06 31.46 13.42
CA ALA A 364 -0.75 32.25 12.51
C ALA A 364 -1.12 33.59 13.12
N ALA A 365 -1.46 33.60 14.41
CA ALA A 365 -1.66 34.86 15.11
C ALA A 365 -0.40 35.73 15.06
N ALA A 366 0.79 35.12 15.02
CA ALA A 366 2.01 35.92 14.94
C ALA A 366 2.29 36.40 13.52
N SER A 367 1.82 35.66 12.51
CA SER A 367 2.00 36.09 11.13
C SER A 367 1.11 37.28 10.80
N LEU A 368 -0.10 37.32 11.36
CA LEU A 368 -1.05 38.42 11.20
C LEU A 368 -1.12 39.17 12.52
N GLY A 369 -0.21 40.10 12.73
CA GLY A 369 -0.21 40.89 13.94
C GLY A 369 0.76 40.38 14.98
N THR A 370 0.47 40.70 16.24
CA THR A 370 1.32 40.31 17.36
C THR A 370 0.76 39.06 18.03
N LEU A 371 1.63 38.39 18.78
CA LEU A 371 1.33 37.11 19.41
C LEU A 371 0.99 37.38 20.86
N GLU A 372 -0.25 37.09 21.25
CA GLU A 372 -0.59 37.05 22.66
C GLU A 372 -0.33 35.64 23.16
N ARG A 373 0.13 35.51 24.39
CA ARG A 373 0.56 34.21 24.89
C ARG A 373 -0.18 33.86 26.17
N PRO A 374 -0.21 32.57 26.56
CA PRO A 374 -0.79 32.23 27.86
C PRO A 374 -0.08 32.95 28.99
N GLY A 375 -0.81 33.24 30.06
CA GLY A 375 -0.21 33.87 31.21
C GLY A 375 0.32 32.92 32.26
N LYS A 376 0.02 31.63 32.15
CA LYS A 376 0.41 30.68 33.17
C LYS A 376 0.80 29.36 32.51
N ARG A 377 1.60 28.58 33.23
CA ARG A 377 1.83 27.20 32.83
C ARG A 377 0.52 26.43 32.73
N LEU A 378 0.39 25.64 31.67
CA LEU A 378 -0.77 24.74 31.53
C LEU A 378 -0.79 23.70 32.64
N LEU A 379 -1.86 23.68 33.44
CA LEU A 379 -1.98 22.67 34.48
C LEU A 379 -2.99 21.59 34.15
N SER A 380 -3.98 21.88 33.33
CA SER A 380 -5.07 20.95 33.07
C SER A 380 -5.21 20.74 31.56
N ALA A 381 -5.37 19.48 31.15
CA ALA A 381 -5.60 19.12 29.76
C ALA A 381 -7.09 19.01 29.43
N SER A 382 -7.94 19.51 30.31
CA SER A 382 -9.39 19.29 30.27
C SER A 382 -10.01 20.35 29.36
N LEU A 383 -10.04 20.05 28.05
CA LEU A 383 -10.18 21.07 27.02
C LEU A 383 -11.17 20.73 25.92
N GLY A 384 -11.83 19.56 25.99
CA GLY A 384 -12.75 19.15 24.97
C GLY A 384 -14.17 19.37 25.40
N PRO A 385 -15.11 18.77 24.67
CA PRO A 385 -16.52 18.87 25.06
C PRO A 385 -16.75 18.24 26.42
N ALA A 386 -17.79 18.71 27.12
CA ALA A 386 -18.18 18.08 28.35
C ALA A 386 -19.26 17.05 28.06
N LEU A 387 -19.78 16.42 29.11
CA LEU A 387 -20.81 15.40 29.01
C LEU A 387 -22.20 15.98 28.87
N GLY A 388 -22.41 17.18 29.40
CA GLY A 388 -23.67 17.90 29.35
C GLY A 388 -24.06 18.42 30.72
N GLY A 389 -25.19 19.14 30.72
CA GLY A 389 -25.72 19.69 31.96
C GLY A 389 -26.35 18.64 32.89
N ARG A 390 -26.69 19.12 34.08
CA ARG A 390 -27.31 18.27 35.11
C ARG A 390 -28.58 17.60 34.58
N GLU A 391 -29.51 18.38 34.03
CA GLU A 391 -30.80 17.77 33.72
C GLU A 391 -30.77 16.97 32.42
N GLN A 392 -29.96 17.39 31.42
CA GLN A 392 -29.89 16.59 30.20
C GLN A 392 -29.14 15.28 30.43
N ILE A 393 -28.27 15.21 31.44
CA ILE A 393 -27.61 13.96 31.77
C ILE A 393 -28.53 13.01 32.52
N ARG A 394 -29.27 13.53 33.52
CA ARG A 394 -30.33 12.76 34.16
C ARG A 394 -31.31 12.20 33.13
N ALA A 395 -31.78 13.05 32.22
CA ALA A 395 -32.75 12.62 31.22
C ALA A 395 -32.17 11.55 30.29
N ARG A 396 -30.90 11.67 29.91
CA ARG A 396 -30.35 10.69 28.98
C ARG A 396 -30.04 9.37 29.70
N LEU A 397 -29.65 9.44 30.98
CA LEU A 397 -29.44 8.21 31.73
C LEU A 397 -30.75 7.46 31.90
N ALA A 398 -31.87 8.19 31.88
CA ALA A 398 -33.17 7.56 31.96
C ALA A 398 -33.50 6.80 30.68
N ASP A 399 -33.08 7.32 29.53
CA ASP A 399 -33.24 6.56 28.29
C ASP A 399 -32.49 5.24 28.31
N TRP A 400 -31.44 5.12 29.13
CA TRP A 400 -30.70 3.86 29.28
C TRP A 400 -31.31 2.97 30.37
N ALA A 401 -32.43 3.38 30.95
CA ALA A 401 -32.98 2.65 32.08
C ALA A 401 -33.12 1.15 31.85
N PRO A 402 -33.55 0.65 30.69
CA PRO A 402 -33.63 -0.80 30.50
C PRO A 402 -32.29 -1.53 30.63
N LEU A 403 -31.16 -0.81 30.69
CA LEU A 403 -29.86 -1.45 30.81
C LEU A 403 -29.13 -1.11 32.10
N ILE A 404 -29.47 -0.02 32.77
CA ILE A 404 -28.67 0.45 33.91
C ILE A 404 -29.57 0.83 35.09
N ASP A 405 -29.06 0.55 36.29
CA ASP A 405 -29.59 1.16 37.51
C ASP A 405 -28.70 2.34 37.90
N VAL A 406 -29.31 3.38 38.48
CA VAL A 406 -28.65 4.64 38.72
C VAL A 406 -28.96 5.13 40.13
N GLU A 407 -27.94 5.41 40.93
CA GLU A 407 -28.09 6.06 42.23
C GLU A 407 -27.56 7.48 42.16
N PHE A 408 -28.14 8.36 42.98
CA PHE A 408 -27.65 9.74 43.14
C PHE A 408 -27.23 9.96 44.59
N PRO A 409 -25.98 9.67 44.95
CA PRO A 409 -25.55 9.87 46.34
C PRO A 409 -25.42 11.36 46.69
N ASP A 410 -25.49 11.63 48.00
CA ASP A 410 -25.28 13.00 48.48
C ASP A 410 -23.89 13.51 48.10
N ASP A 411 -22.87 12.66 48.26
CA ASP A 411 -21.47 13.00 47.97
C ASP A 411 -20.87 11.87 47.12
N ALA A 412 -20.87 12.06 45.79
CA ALA A 412 -20.36 11.01 44.91
C ALA A 412 -18.87 10.75 45.13
N VAL A 413 -18.07 11.80 45.27
CA VAL A 413 -16.64 11.59 45.47
C VAL A 413 -16.41 10.78 46.74
N GLU A 414 -17.14 11.09 47.81
CA GLU A 414 -17.01 10.33 49.05
C GLU A 414 -17.42 8.88 48.86
N THR A 415 -18.55 8.66 48.17
CA THR A 415 -18.99 7.31 47.89
C THR A 415 -17.99 6.57 47.00
N ALA A 416 -17.44 7.24 45.97
CA ALA A 416 -16.51 6.57 45.07
C ALA A 416 -15.21 6.18 45.78
N ALA A 417 -14.75 7.00 46.74
CA ALA A 417 -13.56 6.64 47.49
C ALA A 417 -13.79 5.38 48.33
N GLY A 418 -14.98 5.26 48.95
CA GLY A 418 -15.27 4.05 49.70
C GLY A 418 -15.34 2.83 48.80
N LEU A 419 -15.99 2.97 47.64
CA LEU A 419 -16.00 1.88 46.67
C LEU A 419 -14.59 1.48 46.22
N LEU A 420 -13.70 2.46 46.00
CA LEU A 420 -12.36 2.10 45.60
C LEU A 420 -11.66 1.32 46.69
N ALA A 421 -11.89 1.70 47.95
CA ALA A 421 -11.26 1.04 49.08
C ALA A 421 -11.78 -0.37 49.30
N GLU A 422 -13.00 -0.67 48.84
CA GLU A 422 -13.56 -2.02 48.85
C GLU A 422 -13.19 -2.85 47.62
N GLY A 423 -12.21 -2.42 46.83
CA GLY A 423 -11.74 -3.23 45.72
C GLY A 423 -12.54 -3.14 44.44
N GLN A 424 -13.32 -2.09 44.29
CA GLN A 424 -14.10 -1.88 43.08
C GLN A 424 -13.28 -1.16 42.03
N VAL A 425 -13.46 -1.53 40.77
CA VAL A 425 -12.82 -0.88 39.64
C VAL A 425 -13.85 0.07 39.03
N LEU A 426 -13.53 1.35 39.03
CA LEU A 426 -14.47 2.39 38.67
C LEU A 426 -14.17 2.98 37.30
N GLY A 427 -15.23 3.28 36.56
CA GLY A 427 -15.16 4.24 35.48
C GLY A 427 -15.53 5.62 36.03
N TRP A 428 -14.82 6.63 35.56
CA TRP A 428 -14.85 7.97 36.15
C TRP A 428 -14.92 9.00 35.04
N ALA A 429 -16.08 9.66 34.90
CA ALA A 429 -16.32 10.55 33.77
C ALA A 429 -16.89 11.86 34.25
N TYR A 430 -16.08 12.90 34.23
CA TYR A 430 -16.49 14.22 34.70
C TYR A 430 -16.00 15.28 33.73
N GLY A 431 -16.88 16.21 33.38
CA GLY A 431 -16.44 17.45 32.73
C GLY A 431 -15.87 17.28 31.33
N ARG A 432 -14.91 18.14 31.02
CA ARG A 432 -14.34 18.24 29.67
C ARG A 432 -13.20 17.26 29.49
N SER A 433 -13.12 16.67 28.31
CA SER A 433 -12.23 15.52 28.14
C SER A 433 -10.78 15.95 27.93
N GLU A 434 -9.86 15.03 28.29
CA GLU A 434 -8.42 15.25 28.20
C GLU A 434 -7.98 15.40 26.75
N PHE A 435 -7.23 16.47 26.50
CA PHE A 435 -6.53 16.67 25.24
C PHE A 435 -5.20 15.92 25.30
N GLY A 436 -4.96 15.06 24.32
CA GLY A 436 -3.75 14.25 24.30
C GLY A 436 -4.05 12.85 24.80
N PRO A 437 -3.09 11.94 24.70
CA PRO A 437 -3.40 10.52 24.85
C PRO A 437 -3.66 10.04 26.29
N ARG A 438 -3.29 10.79 27.32
CA ARG A 438 -3.46 10.37 28.71
C ARG A 438 -4.80 10.80 29.30
N ALA A 439 -5.34 9.96 30.16
CA ALA A 439 -6.49 10.32 30.97
C ALA A 439 -6.03 10.79 32.36
N LEU A 440 -6.59 11.91 32.83
CA LEU A 440 -6.08 12.63 33.99
C LEU A 440 -7.19 12.95 34.99
N GLY A 441 -8.18 12.06 35.11
CA GLY A 441 -9.31 12.29 35.97
C GLY A 441 -10.54 12.88 35.32
N HIS A 442 -10.63 12.89 33.99
CA HIS A 442 -11.88 13.29 33.35
C HIS A 442 -12.50 12.20 32.53
N ARG A 443 -11.71 11.32 31.94
CA ARG A 443 -12.19 10.13 31.28
C ARG A 443 -11.30 9.00 31.73
N SER A 444 -11.42 8.60 32.99
CA SER A 444 -10.50 7.65 33.59
C SER A 444 -11.22 6.39 34.04
N ILE A 445 -10.42 5.34 34.21
CA ILE A 445 -10.76 4.14 34.96
C ILE A 445 -9.80 4.04 36.13
N VAL A 446 -10.33 3.87 37.34
CA VAL A 446 -9.47 3.90 38.52
C VAL A 446 -9.75 2.74 39.44
N ALA A 447 -8.74 2.40 40.22
CA ALA A 447 -8.78 1.29 41.16
C ALA A 447 -7.70 1.49 42.20
N ASP A 448 -7.82 0.77 43.29
CA ASP A 448 -6.78 0.66 44.29
C ASP A 448 -5.42 0.35 43.65
N ALA A 449 -4.41 1.18 43.94
CA ALA A 449 -3.08 0.99 43.39
C ALA A 449 -2.26 -0.03 44.17
N ARG A 450 -2.74 -0.44 45.34
CA ARG A 450 -1.94 -1.24 46.26
C ARG A 450 -1.82 -2.71 45.85
N PRO A 451 -2.90 -3.44 45.54
CA PRO A 451 -2.73 -4.88 45.27
C PRO A 451 -2.16 -5.15 43.89
N GLU A 452 -1.08 -5.94 43.84
CA GLU A 452 -0.49 -6.28 42.55
C GLU A 452 -1.46 -7.06 41.66
N GLU A 453 -2.45 -7.74 42.24
CA GLU A 453 -3.43 -8.46 41.42
C GLU A 453 -4.27 -7.52 40.56
N ASN A 454 -4.41 -6.25 40.97
CA ASN A 454 -5.18 -5.29 40.18
C ASN A 454 -4.53 -5.01 38.83
N ARG A 455 -3.19 -5.02 38.77
CA ARG A 455 -2.53 -4.95 37.47
C ARG A 455 -2.85 -6.18 36.63
N THR A 456 -2.84 -7.37 37.23
CA THR A 456 -3.05 -8.57 36.43
C THR A 456 -4.47 -8.64 35.88
N ARG A 457 -5.46 -8.25 36.69
CA ARG A 457 -6.85 -8.40 36.27
C ARG A 457 -7.31 -7.24 35.38
N ILE A 458 -6.92 -6.01 35.70
CA ILE A 458 -7.32 -4.91 34.83
C ILE A 458 -6.67 -5.05 33.44
N ASN A 459 -5.47 -5.63 33.37
CA ASN A 459 -4.90 -5.95 32.06
C ASN A 459 -5.66 -7.07 31.37
N ALA A 460 -6.08 -8.11 32.11
CA ALA A 460 -6.66 -9.28 31.46
C ALA A 460 -8.16 -9.18 31.25
N MET A 461 -8.89 -8.49 32.14
CA MET A 461 -10.35 -8.56 32.16
C MET A 461 -11.01 -7.29 31.72
N VAL A 462 -10.37 -6.14 31.97
CA VAL A 462 -10.95 -4.82 31.73
C VAL A 462 -10.42 -4.30 30.41
N LYS A 463 -9.20 -3.80 30.41
CA LYS A 463 -8.65 -3.23 29.18
C LYS A 463 -8.34 -4.30 28.16
N LYS A 464 -8.21 -5.56 28.59
CA LYS A 464 -8.03 -6.71 27.69
C LYS A 464 -6.76 -6.54 26.83
N ARG A 465 -5.62 -6.55 27.49
CA ARG A 465 -4.34 -6.27 26.84
C ARG A 465 -3.24 -7.10 27.48
N GLU A 466 -2.00 -6.85 27.03
CA GLU A 466 -0.90 -7.74 27.31
C GLU A 466 -0.51 -7.69 28.78
N GLY A 467 -0.15 -8.86 29.34
CA GLY A 467 0.20 -8.94 30.75
C GLY A 467 1.34 -8.03 31.16
N PHE A 468 2.28 -7.77 30.25
CA PHE A 468 3.46 -7.00 30.59
C PHE A 468 3.16 -5.51 30.75
N ARG A 469 1.95 -5.05 30.41
CA ARG A 469 1.68 -3.63 30.35
C ARG A 469 1.62 -3.05 31.77
N PRO A 470 2.20 -1.87 31.99
CA PRO A 470 2.18 -1.26 33.33
C PRO A 470 0.92 -0.39 33.53
N PHE A 471 0.72 0.02 34.78
CA PHE A 471 -0.34 0.97 35.09
C PHE A 471 0.25 2.17 35.81
N ALA A 472 -0.25 3.36 35.46
CA ALA A 472 0.22 4.65 35.92
C ALA A 472 -0.48 5.05 37.21
N PRO A 473 0.23 5.49 38.25
CA PRO A 473 -0.44 6.04 39.43
C PRO A 473 -0.76 7.52 39.30
N VAL A 474 -1.84 7.93 39.95
CA VAL A 474 -2.06 9.34 40.27
C VAL A 474 -1.91 9.50 41.78
N VAL A 475 -1.16 10.54 42.18
CA VAL A 475 -0.92 10.85 43.59
C VAL A 475 -1.29 12.31 43.84
N THR A 476 -1.72 12.61 45.06
CA THR A 476 -1.92 14.02 45.41
C THR A 476 -0.59 14.76 45.43
N ALA A 477 -0.65 16.05 45.10
CA ALA A 477 0.53 16.91 45.18
C ALA A 477 1.21 16.83 46.54
N GLU A 478 0.41 16.81 47.61
CA GLU A 478 0.95 16.89 48.96
C GLU A 478 1.73 15.64 49.35
N ALA A 479 1.44 14.49 48.74
CA ALA A 479 2.05 13.23 49.11
C ALA A 479 3.05 12.72 48.10
N ALA A 480 3.18 13.38 46.95
CA ALA A 480 3.98 12.84 45.86
C ALA A 480 5.38 12.43 46.34
N ARG A 481 6.09 13.35 46.99
CA ARG A 481 7.46 13.07 47.38
C ARG A 481 7.57 12.05 48.52
N ASP A 482 6.43 11.61 49.09
CA ASP A 482 6.40 10.47 50.00
C ASP A 482 6.48 9.14 49.28
N TYR A 483 6.26 9.10 47.97
CA TYR A 483 6.16 7.87 47.22
C TYR A 483 7.09 7.79 46.02
N PHE A 484 7.36 8.91 45.37
CA PHE A 484 8.12 8.91 44.13
C PHE A 484 9.36 9.78 44.28
N ASP A 485 10.40 9.42 43.55
CA ASP A 485 11.66 10.16 43.58
C ASP A 485 11.61 11.19 42.45
N LEU A 486 11.14 12.39 42.79
CA LEU A 486 11.04 13.48 41.83
C LEU A 486 12.36 14.23 41.65
N SER A 487 13.41 13.86 42.39
CA SER A 487 14.63 14.66 42.46
C SER A 487 15.28 14.86 41.09
N GLY A 488 16.15 15.84 41.03
CA GLY A 488 16.71 16.22 39.75
C GLY A 488 16.06 17.51 39.32
N ALA A 489 15.91 17.72 38.03
CA ALA A 489 15.23 18.91 37.58
C ALA A 489 13.77 18.91 38.06
N ASP A 490 13.19 20.10 38.11
CA ASP A 490 11.77 20.20 38.38
C ASP A 490 11.03 20.02 37.06
N GLY A 491 10.33 18.89 36.92
CA GLY A 491 9.48 18.71 35.73
C GLY A 491 8.01 18.83 36.03
N ASN A 492 7.16 19.02 35.02
CA ASN A 492 5.72 19.09 35.24
C ASN A 492 5.13 17.68 35.18
N HIS A 493 4.37 17.30 36.22
CA HIS A 493 3.80 15.95 36.30
C HIS A 493 2.28 15.93 36.21
N GLU A 494 1.64 17.02 35.79
CA GLU A 494 0.19 17.04 35.71
C GLU A 494 -0.34 16.18 34.56
N PHE A 495 0.52 15.75 33.63
CA PHE A 495 0.07 15.12 32.38
C PHE A 495 0.70 13.74 32.13
N MET A 496 1.32 13.15 33.18
CA MET A 496 2.05 11.88 33.10
C MET A 496 3.12 11.91 32.01
N SER A 497 3.88 13.00 31.94
CA SER A 497 4.95 13.11 30.96
C SER A 497 6.24 12.41 31.41
N PHE A 498 6.46 12.21 32.71
CA PHE A 498 7.74 11.68 33.19
C PHE A 498 7.58 10.33 33.92
N VAL A 499 8.35 9.33 33.48
CA VAL A 499 8.55 8.13 34.28
C VAL A 499 9.50 8.45 35.44
N VAL A 500 9.12 8.09 36.66
CA VAL A 500 9.95 8.38 37.84
C VAL A 500 10.13 7.13 38.68
N PRO A 501 11.25 7.00 39.40
CA PRO A 501 11.40 5.90 40.35
C PRO A 501 10.36 6.01 41.46
N VAL A 502 9.71 4.89 41.75
CA VAL A 502 8.96 4.75 42.99
C VAL A 502 9.98 4.51 44.09
N LEU A 503 9.84 5.21 45.21
CA LEU A 503 10.81 5.06 46.28
C LEU A 503 10.88 3.60 46.69
N PRO A 504 12.08 3.11 47.01
CA PRO A 504 12.23 1.66 47.30
C PRO A 504 11.36 1.18 48.45
N GLU A 505 11.17 1.98 49.48
CA GLU A 505 10.39 1.53 50.62
C GLU A 505 8.89 1.62 50.36
N ARG A 506 8.49 1.94 49.14
CA ARG A 506 7.07 2.01 48.80
C ARG A 506 6.67 1.04 47.71
N ARG A 507 7.62 0.28 47.13
CA ARG A 507 7.28 -0.53 45.98
C ARG A 507 6.29 -1.63 46.34
N THR A 508 6.46 -2.23 47.52
CA THR A 508 5.51 -3.24 47.96
C THR A 508 4.13 -2.64 48.19
N GLU A 509 4.07 -1.44 48.80
CA GLU A 509 2.78 -0.81 49.06
C GLU A 509 2.00 -0.57 47.76
N LEU A 510 2.70 -0.20 46.69
CA LEU A 510 2.09 0.14 45.41
C LEU A 510 2.34 -0.99 44.42
N GLY A 511 1.72 -2.15 44.68
CA GLY A 511 1.94 -3.31 43.84
C GLY A 511 1.46 -3.15 42.41
N ALA A 512 0.33 -2.48 42.22
CA ALA A 512 -0.25 -2.44 40.88
C ALA A 512 0.43 -1.41 39.96
N VAL A 513 1.05 -0.38 40.52
CA VAL A 513 1.48 0.75 39.72
C VAL A 513 3.01 0.88 39.72
N THR A 514 3.73 -0.11 40.23
CA THR A 514 5.18 -0.08 40.23
C THR A 514 5.66 -0.98 39.11
N HIS A 515 6.36 -0.43 38.12
CA HIS A 515 6.68 -1.26 36.98
C HIS A 515 7.80 -2.24 37.37
N VAL A 516 8.23 -3.09 36.42
CA VAL A 516 9.18 -4.15 36.76
C VAL A 516 10.52 -3.58 37.18
N ASP A 517 10.85 -2.36 36.73
CA ASP A 517 12.10 -1.69 37.07
C ASP A 517 11.94 -0.65 38.18
N GLY A 518 10.86 -0.74 38.96
CA GLY A 518 10.69 0.16 40.08
C GLY A 518 10.26 1.56 39.73
N THR A 519 9.77 1.76 38.51
CA THR A 519 9.37 3.08 38.04
C THR A 519 7.86 3.14 37.85
N ALA A 520 7.35 4.37 37.73
CA ALA A 520 5.95 4.60 37.43
C ALA A 520 5.81 5.89 36.61
N ARG A 521 4.93 5.87 35.61
CA ARG A 521 4.61 7.07 34.83
C ARG A 521 3.56 7.88 35.60
N VAL A 522 4.01 8.83 36.43
CA VAL A 522 3.19 9.33 37.54
C VAL A 522 2.39 10.55 37.14
N GLN A 523 1.18 10.70 37.70
CA GLN A 523 0.41 11.93 37.62
C GLN A 523 0.33 12.53 39.01
N VAL A 524 0.84 13.74 39.16
CA VAL A 524 0.66 14.49 40.39
C VAL A 524 -0.54 15.39 40.17
N VAL A 525 -1.59 15.19 40.95
CA VAL A 525 -2.82 15.97 40.82
C VAL A 525 -2.88 16.93 42.00
N SER A 526 -3.43 18.11 41.77
CA SER A 526 -3.52 19.14 42.78
C SER A 526 -4.89 19.78 42.69
N ALA A 527 -5.25 20.58 43.70
CA ALA A 527 -6.51 21.30 43.64
C ALA A 527 -6.58 22.24 42.43
N GLU A 528 -5.43 22.72 41.96
CA GLU A 528 -5.42 23.60 40.80
C GLU A 528 -5.42 22.82 39.47
N SER A 529 -4.85 21.61 39.43
CA SER A 529 -4.87 20.88 38.17
C SER A 529 -6.18 20.15 37.98
N GLY A 530 -6.69 19.52 39.03
CA GLY A 530 -7.99 18.88 38.98
C GLY A 530 -8.60 18.76 40.35
N GLU A 531 -9.37 19.78 40.74
CA GLU A 531 -9.91 19.86 42.08
C GLU A 531 -10.67 18.59 42.48
N ARG A 532 -11.54 18.09 41.61
CA ARG A 532 -12.38 16.97 42.00
C ARG A 532 -11.61 15.67 42.03
N PHE A 533 -10.74 15.46 41.04
CA PHE A 533 -9.89 14.26 41.04
C PHE A 533 -8.94 14.28 42.22
N HIS A 534 -8.42 15.46 42.55
CA HIS A 534 -7.56 15.59 43.72
C HIS A 534 -8.32 15.20 44.97
N ARG A 535 -9.56 15.67 45.10
CA ARG A 535 -10.40 15.33 46.24
C ARG A 535 -10.63 13.83 46.33
N LEU A 536 -10.89 13.16 45.19
CA LEU A 536 -11.02 11.71 45.19
C LEU A 536 -9.77 11.04 45.74
N VAL A 537 -8.60 11.44 45.25
CA VAL A 537 -7.36 10.78 45.65
C VAL A 537 -7.05 11.09 47.11
N ARG A 538 -7.33 12.31 47.56
CA ARG A 538 -7.02 12.67 48.94
C ARG A 538 -7.89 11.88 49.90
N ARG A 539 -9.17 11.72 49.57
CA ARG A 539 -10.10 11.03 50.47
C ARG A 539 -9.82 9.54 50.52
N PHE A 540 -9.52 8.93 49.36
CA PHE A 540 -9.06 7.54 49.33
C PHE A 540 -7.88 7.32 50.29
N GLY A 541 -6.95 8.28 50.34
CA GLY A 541 -5.79 8.13 51.20
C GLY A 541 -6.14 8.28 52.66
N GLU A 542 -7.14 9.13 52.98
CA GLU A 542 -7.62 9.24 54.35
C GLU A 542 -8.29 7.94 54.80
N LEU A 543 -8.96 7.26 53.88
CA LEU A 543 -9.60 6.00 54.23
C LEU A 543 -8.61 4.84 54.31
N THR A 544 -7.52 4.89 53.56
CA THR A 544 -6.72 3.69 53.41
C THR A 544 -5.29 3.84 53.92
N GLY A 545 -4.77 5.07 53.98
CA GLY A 545 -3.37 5.31 54.21
C GLY A 545 -2.53 5.49 52.96
N THR A 546 -3.14 5.47 51.77
CA THR A 546 -2.36 5.50 50.54
C THR A 546 -3.04 6.41 49.53
N PRO A 547 -2.67 7.69 49.51
CA PRO A 547 -3.30 8.61 48.53
C PRO A 547 -2.74 8.40 47.12
N VAL A 548 -2.89 7.17 46.62
CA VAL A 548 -2.41 6.82 45.29
C VAL A 548 -3.48 5.94 44.64
N LEU A 549 -3.79 6.21 43.38
CA LEU A 549 -4.73 5.40 42.65
C LEU A 549 -4.16 4.94 41.31
N LEU A 550 -4.53 3.74 40.90
CA LEU A 550 -4.32 3.32 39.53
C LEU A 550 -5.22 4.13 38.61
N ASN A 551 -4.68 4.64 37.51
CA ASN A 551 -5.45 5.54 36.64
C ASN A 551 -5.12 5.20 35.19
N THR A 552 -6.01 4.47 34.54
CA THR A 552 -5.83 4.12 33.14
C THR A 552 -6.94 4.77 32.33
N SER A 553 -6.73 4.85 31.02
CA SER A 553 -7.68 5.60 30.20
C SER A 553 -8.99 4.83 30.02
N PHE A 554 -10.09 5.57 29.97
CA PHE A 554 -11.44 5.00 29.93
C PHE A 554 -11.79 4.71 28.48
N ASN A 555 -11.41 3.52 28.02
CA ASN A 555 -11.69 3.03 26.68
C ASN A 555 -11.33 1.55 26.62
N ASN A 556 -12.10 0.77 25.86
CA ASN A 556 -11.69 -0.61 25.64
C ASN A 556 -10.74 -0.66 24.45
N ASN A 557 -10.25 -1.84 24.11
CA ASN A 557 -9.16 -1.85 23.14
C ASN A 557 -9.64 -1.62 21.70
N ALA A 558 -10.90 -1.21 21.53
CA ALA A 558 -11.49 -1.05 20.21
C ALA A 558 -11.81 0.39 19.85
N GLU A 559 -11.33 1.37 20.63
CA GLU A 559 -11.90 2.70 20.55
C GLU A 559 -10.94 3.68 21.20
N PRO A 560 -10.99 4.94 20.81
CA PRO A 560 -10.27 5.97 21.58
C PRO A 560 -11.00 6.26 22.89
N ILE A 561 -10.36 7.08 23.72
CA ILE A 561 -10.92 7.57 24.96
C ILE A 561 -12.37 7.96 24.77
N VAL A 562 -13.26 7.54 25.68
CA VAL A 562 -14.67 7.87 25.54
C VAL A 562 -14.85 9.37 25.69
N GLN A 563 -15.71 9.92 24.81
CA GLN A 563 -16.02 11.34 24.79
C GLN A 563 -17.38 11.64 25.43
N SER A 564 -18.48 11.25 24.79
CA SER A 564 -19.83 11.66 25.14
C SER A 564 -20.43 10.73 26.19
N LEU A 565 -21.57 11.18 26.77
CA LEU A 565 -22.22 10.37 27.79
C LEU A 565 -22.59 9.01 27.22
N ASP A 566 -23.13 8.97 26.01
CA ASP A 566 -23.42 7.69 25.36
C ASP A 566 -22.15 6.86 25.22
N ASP A 567 -21.02 7.49 24.85
CA ASP A 567 -19.75 6.77 24.80
C ASP A 567 -19.40 6.16 26.15
N VAL A 568 -19.48 6.98 27.19
CA VAL A 568 -19.18 6.52 28.54
C VAL A 568 -20.04 5.32 28.90
N VAL A 569 -21.36 5.46 28.78
CA VAL A 569 -22.23 4.35 29.14
C VAL A 569 -21.95 3.13 28.28
N THR A 570 -21.88 3.31 26.95
CA THR A 570 -21.54 2.17 26.08
C THR A 570 -20.28 1.44 26.55
N SER A 571 -19.20 2.18 26.77
CA SER A 571 -17.96 1.56 27.18
C SER A 571 -18.13 0.88 28.53
N PHE A 572 -18.89 1.49 29.43
CA PHE A 572 -19.09 0.87 30.73
C PHE A 572 -19.82 -0.47 30.60
N LEU A 573 -20.89 -0.52 29.83
CA LEU A 573 -21.61 -1.78 29.66
C LEU A 573 -20.82 -2.86 28.91
N THR A 574 -19.81 -2.50 28.11
CA THR A 574 -19.12 -3.48 27.27
C THR A 574 -17.70 -3.76 27.74
N THR A 575 -17.29 -3.21 28.87
CA THR A 575 -16.10 -3.68 29.56
C THR A 575 -16.54 -4.17 30.94
N ASP A 576 -15.66 -4.90 31.62
CA ASP A 576 -16.02 -5.44 32.93
C ASP A 576 -15.59 -4.48 34.03
N LEU A 577 -16.31 -3.37 34.11
CA LEU A 577 -16.12 -2.39 35.19
C LEU A 577 -17.20 -2.60 36.24
N ASP A 578 -16.85 -2.37 37.49
CA ASP A 578 -17.81 -2.62 38.56
C ASP A 578 -18.91 -1.56 38.61
N VAL A 579 -18.51 -0.30 38.69
CA VAL A 579 -19.39 0.85 38.89
C VAL A 579 -18.90 1.96 37.97
N LEU A 580 -19.83 2.76 37.46
CA LEU A 580 -19.52 3.96 36.70
C LEU A 580 -19.91 5.18 37.52
N VAL A 581 -18.96 6.08 37.77
CA VAL A 581 -19.29 7.37 38.36
C VAL A 581 -19.22 8.42 37.24
N VAL A 582 -20.37 8.93 36.81
CA VAL A 582 -20.41 9.96 35.77
C VAL A 582 -21.24 11.14 36.28
N GLU A 583 -20.62 12.31 36.38
CA GLU A 583 -21.24 13.54 36.84
C GLU A 583 -22.16 13.34 38.05
N ASP A 584 -21.62 12.69 39.09
CA ASP A 584 -22.24 12.51 40.41
C ASP A 584 -23.33 11.44 40.41
N CYS A 585 -23.54 10.74 39.31
CA CYS A 585 -24.47 9.62 39.25
C CYS A 585 -23.69 8.31 39.35
N LEU A 586 -24.20 7.40 40.17
CA LEU A 586 -23.68 6.04 40.30
C LEU A 586 -24.44 5.13 39.36
N VAL A 587 -23.73 4.51 38.42
CA VAL A 587 -24.35 3.71 37.37
C VAL A 587 -23.87 2.27 37.49
N ARG A 588 -24.81 1.33 37.50
CA ARG A 588 -24.48 -0.08 37.46
C ARG A 588 -25.31 -0.77 36.38
N GLY A 589 -24.79 -1.89 35.90
CA GLY A 589 -25.51 -2.69 34.92
C GLY A 589 -26.62 -3.51 35.57
N LYS A 590 -27.77 -3.54 34.90
CA LYS A 590 -28.89 -4.39 35.31
C LYS A 590 -28.50 -5.86 35.22
N ALA A 591 -29.15 -6.68 36.06
CA ALA A 591 -28.93 -8.12 36.01
C ALA A 591 -29.24 -8.65 34.61
N SER A 592 -30.42 -8.31 34.09
CA SER A 592 -30.84 -8.71 32.74
C SER A 592 -31.03 -7.43 31.93
N PRO A 593 -29.97 -6.94 31.27
CA PRO A 593 -30.13 -5.77 30.40
C PRO A 593 -30.93 -6.12 29.16
N ASP A 594 -31.82 -5.21 28.75
CA ASP A 594 -32.66 -5.37 27.55
C ASP A 594 -32.01 -4.66 26.35
N LEU A 595 -31.21 -5.39 25.56
CA LEU A 595 -30.62 -4.82 24.35
C LEU A 595 -31.65 -4.47 23.28
N GLY A 596 -32.83 -5.09 23.31
CA GLY A 596 -33.84 -4.84 22.30
C GLY A 596 -34.28 -3.40 22.21
N VAL A 597 -34.15 -2.63 23.29
CA VAL A 597 -34.60 -1.23 23.21
C VAL A 597 -33.60 -0.31 22.54
N LEU A 598 -32.40 -0.80 22.21
CA LEU A 598 -31.34 0.03 21.63
C LEU A 598 -31.51 0.15 20.13
N VAL A 599 -31.23 1.34 19.61
CA VAL A 599 -31.40 1.64 18.19
C VAL A 599 -30.05 1.44 17.50
N PRO A 600 -29.91 0.42 16.65
CA PRO A 600 -28.67 0.29 15.87
C PRO A 600 -28.58 1.37 14.80
N ARG A 601 -27.38 1.93 14.65
CA ARG A 601 -27.12 2.83 13.53
C ARG A 601 -25.71 2.55 13.00
N PHE A 602 -25.57 2.55 11.68
CA PHE A 602 -24.26 2.45 11.05
C PHE A 602 -23.38 3.65 11.39
N ARG A 603 -22.09 3.39 11.59
CA ARG A 603 -21.08 4.43 11.53
C ARG A 603 -20.85 4.79 10.06
N PRO A 604 -20.34 5.99 9.77
CA PRO A 604 -20.12 6.34 8.35
C PRO A 604 -19.16 5.40 7.66
N VAL A 605 -18.34 4.67 8.42
CA VAL A 605 -17.38 3.74 7.84
C VAL A 605 -17.86 2.29 7.88
N THR A 606 -19.02 2.01 8.48
CA THR A 606 -19.53 0.64 8.56
C THR A 606 -19.91 0.10 7.17
N ARG A 607 -19.60 -1.18 6.93
CA ARG A 607 -19.81 -1.85 5.65
C ARG A 607 -20.28 -3.27 5.90
N LEU A 608 -21.32 -3.68 5.18
CA LEU A 608 -21.82 -5.06 5.20
C LEU A 608 -21.50 -5.72 3.87
N VAL A 609 -21.15 -7.02 3.93
CA VAL A 609 -20.59 -7.72 2.78
C VAL A 609 -21.04 -9.18 2.82
N GLU A 610 -21.64 -9.65 1.74
CA GLU A 610 -21.84 -11.07 1.45
C GLU A 610 -20.89 -11.44 0.30
N ARG A 611 -20.02 -12.42 0.52
CA ARG A 611 -18.92 -12.66 -0.40
C ARG A 611 -18.83 -14.14 -0.78
N ARG A 612 -18.54 -14.42 -2.05
CA ARG A 612 -18.17 -15.76 -2.52
C ARG A 612 -16.81 -15.71 -3.22
N THR A 613 -15.90 -16.59 -2.83
CA THR A 613 -14.65 -16.77 -3.56
C THR A 613 -14.79 -17.96 -4.51
N ALA A 614 -13.69 -18.37 -5.13
CA ALA A 614 -13.74 -19.59 -5.90
C ALA A 614 -13.82 -20.78 -4.94
N GLY A 615 -14.41 -21.87 -5.42
CA GLY A 615 -14.49 -23.07 -4.64
C GLY A 615 -13.94 -24.25 -5.43
N PRO A 616 -14.08 -25.46 -4.90
CA PRO A 616 -13.51 -26.62 -5.58
C PRO A 616 -14.09 -26.80 -6.99
N ASP A 617 -13.21 -27.12 -7.94
CA ASP A 617 -13.58 -27.39 -9.33
C ASP A 617 -14.09 -26.12 -10.04
N ALA A 618 -13.51 -24.97 -9.67
CA ALA A 618 -13.83 -23.66 -10.24
C ALA A 618 -15.30 -23.26 -10.02
N SER A 619 -15.89 -23.73 -8.93
CA SER A 619 -17.25 -23.33 -8.57
C SER A 619 -17.25 -22.01 -7.80
N ALA A 620 -18.44 -21.41 -7.67
CA ALA A 620 -18.62 -20.37 -6.67
C ALA A 620 -18.52 -21.00 -5.29
N GLY A 621 -17.66 -20.45 -4.45
CA GLY A 621 -17.58 -20.89 -3.08
C GLY A 621 -18.87 -20.61 -2.32
N ALA A 622 -18.91 -21.11 -1.08
CA ALA A 622 -20.03 -20.86 -0.19
C ALA A 622 -20.00 -19.43 0.33
N LYS A 623 -21.20 -18.88 0.54
CA LYS A 623 -21.35 -17.54 1.08
C LYS A 623 -20.71 -17.39 2.45
N THR A 624 -20.13 -16.21 2.68
CA THR A 624 -19.81 -15.73 4.02
C THR A 624 -20.31 -14.31 4.13
N HIS A 625 -20.39 -13.83 5.37
CA HIS A 625 -20.98 -12.53 5.70
C HIS A 625 -20.05 -11.81 6.65
N GLU A 626 -19.72 -10.56 6.34
CA GLU A 626 -18.75 -9.79 7.08
C GLU A 626 -19.30 -8.41 7.36
N ILE A 627 -19.05 -7.91 8.54
CA ILE A 627 -19.12 -6.48 8.82
C ILE A 627 -17.68 -5.98 8.89
N HIS A 628 -17.42 -4.85 8.27
CA HIS A 628 -16.07 -4.28 8.38
C HIS A 628 -16.17 -2.75 8.46
N LEU A 629 -15.11 -2.13 8.98
CA LEU A 629 -14.99 -0.67 8.96
C LEU A 629 -14.06 -0.26 7.82
N ASP A 630 -14.47 0.78 7.08
CA ASP A 630 -13.84 1.12 5.79
C ASP A 630 -12.80 2.23 6.01
N TYR A 631 -11.64 1.83 6.51
CA TYR A 631 -10.51 2.71 6.66
C TYR A 631 -9.28 1.84 6.87
N ASP A 632 -8.12 2.39 6.54
CA ASP A 632 -6.89 1.61 6.53
C ASP A 632 -6.54 1.08 7.91
N GLY A 633 -6.45 -0.24 8.04
CA GLY A 633 -6.28 -0.86 9.32
C GLY A 633 -7.57 -1.09 10.09
N GLY A 634 -8.72 -0.93 9.44
CA GLY A 634 -10.01 -1.14 10.06
C GLY A 634 -10.30 -2.61 10.33
N PRO A 635 -11.02 -2.90 11.41
CA PRO A 635 -11.31 -4.29 11.77
C PRO A 635 -12.43 -4.86 10.90
N SER A 636 -12.56 -6.19 10.98
CA SER A 636 -13.71 -6.87 10.38
C SER A 636 -14.06 -8.10 11.19
N ALA A 637 -15.23 -8.65 10.91
CA ALA A 637 -15.79 -9.74 11.70
C ALA A 637 -16.79 -10.53 10.86
N LYS A 638 -16.81 -11.85 11.04
CA LYS A 638 -17.82 -12.67 10.41
C LYS A 638 -19.15 -12.52 11.16
N VAL A 639 -20.25 -12.52 10.42
CA VAL A 639 -21.57 -12.48 11.02
C VAL A 639 -22.39 -13.60 10.43
N SER A 640 -23.42 -14.01 11.16
CA SER A 640 -24.31 -15.08 10.74
C SER A 640 -25.24 -14.59 9.62
N PRO A 641 -25.78 -15.51 8.83
CA PRO A 641 -26.83 -15.12 7.86
C PRO A 641 -27.98 -14.36 8.51
N GLU A 642 -28.43 -14.77 9.70
CA GLU A 642 -29.54 -14.11 10.36
C GLU A 642 -29.20 -12.68 10.72
N LEU A 643 -28.04 -12.48 11.36
CA LEU A 643 -27.62 -11.12 11.69
C LEU A 643 -27.36 -10.30 10.44
N TYR A 644 -26.82 -10.93 9.38
CA TYR A 644 -26.57 -10.17 8.16
C TYR A 644 -27.87 -9.61 7.60
N GLU A 645 -28.96 -10.37 7.67
CA GLU A 645 -30.24 -9.86 7.23
C GLU A 645 -30.78 -8.79 8.19
N LEU A 646 -30.55 -8.94 9.49
CA LEU A 646 -31.04 -7.95 10.43
C LEU A 646 -30.37 -6.59 10.19
N LEU A 647 -29.04 -6.58 10.11
CA LEU A 647 -28.31 -5.32 9.89
C LEU A 647 -28.63 -4.69 8.54
N GLY A 648 -29.09 -5.48 7.57
CA GLY A 648 -29.48 -4.90 6.30
C GLY A 648 -30.68 -3.99 6.41
N ALA A 649 -31.53 -4.19 7.41
CA ALA A 649 -32.77 -3.45 7.60
C ALA A 649 -32.59 -2.24 8.50
N VAL A 650 -31.36 -1.94 8.91
CA VAL A 650 -31.12 -0.85 9.84
C VAL A 650 -31.51 0.45 9.18
N ASP A 651 -32.26 1.26 9.91
CA ASP A 651 -32.72 2.55 9.40
C ASP A 651 -32.39 3.70 10.33
N GLY A 652 -31.70 3.44 11.44
CA GLY A 652 -31.30 4.48 12.36
C GLY A 652 -32.37 4.91 13.34
N THR A 653 -33.59 4.42 13.20
CA THR A 653 -34.67 4.82 14.11
C THR A 653 -35.34 3.63 14.78
N THR A 654 -35.49 2.52 14.07
CA THR A 654 -36.12 1.32 14.62
C THR A 654 -35.21 0.68 15.67
N THR A 655 -35.81 0.15 16.73
CA THR A 655 -35.02 -0.53 17.73
C THR A 655 -34.59 -1.90 17.25
N LEU A 656 -33.55 -2.41 17.91
CA LEU A 656 -33.02 -3.74 17.61
C LEU A 656 -34.05 -4.82 17.83
N GLY A 657 -34.96 -4.60 18.80
CA GLY A 657 -36.00 -5.58 19.05
C GLY A 657 -37.00 -5.67 17.92
N ASP A 658 -37.40 -4.52 17.38
CA ASP A 658 -38.32 -4.52 16.25
C ASP A 658 -37.61 -5.01 14.98
N LEU A 659 -36.35 -4.64 14.81
CA LEU A 659 -35.59 -5.11 13.67
C LEU A 659 -35.48 -6.62 13.66
N ALA A 660 -35.38 -7.23 14.84
CA ALA A 660 -35.17 -8.68 14.92
C ALA A 660 -36.42 -9.46 14.56
N LYS A 661 -37.60 -8.83 14.67
CA LYS A 661 -38.86 -9.47 14.27
C LYS A 661 -38.77 -10.11 12.87
N THR A 662 -38.17 -9.40 11.91
CA THR A 662 -38.07 -9.84 10.53
C THR A 662 -37.10 -11.01 10.31
N VAL A 663 -36.39 -11.46 11.34
CA VAL A 663 -35.69 -12.74 11.31
C VAL A 663 -36.16 -13.64 12.44
N GLY A 664 -37.37 -13.37 12.94
CA GLY A 664 -37.96 -14.23 13.94
C GLY A 664 -37.56 -13.93 15.36
N GLY A 665 -37.38 -12.66 15.68
CA GLY A 665 -37.26 -12.26 17.08
C GLY A 665 -35.83 -12.27 17.59
N LEU A 666 -35.57 -11.35 18.51
CA LEU A 666 -34.26 -11.19 19.12
C LEU A 666 -33.96 -12.42 19.99
N SER A 667 -33.55 -13.50 19.35
CA SER A 667 -33.18 -14.67 20.12
C SER A 667 -31.95 -14.35 20.96
N ASP A 668 -31.66 -15.24 21.92
CA ASP A 668 -30.46 -15.08 22.74
C ASP A 668 -29.19 -15.18 21.90
N ALA A 669 -29.20 -16.02 20.85
CA ALA A 669 -28.02 -16.12 19.99
C ALA A 669 -27.75 -14.80 19.29
N LEU A 670 -28.80 -14.09 18.87
CA LEU A 670 -28.60 -12.83 18.17
C LEU A 670 -28.15 -11.73 19.13
N ALA A 671 -28.84 -11.57 20.25
CA ALA A 671 -28.40 -10.60 21.25
C ALA A 671 -26.91 -10.79 21.57
N THR A 672 -26.51 -12.03 21.90
CA THR A 672 -25.10 -12.31 22.16
C THR A 672 -24.21 -11.92 20.99
N GLU A 673 -24.65 -12.18 19.76
CA GLU A 673 -23.80 -11.89 18.63
C GLU A 673 -23.69 -10.39 18.41
N VAL A 674 -24.83 -9.69 18.55
CA VAL A 674 -24.85 -8.24 18.45
C VAL A 674 -24.02 -7.62 19.55
N PHE A 675 -24.09 -8.19 20.75
CA PHE A 675 -23.32 -7.64 21.85
C PHE A 675 -21.83 -7.64 21.49
N ALA A 676 -21.36 -8.69 20.82
CA ALA A 676 -19.94 -8.76 20.51
C ALA A 676 -19.59 -7.81 19.37
N LEU A 677 -20.50 -7.61 18.42
CA LEU A 677 -20.25 -6.56 17.43
C LEU A 677 -20.18 -5.19 18.09
N TRP A 678 -21.05 -4.96 19.07
CA TRP A 678 -21.09 -3.67 19.74
C TRP A 678 -19.79 -3.42 20.48
N GLU A 679 -19.26 -4.45 21.12
CA GLU A 679 -18.06 -4.31 21.92
C GLU A 679 -16.87 -3.93 21.06
N GLN A 680 -16.82 -4.43 19.83
CA GLN A 680 -15.82 -4.04 18.86
C GLN A 680 -16.16 -2.77 18.09
N ARG A 681 -17.35 -2.18 18.32
CA ARG A 681 -17.72 -0.86 17.82
C ARG A 681 -18.01 -0.85 16.31
N PHE A 682 -18.48 -1.95 15.76
CA PHE A 682 -18.77 -1.97 14.32
C PHE A 682 -19.98 -1.13 13.97
N LEU A 683 -20.81 -0.79 14.96
CA LEU A 683 -21.98 0.05 14.75
C LEU A 683 -22.32 0.68 16.09
N THR A 684 -23.12 1.72 16.04
CA THR A 684 -23.55 2.42 17.24
C THR A 684 -24.81 1.74 17.78
N LEU A 685 -24.81 1.40 19.06
CA LEU A 685 -26.01 0.93 19.75
C LEU A 685 -26.26 1.84 20.93
N ALA A 686 -27.39 2.52 20.92
CA ALA A 686 -27.72 3.45 22.00
C ALA A 686 -29.21 3.69 21.96
N PRO A 687 -29.81 4.11 23.08
CA PRO A 687 -31.26 4.35 23.13
C PRO A 687 -31.70 5.34 22.06
N ALA A 688 -32.99 5.29 21.76
CA ALA A 688 -33.54 6.21 20.77
C ALA A 688 -33.29 7.65 21.20
N GLY A 689 -32.97 8.50 20.22
CA GLY A 689 -32.67 9.89 20.50
C GLY A 689 -31.22 10.11 20.90
N ASP A 690 -31.00 11.26 21.53
CA ASP A 690 -29.66 11.61 21.98
C ASP A 690 -29.80 12.65 23.08
N ILE A 691 -28.65 13.16 23.55
CA ILE A 691 -28.62 14.05 24.70
C ILE A 691 -28.96 15.49 24.33
N GLY A 692 -28.83 15.86 23.06
CA GLY A 692 -29.08 17.22 22.62
C GLY A 692 -27.84 18.07 22.68
N PRO A 693 -27.94 19.33 22.24
CA PRO A 693 -26.82 20.27 22.41
C PRO A 693 -26.46 20.42 23.88
N LEU A 694 -25.18 20.74 24.12
CA LEU A 694 -24.68 20.77 25.48
C LEU A 694 -24.75 22.19 26.08
N MET B 21 21.94 -32.87 -18.11
CA MET B 21 21.92 -31.62 -17.36
C MET B 21 20.67 -30.74 -17.66
N LEU B 22 19.66 -30.89 -16.79
CA LEU B 22 18.32 -30.32 -16.97
C LEU B 22 18.02 -29.33 -15.85
N VAL B 23 17.94 -28.04 -16.18
CA VAL B 23 17.91 -26.97 -15.18
C VAL B 23 16.65 -26.13 -15.34
N LEU B 24 15.94 -25.92 -14.23
CA LEU B 24 14.76 -25.07 -14.18
C LEU B 24 15.12 -23.65 -13.74
N GLY B 25 14.64 -22.65 -14.47
CA GLY B 25 14.81 -21.25 -14.10
C GLY B 25 13.50 -20.66 -13.60
N LEU B 26 13.55 -20.01 -12.44
CA LEU B 26 12.37 -19.43 -11.80
C LEU B 26 12.54 -17.93 -11.57
N ASN B 27 11.46 -17.19 -11.69
CA ASN B 27 11.38 -15.79 -11.29
C ASN B 27 9.94 -15.48 -10.87
N GLY B 28 9.78 -14.53 -9.95
CA GLY B 28 8.48 -14.11 -9.46
C GLY B 28 8.31 -14.33 -7.96
N ASN B 29 7.11 -14.00 -7.48
CA ASN B 29 6.83 -14.13 -6.06
C ASN B 29 6.28 -15.53 -5.79
N PHE B 30 5.66 -15.74 -4.62
CA PHE B 30 5.36 -17.10 -4.16
C PHE B 30 3.90 -17.29 -3.82
N SER B 31 3.05 -16.35 -4.26
CA SER B 31 1.62 -16.46 -4.02
C SER B 31 1.00 -17.65 -4.74
N ALA B 32 0.02 -18.27 -4.10
CA ALA B 32 -0.77 -19.33 -4.72
C ALA B 32 -1.73 -18.73 -5.74
N ALA B 33 -2.59 -19.59 -6.29
CA ALA B 33 -3.52 -19.14 -7.32
C ALA B 33 -4.54 -18.15 -6.76
N ASP B 34 -5.11 -18.45 -5.58
CA ASP B 34 -6.30 -17.78 -5.09
C ASP B 34 -6.02 -16.71 -4.03
N THR B 35 -4.79 -16.58 -3.52
CA THR B 35 -4.41 -15.56 -2.54
C THR B 35 -2.98 -15.10 -2.79
N ASP B 36 -2.59 -14.03 -2.10
CA ASP B 36 -1.22 -13.52 -2.18
C ASP B 36 -0.49 -13.74 -0.85
N VAL B 37 0.86 -13.70 -0.90
CA VAL B 37 1.66 -14.00 0.30
C VAL B 37 1.28 -13.06 1.43
N VAL B 38 1.01 -11.81 1.11
CA VAL B 38 0.33 -10.88 2.00
C VAL B 38 -0.84 -10.31 1.23
N PRO B 39 -1.89 -9.84 1.91
CA PRO B 39 -3.10 -9.42 1.20
C PRO B 39 -2.83 -8.25 0.28
N GLN B 40 -3.36 -8.36 -0.94
CA GLN B 40 -3.30 -7.32 -1.95
C GLN B 40 -1.86 -6.88 -2.25
N LEU B 41 -0.92 -7.84 -2.12
CA LEU B 41 0.47 -7.74 -2.54
C LEU B 41 0.67 -6.85 -3.76
N GLY B 42 1.55 -5.86 -3.63
CA GLY B 42 1.74 -4.90 -4.71
C GLY B 42 2.18 -5.58 -5.99
N GLU B 43 1.62 -5.11 -7.11
CA GLU B 43 1.86 -5.68 -8.44
C GLU B 43 3.32 -5.60 -8.88
N VAL B 44 4.15 -4.82 -8.19
CA VAL B 44 5.55 -4.62 -8.55
C VAL B 44 6.49 -5.52 -7.76
N PHE B 45 5.97 -6.26 -6.77
CA PHE B 45 6.79 -7.09 -5.90
C PHE B 45 7.05 -8.43 -6.57
N PHE B 46 8.07 -8.45 -7.44
CA PHE B 46 8.53 -9.64 -8.13
C PHE B 46 7.50 -10.13 -9.13
N HIS B 47 7.38 -9.35 -10.18
CA HIS B 47 6.42 -9.46 -11.25
C HIS B 47 6.96 -10.30 -12.40
N ASP B 48 6.07 -10.57 -13.37
CA ASP B 48 6.37 -11.30 -14.61
C ASP B 48 6.89 -12.70 -14.33
N SER B 49 6.29 -13.36 -13.32
CA SER B 49 6.56 -14.76 -13.02
C SER B 49 6.67 -15.59 -14.29
N ALA B 50 7.63 -16.50 -14.30
CA ALA B 50 7.81 -17.37 -15.46
C ALA B 50 8.67 -18.55 -15.05
N ALA B 51 8.63 -19.59 -15.88
CA ALA B 51 9.52 -20.72 -15.70
C ALA B 51 10.21 -21.01 -17.03
N SER B 52 11.40 -21.61 -16.94
CA SER B 52 12.24 -21.89 -18.10
C SER B 52 13.00 -23.18 -17.89
N LEU B 53 13.16 -23.95 -18.96
CA LEU B 53 13.89 -25.20 -18.91
C LEU B 53 15.05 -25.15 -19.88
N ILE B 54 16.21 -25.57 -19.40
N ILE B 54 16.25 -25.50 -19.41
CA ILE B 54 17.42 -25.74 -20.20
CA ILE B 54 17.38 -25.71 -20.30
C ILE B 54 17.83 -27.21 -20.13
C ILE B 54 17.83 -27.17 -20.15
N ARG B 55 18.09 -27.81 -21.29
CA ARG B 55 18.69 -29.14 -21.35
C ARG B 55 20.01 -29.01 -22.08
N ASP B 56 21.08 -29.43 -21.40
CA ASP B 56 22.45 -29.38 -21.91
C ASP B 56 22.68 -28.16 -22.79
N GLY B 57 22.40 -26.96 -22.26
CA GLY B 57 22.74 -25.70 -22.87
C GLY B 57 21.63 -25.01 -23.64
N GLU B 58 20.57 -25.72 -24.01
CA GLU B 58 19.58 -25.18 -24.92
C GLU B 58 18.29 -24.85 -24.19
N LEU B 59 17.70 -23.72 -24.57
CA LEU B 59 16.42 -23.31 -24.00
C LEU B 59 15.35 -24.17 -24.64
N VAL B 60 14.85 -25.14 -23.87
CA VAL B 60 13.88 -26.07 -24.39
C VAL B 60 12.46 -25.51 -24.31
N ALA B 61 12.16 -24.73 -23.27
CA ALA B 61 10.80 -24.28 -23.03
C ALA B 61 10.84 -23.08 -22.09
N ALA B 62 9.89 -22.19 -22.29
CA ALA B 62 9.76 -21.00 -21.46
C ALA B 62 8.37 -20.44 -21.69
N VAL B 63 7.65 -20.21 -20.61
CA VAL B 63 6.36 -19.54 -20.68
C VAL B 63 6.23 -18.64 -19.45
N GLU B 64 5.74 -17.43 -19.64
CA GLU B 64 5.36 -16.61 -18.50
C GLU B 64 4.05 -17.10 -17.88
N GLU B 65 3.99 -17.04 -16.53
CA GLU B 65 2.79 -17.48 -15.80
C GLU B 65 1.56 -16.66 -16.17
N GLU B 66 1.76 -15.41 -16.61
CA GLU B 66 0.63 -14.59 -17.05
C GLU B 66 -0.18 -15.28 -18.15
N ARG B 67 0.49 -15.97 -19.07
CA ARG B 67 -0.24 -16.65 -20.15
C ARG B 67 -1.20 -17.71 -19.61
N LEU B 68 -0.87 -18.32 -18.47
CA LEU B 68 -1.66 -19.45 -17.97
C LEU B 68 -2.64 -19.06 -16.89
N ASN B 69 -2.33 -18.12 -16.00
CA ASN B 69 -3.33 -17.70 -15.02
C ASN B 69 -4.07 -16.46 -15.46
N ARG B 70 -3.71 -15.89 -16.63
CA ARG B 70 -4.47 -14.85 -17.31
C ARG B 70 -4.41 -13.50 -16.61
N ILE B 71 -3.38 -13.27 -15.79
CA ILE B 71 -3.18 -12.02 -15.06
C ILE B 71 -1.94 -11.35 -15.62
N LYS B 72 -2.10 -10.29 -16.40
CA LYS B 72 -0.97 -9.52 -16.95
C LYS B 72 0.14 -9.28 -15.92
N LYS B 73 1.35 -9.72 -16.26
CA LYS B 73 2.55 -9.46 -15.48
C LYS B 73 2.44 -9.99 -14.05
N THR B 74 1.67 -11.07 -13.87
CA THR B 74 1.39 -11.61 -12.54
C THR B 74 2.63 -11.76 -11.66
N THR B 75 2.44 -11.54 -10.37
CA THR B 75 3.48 -11.77 -9.39
C THR B 75 3.40 -13.16 -8.79
N LYS B 76 2.43 -13.98 -9.20
CA LYS B 76 2.10 -15.21 -8.50
C LYS B 76 3.13 -16.29 -8.81
N PHE B 77 3.24 -17.28 -7.92
CA PHE B 77 4.23 -18.32 -8.15
C PHE B 77 3.94 -19.02 -9.47
N PRO B 78 4.94 -19.29 -10.30
CA PRO B 78 4.68 -19.83 -11.65
C PRO B 78 4.58 -21.35 -11.66
N LEU B 79 3.67 -21.88 -10.83
CA LEU B 79 3.53 -23.32 -10.75
C LEU B 79 3.06 -23.92 -12.08
N ASN B 80 2.07 -23.30 -12.73
CA ASN B 80 1.61 -23.82 -14.01
C ASN B 80 2.70 -23.75 -15.04
N ALA B 81 3.41 -22.62 -15.10
CA ALA B 81 4.51 -22.49 -16.05
C ALA B 81 5.49 -23.64 -15.89
N VAL B 82 5.81 -23.99 -14.65
CA VAL B 82 6.73 -25.10 -14.41
C VAL B 82 6.13 -26.41 -14.93
N ARG B 83 4.85 -26.64 -14.66
CA ARG B 83 4.21 -27.84 -15.15
C ARG B 83 4.21 -27.87 -16.69
N GLU B 84 3.98 -26.72 -17.33
CA GLU B 84 3.98 -26.70 -18.80
C GLU B 84 5.36 -27.01 -19.35
N CYS B 85 6.40 -26.47 -18.72
CA CYS B 85 7.77 -26.66 -19.19
C CYS B 85 8.22 -28.10 -19.04
N LEU B 86 7.94 -28.72 -17.90
CA LEU B 86 8.32 -30.12 -17.72
C LEU B 86 7.69 -30.99 -18.80
N ALA B 87 6.41 -30.78 -19.09
CA ALA B 87 5.71 -31.57 -20.10
C ALA B 87 6.25 -31.34 -21.51
N LEU B 88 6.72 -30.13 -21.81
CA LEU B 88 7.30 -29.88 -23.12
C LEU B 88 8.67 -30.54 -23.28
N ALA B 89 9.33 -30.88 -22.19
CA ALA B 89 10.63 -31.53 -22.22
C ALA B 89 10.52 -33.03 -21.94
N GLY B 90 9.32 -33.53 -21.67
CA GLY B 90 9.13 -34.94 -21.35
C GLY B 90 9.79 -35.37 -20.06
N ALA B 91 9.83 -34.49 -19.06
CA ALA B 91 10.53 -34.79 -17.82
C ALA B 91 9.57 -34.86 -16.64
N ARG B 92 9.83 -35.81 -15.75
CA ARG B 92 9.29 -35.73 -14.41
C ARG B 92 9.91 -34.53 -13.69
N PRO B 93 9.28 -34.05 -12.62
CA PRO B 93 9.99 -33.06 -11.79
C PRO B 93 11.29 -33.60 -11.25
N GLU B 94 11.31 -34.86 -10.79
CA GLU B 94 12.53 -35.46 -10.28
C GLU B 94 13.65 -35.53 -11.32
N ASP B 95 13.32 -35.37 -12.59
CA ASP B 95 14.37 -35.34 -13.59
C ASP B 95 15.24 -34.10 -13.49
N VAL B 96 14.78 -33.05 -12.82
CA VAL B 96 15.48 -31.77 -12.84
C VAL B 96 16.71 -31.83 -11.96
N ASP B 97 17.84 -31.38 -12.51
CA ASP B 97 19.12 -31.42 -11.81
C ASP B 97 19.35 -30.21 -10.91
N ALA B 98 18.87 -29.02 -11.31
CA ALA B 98 19.00 -27.85 -10.45
C ALA B 98 17.89 -26.86 -10.77
N VAL B 99 17.56 -26.03 -9.77
CA VAL B 99 16.64 -24.91 -9.90
C VAL B 99 17.40 -23.64 -9.58
N GLY B 100 17.20 -22.61 -10.41
CA GLY B 100 17.85 -21.33 -10.18
C GLY B 100 16.84 -20.22 -10.03
N TYR B 101 17.01 -19.38 -9.01
CA TYR B 101 16.11 -18.27 -8.73
C TYR B 101 16.83 -16.95 -8.99
N TYR B 102 16.13 -16.00 -9.61
CA TYR B 102 16.74 -14.82 -10.25
C TYR B 102 17.17 -13.69 -9.26
N PHE B 103 17.30 -13.98 -7.97
CA PHE B 103 17.69 -12.99 -6.95
C PHE B 103 18.44 -13.72 -5.87
N PRO B 104 19.41 -13.08 -5.20
CA PRO B 104 20.06 -13.73 -4.06
C PRO B 104 19.09 -13.98 -2.90
N GLU B 105 19.33 -15.10 -2.18
CA GLU B 105 18.44 -15.52 -1.10
C GLU B 105 18.25 -14.43 -0.05
N ASN B 106 19.34 -13.86 0.46
CA ASN B 106 19.17 -12.83 1.49
C ASN B 106 18.33 -11.67 0.99
N HIS B 107 18.39 -11.35 -0.32
CA HIS B 107 17.66 -10.18 -0.76
C HIS B 107 16.15 -10.45 -0.81
N ILE B 108 15.73 -11.52 -1.48
CA ILE B 108 14.30 -11.81 -1.53
C ILE B 108 13.78 -12.07 -0.13
N ASP B 109 14.57 -12.73 0.71
CA ASP B 109 14.11 -13.04 2.04
C ASP B 109 14.02 -11.78 2.91
N THR B 110 14.84 -10.75 2.65
CA THR B 110 14.71 -9.50 3.38
C THR B 110 13.49 -8.71 2.92
N VAL B 111 13.15 -8.80 1.64
CA VAL B 111 11.94 -8.14 1.16
C VAL B 111 10.72 -8.83 1.72
N LEU B 112 10.73 -10.17 1.76
CA LEU B 112 9.64 -10.92 2.37
C LEU B 112 9.48 -10.56 3.84
N ASN B 113 10.61 -10.54 4.56
CA ASN B 113 10.62 -10.14 5.96
C ASN B 113 9.98 -8.77 6.14
N HIS B 114 10.22 -7.85 5.20
CA HIS B 114 9.60 -6.54 5.32
C HIS B 114 8.09 -6.62 5.10
N LEU B 115 7.63 -7.41 4.13
CA LEU B 115 6.20 -7.62 3.97
C LEU B 115 5.60 -8.24 5.22
N TYR B 116 6.33 -9.18 5.84
CA TYR B 116 5.81 -9.82 7.04
C TYR B 116 5.72 -8.85 8.25
N THR B 117 6.64 -7.88 8.37
CA THR B 117 6.49 -6.94 9.48
C THR B 117 5.30 -6.01 9.29
N GLU B 118 4.90 -5.74 8.06
CA GLU B 118 3.73 -4.90 7.89
C GLU B 118 2.42 -5.67 7.92
N TYR B 119 2.47 -6.99 7.83
CA TYR B 119 1.29 -7.83 8.00
C TYR B 119 1.67 -8.83 9.07
N PRO B 120 1.49 -8.46 10.35
CA PRO B 120 1.89 -9.36 11.45
C PRO B 120 1.16 -10.68 11.49
N ARG B 121 0.06 -10.87 10.73
CA ARG B 121 -0.64 -12.15 10.72
C ARG B 121 -0.06 -13.16 9.73
N ALA B 122 0.81 -12.74 8.81
CA ALA B 122 1.32 -13.69 7.82
C ALA B 122 2.36 -14.60 8.46
N PRO B 123 2.27 -15.92 8.28
CA PRO B 123 3.31 -16.80 8.83
C PRO B 123 4.68 -16.50 8.24
N LEU B 124 5.71 -16.80 9.02
CA LEU B 124 7.07 -16.47 8.60
C LEU B 124 7.63 -17.60 7.74
N ARG B 125 7.31 -17.56 6.45
CA ARG B 125 7.85 -18.50 5.47
C ARG B 125 8.70 -17.72 4.47
N TYR B 126 9.97 -18.08 4.35
CA TYR B 126 10.85 -17.39 3.42
C TYR B 126 10.98 -18.21 2.13
N SER B 127 11.80 -17.71 1.21
CA SER B 127 11.68 -18.13 -0.19
C SER B 127 12.06 -19.59 -0.40
N ARG B 128 13.06 -20.08 0.33
CA ARG B 128 13.45 -21.48 0.14
C ARG B 128 12.33 -22.40 0.60
N GLU B 129 11.72 -22.10 1.75
CA GLU B 129 10.56 -22.88 2.19
C GLU B 129 9.37 -22.69 1.25
N LEU B 130 9.12 -21.45 0.79
CA LEU B 130 7.96 -21.24 -0.07
C LEU B 130 8.15 -21.89 -1.43
N ILE B 131 9.36 -21.79 -2.01
CA ILE B 131 9.64 -22.44 -3.29
C ILE B 131 9.43 -23.93 -3.17
N ARG B 132 9.86 -24.52 -2.06
CA ARG B 132 9.72 -25.96 -1.94
C ARG B 132 8.28 -26.37 -1.62
N GLN B 133 7.53 -25.54 -0.93
CA GLN B 133 6.16 -25.93 -0.63
C GLN B 133 5.30 -25.88 -1.89
N ARG B 134 5.55 -24.89 -2.74
CA ARG B 134 4.84 -24.82 -4.01
C ARG B 134 5.12 -26.04 -4.88
N LEU B 135 6.38 -26.46 -4.95
CA LEU B 135 6.71 -27.58 -5.82
C LEU B 135 6.21 -28.89 -5.22
N LYS B 136 6.27 -29.04 -3.89
CA LYS B 136 5.82 -30.27 -3.26
C LYS B 136 4.31 -30.43 -3.39
N GLU B 137 3.55 -29.35 -3.16
CA GLU B 137 2.10 -29.46 -3.18
C GLU B 137 1.54 -29.42 -4.59
N GLY B 138 2.16 -28.63 -5.47
CA GLY B 138 1.61 -28.48 -6.81
C GLY B 138 2.10 -29.51 -7.80
N LEU B 139 3.20 -30.21 -7.49
CA LEU B 139 3.82 -31.17 -8.41
C LEU B 139 4.30 -32.45 -7.75
N GLY B 140 4.07 -32.66 -6.46
CA GLY B 140 4.63 -33.84 -5.84
C GLY B 140 6.14 -33.85 -5.75
N TRP B 141 6.80 -32.76 -6.14
CA TRP B 141 8.26 -32.71 -6.24
C TRP B 141 8.88 -32.33 -4.91
N ASP B 142 9.67 -33.25 -4.35
CA ASP B 142 10.36 -33.07 -3.09
C ASP B 142 11.75 -32.52 -3.39
N LEU B 143 11.87 -31.19 -3.42
CA LEU B 143 13.10 -30.56 -3.89
C LEU B 143 14.19 -30.59 -2.82
N PRO B 144 15.32 -31.24 -3.08
CA PRO B 144 16.41 -31.22 -2.08
C PRO B 144 17.12 -29.88 -2.07
N ASP B 145 17.52 -29.44 -0.87
CA ASP B 145 18.09 -28.10 -0.68
C ASP B 145 19.29 -27.84 -1.59
N GLU B 146 20.10 -28.87 -1.85
CA GLU B 146 21.34 -28.65 -2.60
C GLU B 146 21.09 -28.30 -4.05
N LYS B 147 19.87 -28.50 -4.55
CA LYS B 147 19.56 -28.22 -5.94
C LYS B 147 19.03 -26.81 -6.17
N LEU B 148 18.82 -26.03 -5.12
CA LEU B 148 18.29 -24.67 -5.26
C LEU B 148 19.44 -23.67 -5.21
N VAL B 149 19.64 -22.93 -6.30
CA VAL B 149 20.74 -21.98 -6.45
C VAL B 149 20.18 -20.58 -6.66
N TYR B 150 20.50 -19.65 -5.77
CA TYR B 150 20.08 -18.27 -5.96
C TYR B 150 21.15 -17.49 -6.70
N VAL B 151 20.74 -16.57 -7.54
CA VAL B 151 21.64 -15.95 -8.52
C VAL B 151 21.58 -14.44 -8.42
N PRO B 152 22.69 -13.72 -8.60
CA PRO B 152 22.63 -12.25 -8.66
C PRO B 152 21.76 -11.80 -9.82
N HIS B 153 20.95 -10.79 -9.56
CA HIS B 153 19.87 -10.47 -10.49
C HIS B 153 20.42 -9.98 -11.83
N HIS B 154 21.40 -9.09 -11.82
CA HIS B 154 21.89 -8.65 -13.11
C HIS B 154 22.76 -9.70 -13.77
N GLU B 155 23.28 -10.64 -12.99
CA GLU B 155 24.00 -11.76 -13.57
C GLU B 155 23.03 -12.63 -14.37
N ALA B 156 21.86 -12.92 -13.79
CA ALA B 156 20.81 -13.61 -14.52
C ALA B 156 20.51 -12.92 -15.85
N HIS B 157 20.19 -11.62 -15.81
CA HIS B 157 19.91 -10.89 -17.05
C HIS B 157 21.01 -11.12 -18.08
N ALA B 158 22.26 -10.96 -17.64
CA ALA B 158 23.38 -10.90 -18.57
C ALA B 158 23.59 -12.25 -19.23
N TYR B 159 23.51 -13.32 -18.46
CA TYR B 159 23.55 -14.64 -19.05
C TYR B 159 22.51 -14.77 -20.14
N SER B 160 21.25 -14.42 -19.84
CA SER B 160 20.18 -14.59 -20.81
C SER B 160 20.47 -13.81 -22.08
N SER B 161 20.79 -12.51 -21.94
CA SER B 161 21.06 -11.66 -23.09
C SER B 161 22.24 -12.14 -23.92
N TYR B 162 23.34 -12.57 -23.28
CA TYR B 162 24.56 -12.86 -24.03
C TYR B 162 24.60 -14.28 -24.59
N LEU B 163 24.12 -15.27 -23.83
CA LEU B 163 24.23 -16.65 -24.31
C LEU B 163 23.36 -16.93 -25.54
N HIS B 164 22.35 -16.11 -25.82
CA HIS B 164 21.52 -16.32 -26.99
C HIS B 164 21.88 -15.42 -28.16
N SER B 165 22.88 -14.56 -28.01
CA SER B 165 23.24 -13.67 -29.12
C SER B 165 24.06 -14.34 -30.22
N GLY B 166 24.58 -15.56 -30.00
CA GLY B 166 25.47 -16.17 -30.96
C GLY B 166 26.82 -15.47 -31.09
N MET B 167 27.09 -14.52 -30.20
CA MET B 167 28.36 -13.83 -30.16
C MET B 167 29.36 -14.60 -29.32
N ASP B 168 30.65 -14.47 -29.68
CA ASP B 168 31.74 -15.14 -28.98
C ASP B 168 32.31 -14.27 -27.86
N SER B 169 32.02 -12.99 -27.91
CA SER B 169 32.34 -12.02 -26.87
C SER B 169 31.54 -10.75 -27.15
N ALA B 170 31.25 -9.99 -26.10
CA ALA B 170 30.51 -8.74 -26.27
C ALA B 170 30.61 -7.92 -25.00
N LEU B 171 30.35 -6.64 -25.15
CA LEU B 171 30.00 -5.80 -24.03
C LEU B 171 28.54 -6.07 -23.67
N VAL B 172 28.29 -6.41 -22.41
CA VAL B 172 26.93 -6.65 -21.92
C VAL B 172 26.51 -5.51 -20.99
N LEU B 173 25.45 -4.79 -21.39
CA LEU B 173 24.82 -3.77 -20.56
C LEU B 173 23.47 -4.25 -20.02
N VAL B 174 23.28 -4.20 -18.71
CA VAL B 174 22.01 -4.54 -18.07
C VAL B 174 21.48 -3.30 -17.38
N LEU B 175 20.26 -2.86 -17.76
CA LEU B 175 19.59 -1.72 -17.12
C LEU B 175 18.13 -2.06 -16.83
N ASP B 176 17.76 -2.10 -15.55
CA ASP B 176 16.35 -2.30 -15.20
C ASP B 176 15.89 -1.30 -14.14
N GLY B 177 14.89 -1.71 -13.35
CA GLY B 177 14.50 -0.93 -12.20
C GLY B 177 15.54 -1.10 -11.12
N ARG B 178 15.74 -2.34 -10.66
CA ARG B 178 16.78 -2.63 -9.71
C ARG B 178 16.93 -4.13 -9.55
N GLY B 179 18.15 -4.57 -9.35
CA GLY B 179 18.44 -5.85 -8.74
C GLY B 179 18.59 -5.70 -7.24
N GLU B 180 19.33 -6.64 -6.64
CA GLU B 180 19.58 -6.62 -5.20
C GLU B 180 20.35 -5.36 -4.77
N LEU B 181 21.32 -4.91 -5.58
CA LEU B 181 22.17 -3.79 -5.19
C LEU B 181 22.37 -2.74 -6.28
N HIS B 182 21.99 -3.02 -7.52
CA HIS B 182 22.29 -2.12 -8.63
C HIS B 182 21.04 -1.90 -9.47
N SER B 183 21.05 -0.81 -10.23
CA SER B 183 20.05 -0.57 -11.27
C SER B 183 20.64 -0.68 -12.66
N GLY B 184 21.96 -0.79 -12.77
CA GLY B 184 22.70 -0.95 -14.00
C GLY B 184 23.95 -1.77 -13.79
N THR B 185 24.28 -2.63 -14.73
CA THR B 185 25.54 -3.35 -14.62
C THR B 185 26.15 -3.47 -16.02
N VAL B 186 27.47 -3.37 -16.08
CA VAL B 186 28.24 -3.57 -17.31
C VAL B 186 29.10 -4.81 -17.13
N TYR B 187 29.03 -5.72 -18.10
CA TYR B 187 29.85 -6.93 -18.14
C TYR B 187 30.64 -7.03 -19.45
N ARG B 188 31.83 -7.63 -19.36
CA ARG B 188 32.51 -8.19 -20.54
C ARG B 188 32.18 -9.67 -20.59
N ALA B 189 31.73 -10.12 -21.74
CA ALA B 189 31.38 -11.53 -21.88
C ALA B 189 32.27 -12.14 -22.95
N GLU B 190 32.81 -13.32 -22.66
CA GLU B 190 33.73 -14.00 -23.55
C GLU B 190 33.61 -15.49 -23.32
N GLY B 191 33.23 -16.23 -24.36
CA GLY B 191 32.96 -17.64 -24.18
C GLY B 191 31.77 -17.80 -23.26
N THR B 192 31.97 -18.44 -22.11
CA THR B 192 30.93 -18.50 -21.10
C THR B 192 31.34 -17.79 -19.82
N ARG B 193 32.38 -16.97 -19.88
CA ARG B 193 32.84 -16.22 -18.72
C ARG B 193 32.20 -14.84 -18.73
N LEU B 194 31.51 -14.48 -17.66
CA LEU B 194 31.06 -13.10 -17.45
C LEU B 194 32.06 -12.42 -16.51
N GLU B 195 32.45 -11.20 -16.84
CA GLU B 195 33.31 -10.43 -15.95
C GLU B 195 32.76 -9.00 -15.83
N LYS B 196 32.61 -8.53 -14.60
CA LYS B 196 31.88 -7.30 -14.31
C LYS B 196 32.80 -6.09 -14.44
N LEU B 197 32.35 -5.08 -15.17
CA LEU B 197 33.19 -3.90 -15.34
C LEU B 197 32.71 -2.71 -14.53
N ALA B 198 31.41 -2.62 -14.28
CA ALA B 198 30.90 -1.43 -13.64
C ALA B 198 29.50 -1.71 -13.13
N ASP B 199 29.03 -0.84 -12.26
CA ASP B 199 27.65 -0.88 -11.79
C ASP B 199 27.17 0.54 -11.49
N TYR B 200 25.87 0.67 -11.35
CA TYR B 200 25.22 1.92 -11.01
C TYR B 200 24.25 1.64 -9.86
N PRO B 201 24.33 2.38 -8.76
CA PRO B 201 23.51 2.07 -7.58
C PRO B 201 22.02 2.29 -7.83
N VAL B 202 21.22 1.74 -6.91
CA VAL B 202 19.76 1.74 -7.07
C VAL B 202 19.19 3.14 -7.27
N PRO B 203 19.51 4.13 -6.44
CA PRO B 203 18.99 5.48 -6.64
C PRO B 203 19.15 6.09 -8.03
N LYS B 204 19.99 5.52 -8.89
CA LYS B 204 20.19 6.04 -10.23
C LYS B 204 19.32 5.35 -11.27
N SER B 205 18.28 4.65 -10.82
CA SER B 205 17.58 3.71 -11.70
C SER B 205 16.87 4.44 -12.83
N LEU B 206 17.14 4.00 -14.06
CA LEU B 206 16.44 4.55 -15.22
C LEU B 206 15.07 3.89 -15.38
N GLY B 207 14.98 2.59 -15.09
CA GLY B 207 13.68 1.98 -14.91
C GLY B 207 12.83 2.77 -13.92
N GLY B 208 13.41 3.08 -12.76
CA GLY B 208 12.69 3.85 -11.77
C GLY B 208 12.28 5.21 -12.28
N LEU B 209 13.19 5.87 -13.00
CA LEU B 209 12.89 7.19 -13.53
C LEU B 209 11.76 7.12 -14.51
N TYR B 210 11.79 6.11 -15.39
CA TYR B 210 10.75 5.99 -16.39
C TYR B 210 9.40 5.73 -15.73
N LEU B 211 9.37 4.77 -14.80
CA LEU B 211 8.12 4.40 -14.14
C LEU B 211 7.55 5.55 -13.32
N ASN B 212 8.40 6.29 -12.62
CA ASN B 212 7.93 7.48 -11.92
C ASN B 212 7.22 8.42 -12.88
N ALA B 213 7.81 8.65 -14.05
CA ALA B 213 7.25 9.62 -15.00
C ALA B 213 5.95 9.10 -15.60
N THR B 214 5.88 7.80 -15.84
CA THR B 214 4.67 7.18 -16.35
C THR B 214 3.48 7.45 -15.44
N TYR B 215 3.70 7.55 -14.12
CA TYR B 215 2.59 7.81 -13.22
C TYR B 215 1.96 9.17 -13.48
N LEU B 216 2.78 10.17 -13.81
CA LEU B 216 2.24 11.49 -14.11
C LEU B 216 1.31 11.48 -15.32
N LEU B 217 1.37 10.47 -16.16
CA LEU B 217 0.52 10.43 -17.33
C LEU B 217 -0.73 9.59 -17.12
N GLY B 218 -1.16 9.40 -15.87
CA GLY B 218 -2.34 8.60 -15.63
C GLY B 218 -2.17 7.12 -15.85
N TYR B 219 -0.95 6.66 -16.05
CA TYR B 219 -0.61 5.26 -16.31
C TYR B 219 0.14 4.67 -15.12
N GLY B 220 0.42 3.38 -15.19
CA GLY B 220 1.08 2.70 -14.09
C GLY B 220 2.03 1.63 -14.58
N PHE B 221 2.39 0.68 -13.71
CA PHE B 221 3.36 -0.34 -14.09
C PHE B 221 2.86 -1.17 -15.26
N GLY B 222 3.73 -1.35 -16.26
CA GLY B 222 3.34 -2.04 -17.48
C GLY B 222 2.79 -1.15 -18.57
N ASP B 223 2.78 0.16 -18.37
CA ASP B 223 2.33 1.08 -19.40
C ASP B 223 3.48 1.88 -20.00
N GLU B 224 4.72 1.53 -19.67
CA GLU B 224 5.86 2.28 -20.19
C GLU B 224 5.87 2.24 -21.71
N TYR B 225 5.44 1.12 -22.31
CA TYR B 225 5.48 1.05 -23.77
C TYR B 225 4.53 2.07 -24.38
N LYS B 226 3.41 2.33 -23.71
CA LYS B 226 2.47 3.36 -24.17
C LYS B 226 3.13 4.74 -24.11
N VAL B 227 3.87 5.01 -23.05
CA VAL B 227 4.57 6.28 -22.91
C VAL B 227 5.58 6.46 -24.04
N MET B 228 6.35 5.40 -24.32
CA MET B 228 7.29 5.43 -25.43
C MET B 228 6.54 5.65 -26.75
N GLY B 229 5.42 4.95 -26.93
CA GLY B 229 4.58 5.15 -28.10
C GLY B 229 4.04 6.57 -28.24
N LEU B 230 3.80 7.26 -27.12
CA LEU B 230 3.27 8.62 -27.21
C LEU B 230 4.36 9.64 -27.53
N ALA B 231 5.62 9.41 -27.15
CA ALA B 231 6.65 10.45 -27.25
C ALA B 231 6.82 11.07 -28.64
N PRO B 232 6.73 10.33 -29.76
CA PRO B 232 6.87 11.01 -31.06
C PRO B 232 5.84 12.10 -31.32
N TRP B 233 4.66 12.00 -30.72
CA TRP B 233 3.62 13.03 -30.84
C TRP B 233 3.95 14.30 -30.09
N GLY B 234 5.13 14.38 -29.47
CA GLY B 234 5.44 15.46 -28.57
C GLY B 234 6.74 16.12 -28.95
N ASN B 235 6.96 17.31 -28.37
CA ASN B 235 8.12 18.13 -28.66
C ASN B 235 9.04 18.17 -27.45
N PRO B 236 10.24 17.56 -27.53
CA PRO B 236 11.05 17.37 -26.32
C PRO B 236 11.67 18.64 -25.77
N GLU B 237 11.55 19.79 -26.42
CA GLU B 237 12.20 20.97 -25.86
C GLU B 237 11.34 21.71 -24.85
N THR B 238 10.03 21.43 -24.77
CA THR B 238 9.18 22.14 -23.82
C THR B 238 9.62 21.87 -22.39
N TYR B 239 9.90 20.62 -22.06
CA TYR B 239 10.29 20.25 -20.71
C TYR B 239 11.75 19.84 -20.61
N ARG B 240 12.56 20.14 -21.64
CA ARG B 240 13.96 19.74 -21.62
C ARG B 240 14.71 20.37 -20.45
N ASP B 241 14.54 21.68 -20.26
CA ASP B 241 15.22 22.33 -19.14
C ASP B 241 14.65 21.88 -17.79
N THR B 242 13.41 21.39 -17.74
CA THR B 242 12.89 20.90 -16.46
C THR B 242 13.56 19.59 -16.08
N PHE B 243 13.59 18.62 -17.01
CA PHE B 243 14.29 17.36 -16.75
C PHE B 243 15.77 17.58 -16.50
N ALA B 244 16.38 18.59 -17.14
CA ALA B 244 17.78 18.93 -16.87
C ALA B 244 18.05 19.10 -15.38
N LYS B 245 17.04 19.53 -14.60
CA LYS B 245 17.25 19.67 -13.16
C LYS B 245 17.29 18.32 -12.44
N LEU B 246 16.82 17.24 -13.06
CA LEU B 246 16.73 15.94 -12.39
C LEU B 246 17.92 15.01 -12.66
N TYR B 247 18.84 15.39 -13.54
CA TYR B 247 19.99 14.53 -13.84
C TYR B 247 21.17 15.37 -14.31
N THR B 248 22.36 14.77 -14.18
CA THR B 248 23.60 15.40 -14.59
C THR B 248 24.52 14.36 -15.19
N LEU B 249 25.02 14.61 -16.40
CA LEU B 249 26.00 13.72 -17.00
C LEU B 249 27.37 14.12 -16.47
N GLN B 250 28.14 13.12 -16.06
CA GLN B 250 29.42 13.28 -15.40
C GLN B 250 30.51 12.57 -16.21
N ASP B 251 31.75 12.72 -15.78
CA ASP B 251 32.85 12.13 -16.51
C ASP B 251 32.90 10.62 -16.31
N ASN B 252 33.54 9.94 -17.27
CA ASN B 252 33.78 8.50 -17.17
C ASN B 252 32.47 7.73 -17.12
N GLY B 253 31.50 8.19 -17.91
CA GLY B 253 30.23 7.49 -18.01
C GLY B 253 29.48 7.41 -16.70
N GLU B 254 29.63 8.41 -15.84
CA GLU B 254 28.84 8.53 -14.64
C GLU B 254 27.71 9.53 -14.87
N TYR B 255 26.64 9.35 -14.10
CA TYR B 255 25.57 10.33 -14.06
C TYR B 255 24.97 10.27 -12.67
N GLU B 256 24.32 11.36 -12.29
CA GLU B 256 23.55 11.40 -11.06
C GLU B 256 22.09 11.68 -11.41
N LEU B 257 21.18 11.11 -10.62
CA LEU B 257 19.79 11.55 -10.57
C LEU B 257 19.60 12.29 -9.24
N HIS B 258 18.89 13.42 -9.27
CA HIS B 258 18.76 14.30 -8.11
C HIS B 258 17.45 14.02 -7.39
N GLY B 259 17.55 13.40 -6.22
CA GLY B 259 16.38 12.94 -5.51
C GLY B 259 15.68 14.07 -4.80
N ASN B 260 14.76 13.70 -3.93
CA ASN B 260 14.12 14.68 -3.07
C ASN B 260 13.60 13.94 -1.86
N ILE B 261 13.40 14.67 -0.77
CA ILE B 261 12.91 14.05 0.43
C ILE B 261 11.40 14.25 0.60
N MET B 262 10.73 14.67 -0.47
CA MET B 262 9.29 14.92 -0.36
C MET B 262 8.49 13.62 -0.54
N VAL B 263 8.60 12.97 -1.69
CA VAL B 263 7.77 11.80 -2.01
C VAL B 263 8.62 10.75 -2.70
N PRO B 264 8.21 9.48 -2.60
CA PRO B 264 8.93 8.43 -3.32
C PRO B 264 8.66 8.46 -4.82
N ASN B 265 9.04 9.57 -5.46
CA ASN B 265 8.96 9.72 -6.91
C ASN B 265 9.96 10.83 -7.26
N LEU B 266 10.82 10.57 -8.25
CA LEU B 266 11.87 11.51 -8.61
C LEU B 266 11.32 12.74 -9.28
N VAL B 267 10.20 12.57 -9.98
CA VAL B 267 9.80 13.50 -11.03
C VAL B 267 8.69 14.44 -10.57
N SER B 268 7.71 13.94 -9.80
CA SER B 268 6.49 14.70 -9.55
C SER B 268 6.71 16.00 -8.77
N PRO B 269 7.52 16.04 -7.71
CA PRO B 269 7.60 17.29 -6.93
C PRO B 269 8.00 18.50 -7.77
N LEU B 270 9.06 18.37 -8.55
CA LEU B 270 9.51 19.48 -9.39
C LEU B 270 8.47 19.84 -10.44
N PHE B 271 7.90 18.84 -11.11
CA PHE B 271 6.87 19.14 -12.09
C PHE B 271 5.61 19.71 -11.46
N TYR B 272 5.27 19.32 -10.23
CA TYR B 272 4.15 19.96 -9.59
C TYR B 272 4.46 21.42 -9.30
N ALA B 273 5.71 21.70 -8.95
CA ALA B 273 6.10 23.07 -8.61
C ALA B 273 6.04 24.00 -9.82
N GLU B 274 6.07 23.46 -11.03
CA GLU B 274 5.98 24.25 -12.25
C GLU B 274 4.61 24.17 -12.92
N GLY B 275 3.58 23.67 -12.22
CA GLY B 275 2.26 23.70 -12.77
C GLY B 275 1.88 22.52 -13.64
N PHE B 276 2.76 21.55 -13.83
CA PHE B 276 2.35 20.34 -14.50
C PHE B 276 1.46 19.55 -13.56
N ARG B 277 0.26 19.20 -14.01
CA ARG B 277 -0.50 18.38 -13.09
C ARG B 277 -0.96 17.09 -13.77
N PRO B 278 -0.90 15.97 -13.05
CA PRO B 278 -0.94 14.64 -13.69
C PRO B 278 -2.30 14.29 -14.30
N ARG B 279 -2.25 13.47 -15.35
CA ARG B 279 -3.44 13.17 -16.15
C ARG B 279 -4.41 12.28 -15.35
N ARG B 280 -5.71 12.52 -15.54
CA ARG B 280 -6.73 11.69 -14.90
C ARG B 280 -7.21 10.62 -15.85
N LYS B 281 -7.80 9.56 -15.29
CA LYS B 281 -8.32 8.48 -16.11
C LYS B 281 -9.42 9.04 -17.01
N GLY B 282 -9.40 8.64 -18.28
CA GLY B 282 -10.39 9.13 -19.23
C GLY B 282 -10.20 10.56 -19.66
N GLU B 283 -9.18 11.24 -19.17
CA GLU B 283 -8.84 12.53 -19.75
C GLU B 283 -8.04 12.31 -21.03
N PRO B 284 -8.29 13.08 -22.08
CA PRO B 284 -7.47 12.98 -23.29
C PRO B 284 -6.04 13.47 -23.00
N PHE B 285 -5.14 13.18 -23.95
CA PHE B 285 -3.75 13.60 -23.80
C PHE B 285 -3.58 15.02 -24.30
N THR B 286 -3.10 15.93 -23.44
CA THR B 286 -2.88 17.29 -23.88
C THR B 286 -1.53 17.43 -24.59
N GLN B 287 -1.31 18.61 -25.20
CA GLN B 287 0.00 18.90 -25.75
C GLN B 287 1.08 18.88 -24.67
N ALA B 288 0.74 19.32 -23.45
CA ALA B 288 1.69 19.21 -22.35
C ALA B 288 2.00 17.75 -22.02
N HIS B 289 1.01 16.87 -22.04
CA HIS B 289 1.27 15.45 -21.82
C HIS B 289 2.16 14.88 -22.92
N ARG B 290 1.86 15.20 -24.18
CA ARG B 290 2.66 14.70 -25.29
C ARG B 290 4.09 15.19 -25.17
N ASP B 291 4.28 16.44 -24.79
CA ASP B 291 5.62 16.98 -24.67
C ASP B 291 6.36 16.34 -23.52
N PHE B 292 5.68 16.15 -22.39
CA PHE B 292 6.28 15.47 -21.24
C PHE B 292 6.86 14.12 -21.67
N ALA B 293 6.06 13.30 -22.34
CA ALA B 293 6.54 11.99 -22.78
C ALA B 293 7.77 12.12 -23.68
N ALA B 294 7.76 13.08 -24.60
CA ALA B 294 8.91 13.26 -25.47
C ALA B 294 10.16 13.59 -24.66
N ALA B 295 10.03 14.53 -23.72
CA ALA B 295 11.21 14.94 -22.95
C ALA B 295 11.69 13.81 -22.04
N LEU B 296 10.77 13.01 -21.52
CA LEU B 296 11.15 11.86 -20.72
C LEU B 296 12.02 10.92 -21.54
N GLN B 297 11.52 10.52 -22.72
CA GLN B 297 12.22 9.59 -23.60
C GLN B 297 13.56 10.16 -24.09
N GLU B 298 13.64 11.46 -24.33
CA GLU B 298 14.92 12.03 -24.75
C GLU B 298 15.94 11.99 -23.62
N THR B 299 15.48 12.10 -22.37
CA THR B 299 16.39 12.03 -21.24
C THR B 299 17.00 10.62 -21.10
N VAL B 300 16.15 9.60 -21.00
CA VAL B 300 16.64 8.23 -20.88
C VAL B 300 17.57 7.88 -22.05
N GLU B 301 17.21 8.31 -23.26
CA GLU B 301 18.13 8.09 -24.37
C GLU B 301 19.45 8.81 -24.11
N LYS B 302 19.37 10.06 -23.69
CA LYS B 302 20.59 10.86 -23.53
C LYS B 302 21.53 10.24 -22.51
N ILE B 303 20.98 9.68 -21.44
CA ILE B 303 21.78 9.07 -20.38
C ILE B 303 22.34 7.73 -20.83
N VAL B 304 21.51 6.89 -21.45
CA VAL B 304 21.97 5.57 -21.84
C VAL B 304 23.03 5.68 -22.93
N LEU B 305 22.86 6.60 -23.88
CA LEU B 305 23.94 6.80 -24.86
C LEU B 305 25.22 7.32 -24.21
N HIS B 306 25.09 8.03 -23.08
CA HIS B 306 26.27 8.52 -22.39
C HIS B 306 27.03 7.38 -21.70
N ILE B 307 26.30 6.44 -21.09
CA ILE B 307 26.92 5.24 -20.54
C ILE B 307 27.67 4.48 -21.64
N LEU B 308 27.02 4.32 -22.79
CA LEU B 308 27.56 3.46 -23.84
C LEU B 308 28.71 4.09 -24.62
N GLU B 309 28.71 5.42 -24.82
CA GLU B 309 29.88 6.06 -25.43
C GLU B 309 31.12 5.75 -24.62
N TYR B 310 30.99 5.72 -23.29
CA TYR B 310 32.17 5.52 -22.48
C TYR B 310 32.59 4.06 -22.46
N TRP B 311 31.65 3.14 -22.37
CA TRP B 311 32.05 1.74 -22.25
C TRP B 311 32.42 1.13 -23.59
N ALA B 312 31.98 1.69 -24.71
CA ALA B 312 32.46 1.20 -26.00
C ALA B 312 33.90 1.62 -26.23
N LYS B 313 34.28 2.82 -25.77
CA LYS B 313 35.64 3.30 -25.89
C LYS B 313 36.56 2.64 -24.86
N THR B 314 36.11 2.53 -23.62
CA THR B 314 36.95 1.96 -22.55
C THR B 314 37.16 0.47 -22.73
N SER B 315 36.16 -0.26 -23.24
CA SER B 315 36.38 -1.68 -23.46
C SER B 315 36.90 -1.97 -24.86
N GLY B 316 36.70 -1.06 -25.82
CA GLY B 316 37.12 -1.31 -27.17
C GLY B 316 36.32 -2.35 -27.90
N HIS B 317 35.14 -2.72 -27.39
CA HIS B 317 34.33 -3.78 -27.97
C HIS B 317 33.42 -3.26 -29.08
N SER B 318 33.12 -4.12 -30.04
CA SER B 318 32.31 -3.73 -31.18
C SER B 318 30.95 -4.41 -31.17
N ARG B 319 30.71 -5.31 -30.21
CA ARG B 319 29.46 -6.01 -30.08
C ARG B 319 28.79 -5.68 -28.74
N LEU B 320 27.48 -5.49 -28.77
CA LEU B 320 26.71 -5.14 -27.59
C LEU B 320 25.55 -6.12 -27.42
N CYS B 321 25.40 -6.67 -26.22
CA CYS B 321 24.17 -7.30 -25.76
C CYS B 321 23.55 -6.42 -24.69
N PHE B 322 22.32 -5.97 -24.92
CA PHE B 322 21.59 -5.08 -24.02
C PHE B 322 20.42 -5.84 -23.37
N GLY B 323 20.33 -5.78 -22.05
CA GLY B 323 19.33 -6.53 -21.31
C GLY B 323 18.73 -5.72 -20.19
N GLY B 324 17.73 -6.32 -19.53
CA GLY B 324 16.94 -5.65 -18.53
C GLY B 324 15.72 -4.99 -19.13
N GLY B 325 14.75 -4.66 -18.26
CA GLY B 325 13.47 -4.13 -18.73
C GLY B 325 13.59 -2.85 -19.55
N VAL B 326 14.59 -2.03 -19.26
CA VAL B 326 14.80 -0.82 -20.04
C VAL B 326 15.08 -1.17 -21.49
N ALA B 327 15.67 -2.36 -21.75
CA ALA B 327 15.90 -2.82 -23.09
C ALA B 327 14.58 -3.21 -23.79
N HIS B 328 13.40 -2.98 -23.25
CA HIS B 328 12.22 -3.10 -24.08
C HIS B 328 11.81 -1.76 -24.66
N ASN B 329 12.65 -0.73 -24.48
CA ASN B 329 12.45 0.57 -25.09
C ASN B 329 12.98 0.46 -26.52
N SER B 330 12.08 0.04 -27.43
CA SER B 330 12.38 -0.07 -28.86
C SER B 330 13.03 1.20 -29.40
N SER B 331 12.51 2.36 -28.99
CA SER B 331 13.04 3.63 -29.45
C SER B 331 14.50 3.81 -29.04
N LEU B 332 14.84 3.54 -27.77
CA LEU B 332 16.23 3.59 -27.33
C LEU B 332 17.11 2.64 -28.14
N ASN B 333 16.61 1.42 -28.39
CA ASN B 333 17.42 0.40 -29.04
C ASN B 333 17.75 0.79 -30.47
N GLY B 334 16.83 1.49 -31.15
CA GLY B 334 17.12 2.00 -32.47
C GLY B 334 18.12 3.13 -32.46
N LEU B 335 18.09 3.95 -31.42
CA LEU B 335 19.09 5.00 -31.31
C LEU B 335 20.47 4.39 -31.10
N ILE B 336 20.56 3.28 -30.35
CA ILE B 336 21.85 2.61 -30.18
C ILE B 336 22.32 2.05 -31.50
N LEU B 337 21.40 1.45 -32.27
CA LEU B 337 21.73 0.95 -33.60
C LEU B 337 22.33 2.02 -34.50
N LYS B 338 21.73 3.22 -34.51
CA LYS B 338 22.20 4.30 -35.38
C LYS B 338 23.25 5.18 -34.72
N SER B 339 23.84 4.74 -33.62
CA SER B 339 24.79 5.62 -32.94
C SER B 339 26.21 5.48 -33.48
N GLY B 340 26.49 4.38 -34.19
CA GLY B 340 27.85 4.08 -34.61
C GLY B 340 28.80 3.63 -33.53
N LEU B 341 28.31 3.23 -32.36
CA LEU B 341 29.25 2.76 -31.34
C LEU B 341 29.53 1.29 -31.41
N PHE B 342 28.71 0.51 -32.12
CA PHE B 342 28.87 -0.94 -32.18
C PHE B 342 28.62 -1.42 -33.60
N ASP B 343 29.20 -2.57 -33.95
CA ASP B 343 28.88 -3.18 -35.25
C ASP B 343 27.69 -4.14 -35.17
N GLU B 344 27.60 -4.93 -34.11
CA GLU B 344 26.42 -5.76 -33.87
C GLU B 344 25.81 -5.40 -32.52
N VAL B 345 24.48 -5.58 -32.43
CA VAL B 345 23.73 -5.37 -31.19
C VAL B 345 22.64 -6.44 -31.10
N PHE B 346 22.58 -7.14 -29.96
CA PHE B 346 21.56 -8.16 -29.72
C PHE B 346 20.68 -7.79 -28.53
N VAL B 347 19.37 -8.00 -28.70
CA VAL B 347 18.37 -7.88 -27.63
C VAL B 347 17.50 -9.14 -27.62
N HIS B 348 17.45 -9.82 -26.47
CA HIS B 348 16.64 -11.02 -26.24
C HIS B 348 15.15 -10.69 -26.28
N PRO B 349 14.31 -11.62 -26.78
CA PRO B 349 12.86 -11.33 -26.86
C PRO B 349 12.21 -11.08 -25.51
N ALA B 350 12.74 -11.68 -24.44
CA ALA B 350 12.25 -11.48 -23.07
C ALA B 350 13.37 -10.86 -22.24
N SER B 351 13.59 -9.54 -22.42
CA SER B 351 14.64 -8.84 -21.69
C SER B 351 14.21 -8.39 -20.31
N HIS B 352 12.93 -8.52 -19.97
CA HIS B 352 12.40 -8.24 -18.65
C HIS B 352 12.68 -9.42 -17.72
N ASP B 353 12.04 -9.44 -16.54
CA ASP B 353 12.38 -10.41 -15.49
C ASP B 353 12.17 -11.86 -15.88
N ALA B 354 11.33 -12.13 -16.89
CA ALA B 354 11.16 -13.51 -17.33
C ALA B 354 12.44 -14.03 -17.94
N GLY B 355 13.20 -13.17 -18.62
CA GLY B 355 14.51 -13.58 -19.09
C GLY B 355 15.53 -13.74 -17.98
N ALA B 356 15.43 -12.91 -16.93
CA ALA B 356 16.33 -13.12 -15.80
C ALA B 356 16.10 -14.48 -15.18
N GLY B 357 14.86 -14.98 -15.25
CA GLY B 357 14.59 -16.31 -14.75
C GLY B 357 15.26 -17.37 -15.60
N GLU B 358 15.27 -17.17 -16.91
CA GLU B 358 16.02 -18.08 -17.78
C GLU B 358 17.52 -18.01 -17.50
N GLY B 359 18.07 -16.79 -17.41
CA GLY B 359 19.48 -16.62 -17.09
C GLY B 359 19.85 -17.18 -15.74
N ALA B 360 18.87 -17.23 -14.81
CA ALA B 360 19.13 -17.87 -13.52
C ALA B 360 19.41 -19.36 -13.69
N ALA B 361 18.81 -19.99 -14.71
CA ALA B 361 19.06 -21.39 -14.97
C ALA B 361 20.51 -21.61 -15.37
N TYR B 362 20.99 -20.82 -16.33
CA TYR B 362 22.38 -20.95 -16.76
C TYR B 362 23.34 -20.69 -15.60
N ALA B 363 23.06 -19.67 -14.78
CA ALA B 363 23.98 -19.38 -13.67
C ALA B 363 23.96 -20.51 -12.66
N ALA B 364 22.81 -21.14 -12.47
CA ALA B 364 22.80 -22.28 -11.58
C ALA B 364 23.60 -23.43 -12.18
N ALA B 365 23.52 -23.62 -13.50
CA ALA B 365 24.33 -24.65 -14.15
C ALA B 365 25.83 -24.35 -14.07
N ALA B 366 26.22 -23.07 -14.08
CA ALA B 366 27.64 -22.75 -13.96
C ALA B 366 28.08 -22.87 -12.51
N SER B 367 27.22 -22.45 -11.58
CA SER B 367 27.47 -22.65 -10.16
C SER B 367 27.67 -24.14 -9.85
N LEU B 368 26.95 -25.02 -10.52
CA LEU B 368 26.90 -26.45 -10.18
C LEU B 368 27.49 -27.23 -11.35
N GLY B 369 28.80 -27.36 -11.36
CA GLY B 369 29.43 -28.04 -12.48
C GLY B 369 29.72 -27.07 -13.61
N THR B 370 29.63 -27.54 -14.86
CA THR B 370 29.99 -26.71 -15.98
C THR B 370 28.73 -26.20 -16.70
N LEU B 371 28.92 -25.07 -17.37
CA LEU B 371 27.87 -24.36 -18.05
C LEU B 371 27.98 -24.67 -19.54
N GLU B 372 26.90 -25.21 -20.11
CA GLU B 372 26.78 -25.40 -21.55
C GLU B 372 25.92 -24.29 -22.13
N ARG B 373 26.32 -23.77 -23.29
CA ARG B 373 25.68 -22.60 -23.90
C ARG B 373 24.91 -22.96 -25.19
N PRO B 374 24.01 -22.07 -25.64
CA PRO B 374 23.22 -22.37 -26.85
C PRO B 374 24.09 -22.43 -28.10
N GLY B 375 23.71 -23.35 -29.00
CA GLY B 375 24.37 -23.50 -30.28
C GLY B 375 24.51 -22.18 -31.03
N LYS B 376 23.44 -21.70 -31.64
CA LYS B 376 23.54 -20.47 -32.39
C LYS B 376 22.65 -19.40 -31.76
N ARG B 377 22.48 -18.30 -32.49
CA ARG B 377 21.73 -17.15 -32.03
C ARG B 377 20.23 -17.44 -32.08
N LEU B 378 19.50 -16.95 -31.08
CA LEU B 378 18.09 -17.26 -30.97
C LEU B 378 17.31 -16.48 -32.02
N LEU B 379 16.53 -17.20 -32.83
CA LEU B 379 15.72 -16.57 -33.88
C LEU B 379 14.22 -16.65 -33.62
N SER B 380 13.78 -17.58 -32.79
CA SER B 380 12.36 -17.82 -32.57
C SER B 380 12.08 -17.74 -31.07
N ALA B 381 11.10 -16.91 -30.70
CA ALA B 381 10.59 -16.88 -29.33
C ALA B 381 9.50 -17.91 -29.10
N SER B 382 9.22 -18.75 -30.09
CA SER B 382 8.10 -19.69 -30.03
C SER B 382 8.46 -20.84 -29.09
N LEU B 383 8.36 -20.57 -27.79
CA LEU B 383 8.87 -21.50 -26.79
C LEU B 383 7.82 -21.97 -25.79
N GLY B 384 6.57 -21.52 -25.90
CA GLY B 384 5.57 -21.86 -24.91
C GLY B 384 4.87 -23.18 -25.19
N PRO B 385 3.76 -23.45 -24.49
CA PRO B 385 2.93 -24.58 -24.87
C PRO B 385 2.32 -24.34 -26.24
N ALA B 386 1.93 -25.44 -26.89
CA ALA B 386 1.29 -25.37 -28.19
C ALA B 386 -0.23 -25.41 -28.03
N LEU B 387 -0.96 -25.24 -29.12
CA LEU B 387 -2.42 -25.30 -29.06
C LEU B 387 -2.96 -26.71 -28.96
N GLY B 388 -2.23 -27.69 -29.47
CA GLY B 388 -2.59 -29.10 -29.41
C GLY B 388 -2.40 -29.79 -30.75
N GLY B 389 -2.63 -31.11 -30.74
CA GLY B 389 -2.68 -31.86 -31.98
C GLY B 389 -3.94 -31.55 -32.76
N ARG B 390 -3.89 -31.77 -34.09
CA ARG B 390 -5.04 -31.41 -34.92
C ARG B 390 -6.26 -32.29 -34.64
N GLU B 391 -6.08 -33.52 -34.13
CA GLU B 391 -7.22 -34.30 -33.65
C GLU B 391 -7.93 -33.60 -32.49
N GLN B 392 -7.19 -33.22 -31.44
CA GLN B 392 -7.75 -32.45 -30.33
C GLN B 392 -8.39 -31.15 -30.80
N ILE B 393 -7.67 -30.39 -31.63
CA ILE B 393 -8.12 -29.08 -32.06
C ILE B 393 -9.44 -29.18 -32.82
N ARG B 394 -9.54 -30.15 -33.73
CA ARG B 394 -10.80 -30.40 -34.41
C ARG B 394 -11.89 -30.82 -33.43
N ALA B 395 -11.56 -31.74 -32.52
CA ALA B 395 -12.55 -32.17 -31.52
C ALA B 395 -13.02 -31.01 -30.66
N ARG B 396 -12.09 -30.13 -30.24
CA ARG B 396 -12.48 -29.05 -29.36
C ARG B 396 -13.31 -28.02 -30.11
N LEU B 397 -12.91 -27.67 -31.34
CA LEU B 397 -13.71 -26.71 -32.11
C LEU B 397 -15.13 -27.19 -32.31
N ALA B 398 -15.34 -28.51 -32.27
CA ALA B 398 -16.69 -29.05 -32.34
C ALA B 398 -17.46 -28.78 -31.05
N ASP B 399 -16.78 -28.78 -29.90
CA ASP B 399 -17.44 -28.37 -28.68
C ASP B 399 -17.92 -26.92 -28.77
N TRP B 400 -17.24 -26.10 -29.56
CA TRP B 400 -17.55 -24.70 -29.74
C TRP B 400 -18.55 -24.49 -30.84
N ALA B 401 -19.07 -25.59 -31.38
CA ALA B 401 -19.94 -25.51 -32.56
C ALA B 401 -21.15 -24.59 -32.36
N PRO B 402 -21.85 -24.56 -31.21
CA PRO B 402 -22.97 -23.62 -31.13
C PRO B 402 -22.62 -22.16 -31.31
N LEU B 403 -21.33 -21.78 -31.39
CA LEU B 403 -20.99 -20.37 -31.51
C LEU B 403 -20.20 -20.00 -32.76
N ILE B 404 -19.64 -20.97 -33.48
CA ILE B 404 -18.69 -20.71 -34.57
C ILE B 404 -19.00 -21.59 -35.77
N ASP B 405 -18.65 -21.08 -36.94
CA ASP B 405 -18.57 -21.85 -38.17
C ASP B 405 -17.11 -22.09 -38.51
N VAL B 406 -16.77 -23.29 -38.95
CA VAL B 406 -15.36 -23.65 -39.14
C VAL B 406 -15.16 -24.35 -40.49
N GLU B 407 -14.31 -23.76 -41.33
CA GLU B 407 -13.83 -24.38 -42.57
C GLU B 407 -12.45 -25.01 -42.38
N PHE B 408 -12.10 -25.95 -43.28
CA PHE B 408 -10.75 -26.54 -43.34
C PHE B 408 -10.19 -26.38 -44.74
N PRO B 409 -9.67 -25.21 -45.10
CA PRO B 409 -9.15 -25.03 -46.46
C PRO B 409 -8.02 -26.00 -46.76
N ASP B 410 -7.66 -26.06 -48.05
CA ASP B 410 -6.58 -26.94 -48.49
C ASP B 410 -5.22 -26.34 -48.17
N ASP B 411 -5.10 -25.02 -48.30
CA ASP B 411 -3.88 -24.28 -47.92
C ASP B 411 -4.36 -23.08 -47.10
N ALA B 412 -4.30 -23.22 -45.76
CA ALA B 412 -4.76 -22.16 -44.87
C ALA B 412 -3.98 -20.88 -45.10
N VAL B 413 -2.66 -21.01 -45.24
CA VAL B 413 -1.82 -19.84 -45.50
C VAL B 413 -2.25 -19.16 -46.79
N GLU B 414 -2.54 -19.98 -47.82
CA GLU B 414 -2.92 -19.44 -49.12
C GLU B 414 -4.25 -18.71 -49.01
N THR B 415 -5.22 -19.31 -48.30
CA THR B 415 -6.50 -18.65 -48.08
C THR B 415 -6.32 -17.38 -47.28
N ALA B 416 -5.53 -17.46 -46.19
CA ALA B 416 -5.39 -16.33 -45.27
C ALA B 416 -4.78 -15.15 -45.97
N ALA B 417 -3.84 -15.39 -46.88
CA ALA B 417 -3.23 -14.28 -47.62
C ALA B 417 -4.26 -13.53 -48.46
N GLY B 418 -5.11 -14.27 -49.19
CA GLY B 418 -6.14 -13.61 -49.99
C GLY B 418 -7.10 -12.79 -49.15
N LEU B 419 -7.61 -13.39 -48.06
CA LEU B 419 -8.42 -12.64 -47.10
C LEU B 419 -7.76 -11.33 -46.70
N LEU B 420 -6.45 -11.36 -46.39
CA LEU B 420 -5.76 -10.14 -45.98
C LEU B 420 -5.73 -9.12 -47.10
N ALA B 421 -5.47 -9.57 -48.34
CA ALA B 421 -5.54 -8.70 -49.51
C ALA B 421 -6.96 -8.19 -49.75
N GLU B 422 -7.97 -8.99 -49.41
CA GLU B 422 -9.35 -8.52 -49.49
C GLU B 422 -9.67 -7.45 -48.45
N GLY B 423 -8.89 -7.35 -47.36
CA GLY B 423 -9.13 -6.34 -46.33
C GLY B 423 -9.58 -6.88 -44.99
N GLN B 424 -9.65 -8.19 -44.83
CA GLN B 424 -10.00 -8.78 -43.55
C GLN B 424 -8.88 -8.57 -42.52
N VAL B 425 -9.28 -8.49 -41.26
CA VAL B 425 -8.37 -8.50 -40.12
C VAL B 425 -8.45 -9.88 -39.49
N LEU B 426 -7.30 -10.55 -39.35
CA LEU B 426 -7.26 -11.96 -38.98
C LEU B 426 -6.65 -12.17 -37.59
N GLY B 427 -7.17 -13.19 -36.91
CA GLY B 427 -6.48 -13.78 -35.79
C GLY B 427 -5.66 -14.96 -36.29
N TRP B 428 -4.39 -15.01 -35.89
CA TRP B 428 -3.44 -15.98 -36.40
C TRP B 428 -2.83 -16.73 -35.21
N ALA B 429 -3.16 -18.01 -35.06
CA ALA B 429 -2.79 -18.78 -33.87
C ALA B 429 -2.18 -20.11 -34.25
N TYR B 430 -0.85 -20.26 -34.07
CA TYR B 430 -0.17 -21.47 -34.53
C TYR B 430 0.92 -21.88 -33.54
N GLY B 431 1.08 -23.19 -33.37
CA GLY B 431 2.26 -23.69 -32.68
C GLY B 431 2.37 -23.21 -31.24
N ARG B 432 3.62 -23.11 -30.78
CA ARG B 432 3.94 -22.71 -29.42
C ARG B 432 3.91 -21.18 -29.26
N SER B 433 3.50 -20.74 -28.07
CA SER B 433 3.32 -19.32 -27.80
C SER B 433 4.66 -18.60 -27.62
N GLU B 434 4.68 -17.32 -27.99
CA GLU B 434 5.89 -16.50 -27.90
C GLU B 434 6.25 -16.18 -26.45
N PHE B 435 7.50 -16.46 -26.10
CA PHE B 435 8.08 -15.96 -24.86
C PHE B 435 8.36 -14.47 -24.98
N GLY B 436 7.87 -13.69 -24.02
CA GLY B 436 8.08 -12.25 -24.06
C GLY B 436 6.88 -11.47 -24.61
N PRO B 437 6.96 -10.14 -24.49
CA PRO B 437 5.77 -9.29 -24.71
C PRO B 437 5.30 -9.17 -26.15
N ARG B 438 6.11 -9.48 -27.16
CA ARG B 438 5.73 -9.32 -28.57
C ARG B 438 5.14 -10.58 -29.17
N ALA B 439 4.08 -10.40 -29.95
CA ALA B 439 3.56 -11.45 -30.83
C ALA B 439 4.28 -11.43 -32.17
N LEU B 440 4.77 -12.60 -32.59
CA LEU B 440 5.75 -12.74 -33.68
C LEU B 440 5.30 -13.72 -34.77
N GLY B 441 4.01 -14.07 -34.81
CA GLY B 441 3.52 -15.01 -35.79
C GLY B 441 3.01 -16.32 -35.21
N HIS B 442 2.77 -16.36 -33.90
CA HIS B 442 2.24 -17.57 -33.30
C HIS B 442 0.96 -17.29 -32.52
N ARG B 443 0.83 -16.06 -32.02
CA ARG B 443 -0.36 -15.60 -31.33
C ARG B 443 -0.55 -14.15 -31.74
N SER B 444 -0.80 -13.94 -33.03
CA SER B 444 -0.84 -12.61 -33.60
C SER B 444 -2.25 -12.25 -34.09
N ILE B 445 -2.45 -10.94 -34.28
CA ILE B 445 -3.56 -10.40 -35.04
C ILE B 445 -2.97 -9.69 -36.26
N VAL B 446 -3.44 -10.05 -37.43
CA VAL B 446 -2.75 -9.75 -38.69
C VAL B 446 -3.69 -9.01 -39.64
N ALA B 447 -3.16 -8.01 -40.33
CA ALA B 447 -3.94 -7.27 -41.31
C ALA B 447 -2.99 -6.53 -42.25
N ASP B 448 -3.53 -6.07 -43.36
CA ASP B 448 -2.74 -5.32 -44.34
C ASP B 448 -2.18 -4.06 -43.72
N ALA B 449 -0.90 -3.80 -43.97
CA ALA B 449 -0.21 -2.66 -43.36
C ALA B 449 -0.40 -1.36 -44.13
N ARG B 450 -0.98 -1.39 -45.34
CA ARG B 450 -1.05 -0.20 -46.19
C ARG B 450 -2.13 0.81 -45.82
N PRO B 451 -3.36 0.40 -45.51
CA PRO B 451 -4.42 1.39 -45.20
C PRO B 451 -4.16 2.10 -43.88
N GLU B 452 -3.96 3.41 -43.95
CA GLU B 452 -3.75 4.18 -42.72
C GLU B 452 -4.98 4.20 -41.82
N GLU B 453 -6.15 3.87 -42.37
CA GLU B 453 -7.37 3.76 -41.57
C GLU B 453 -7.36 2.50 -40.71
N ASN B 454 -6.52 1.52 -41.01
CA ASN B 454 -6.51 0.28 -40.22
C ASN B 454 -6.08 0.51 -38.78
N ARG B 455 -5.32 1.58 -38.53
CA ARG B 455 -4.95 1.93 -37.15
C ARG B 455 -6.20 2.12 -36.30
N THR B 456 -7.01 3.12 -36.62
CA THR B 456 -8.22 3.39 -35.84
C THR B 456 -9.20 2.22 -35.90
N ARG B 457 -9.20 1.47 -37.00
CA ARG B 457 -10.07 0.30 -37.14
C ARG B 457 -9.69 -0.79 -36.15
N ILE B 458 -8.41 -1.14 -36.07
CA ILE B 458 -8.00 -2.22 -35.18
C ILE B 458 -7.75 -1.68 -33.77
N ASN B 459 -7.08 -0.54 -33.66
CA ASN B 459 -6.70 -0.05 -32.34
C ASN B 459 -7.88 0.50 -31.58
N ALA B 460 -9.06 0.52 -32.21
CA ALA B 460 -10.27 0.82 -31.48
C ALA B 460 -11.17 -0.37 -31.71
N MET B 461 -12.06 -0.32 -32.71
CA MET B 461 -13.20 -1.22 -32.81
C MET B 461 -12.87 -2.65 -32.35
N VAL B 462 -11.90 -3.29 -33.00
CA VAL B 462 -11.77 -4.72 -32.85
C VAL B 462 -11.20 -5.08 -31.47
N LYS B 463 -10.13 -4.39 -31.04
CA LYS B 463 -9.41 -4.73 -29.82
C LYS B 463 -9.73 -3.84 -28.63
N LYS B 464 -10.05 -2.57 -28.89
CA LYS B 464 -10.55 -1.59 -27.92
C LYS B 464 -9.42 -1.02 -27.08
N ARG B 465 -8.61 -0.11 -27.65
CA ARG B 465 -7.48 0.54 -26.97
C ARG B 465 -7.37 2.01 -27.35
N GLU B 466 -6.15 2.56 -27.38
CA GLU B 466 -5.92 3.98 -27.66
C GLU B 466 -5.22 4.13 -29.01
N GLY B 467 -5.72 5.08 -29.83
CA GLY B 467 -5.31 5.17 -31.23
C GLY B 467 -4.04 5.92 -31.53
N PHE B 468 -3.45 6.62 -30.56
CA PHE B 468 -2.24 7.37 -30.82
C PHE B 468 -1.07 6.48 -31.19
N ARG B 469 -1.14 5.14 -30.89
CA ARG B 469 0.05 4.31 -31.08
C ARG B 469 -0.03 3.56 -32.40
N PRO B 470 0.94 3.68 -33.30
CA PRO B 470 0.91 2.94 -34.57
C PRO B 470 1.24 1.48 -34.31
N PHE B 471 1.10 0.67 -35.36
CA PHE B 471 1.24 -0.77 -35.23
C PHE B 471 2.57 -1.24 -35.78
N ALA B 472 2.89 -2.45 -35.49
CA ALA B 472 4.21 -2.92 -35.85
C ALA B 472 4.19 -3.62 -37.19
N PRO B 473 5.07 -3.27 -38.12
CA PRO B 473 5.19 -4.05 -39.36
C PRO B 473 5.91 -5.38 -39.17
N VAL B 474 5.50 -6.38 -39.95
CA VAL B 474 6.32 -7.58 -40.17
C VAL B 474 6.70 -7.62 -41.64
N VAL B 475 7.99 -7.69 -41.92
CA VAL B 475 8.48 -7.68 -43.29
C VAL B 475 9.26 -8.97 -43.50
N THR B 476 9.40 -9.37 -44.76
CA THR B 476 10.22 -10.54 -45.07
C THR B 476 11.68 -10.15 -44.99
N ALA B 477 12.53 -11.17 -44.74
CA ALA B 477 13.97 -10.95 -44.80
C ALA B 477 14.41 -10.42 -46.17
N GLU B 478 13.75 -10.89 -47.25
CA GLU B 478 14.18 -10.53 -48.59
C GLU B 478 13.86 -9.07 -48.92
N ALA B 479 12.64 -8.63 -48.63
CA ALA B 479 12.28 -7.25 -48.97
C ALA B 479 12.56 -6.27 -47.85
N ALA B 480 13.17 -6.73 -46.75
CA ALA B 480 13.28 -5.91 -45.54
C ALA B 480 13.93 -4.58 -45.82
N ARG B 481 15.07 -4.61 -46.53
CA ARG B 481 15.85 -3.41 -46.81
C ARG B 481 15.25 -2.56 -47.92
N ASP B 482 14.22 -3.07 -48.62
CA ASP B 482 13.47 -2.28 -49.60
C ASP B 482 12.36 -1.46 -48.96
N TYR B 483 12.22 -1.51 -47.63
CA TYR B 483 11.18 -0.76 -46.94
C TYR B 483 11.73 -0.04 -45.70
N PHE B 484 12.72 -0.62 -45.03
CA PHE B 484 13.22 -0.04 -43.79
C PHE B 484 14.73 0.19 -43.86
N ASP B 485 15.19 1.23 -43.13
CA ASP B 485 16.61 1.57 -43.04
C ASP B 485 17.28 0.76 -41.93
N LEU B 486 17.49 -0.53 -42.20
CA LEU B 486 18.15 -1.43 -41.25
C LEU B 486 19.65 -1.21 -41.22
N SER B 487 20.08 0.05 -41.29
CA SER B 487 21.52 0.32 -41.36
C SER B 487 22.07 0.59 -39.97
N GLY B 488 23.05 1.50 -39.87
CA GLY B 488 23.91 1.62 -38.70
C GLY B 488 24.68 0.32 -38.43
N ALA B 489 24.49 -0.24 -37.25
CA ALA B 489 24.99 -1.57 -36.92
C ALA B 489 24.03 -2.66 -37.40
N ASP B 490 24.45 -3.90 -37.20
CA ASP B 490 23.68 -5.11 -37.52
C ASP B 490 22.95 -5.53 -36.25
N GLY B 491 21.66 -5.19 -36.16
CA GLY B 491 20.83 -5.61 -35.05
C GLY B 491 19.98 -6.81 -35.41
N ASN B 492 19.51 -7.54 -34.39
CA ASN B 492 18.59 -8.66 -34.58
C ASN B 492 17.17 -8.10 -34.61
N HIS B 493 16.45 -8.33 -35.72
CA HIS B 493 15.10 -7.79 -35.86
C HIS B 493 14.04 -8.88 -35.84
N GLU B 494 14.37 -10.08 -35.34
CA GLU B 494 13.39 -11.16 -35.30
C GLU B 494 12.38 -11.01 -34.17
N PHE B 495 12.57 -10.05 -33.25
CA PHE B 495 11.71 -9.95 -32.07
C PHE B 495 11.15 -8.55 -31.85
N MET B 496 11.32 -7.64 -32.81
CA MET B 496 10.80 -6.26 -32.74
C MET B 496 11.53 -5.40 -31.70
N SER B 497 12.78 -5.76 -31.37
CA SER B 497 13.55 -5.00 -30.39
C SER B 497 14.00 -3.61 -30.88
N PHE B 498 14.09 -3.37 -32.19
CA PHE B 498 14.60 -2.10 -32.69
C PHE B 498 13.55 -1.34 -33.50
N VAL B 499 13.38 -0.08 -33.15
CA VAL B 499 12.65 0.90 -33.96
C VAL B 499 13.61 1.44 -35.02
N VAL B 500 13.21 1.33 -36.28
CA VAL B 500 14.08 1.73 -37.40
C VAL B 500 13.31 2.67 -38.31
N PRO B 501 14.00 3.56 -39.02
CA PRO B 501 13.31 4.51 -39.90
C PRO B 501 12.67 3.78 -41.08
N VAL B 502 11.47 4.20 -41.45
CA VAL B 502 10.83 3.70 -42.68
C VAL B 502 11.35 4.54 -43.83
N LEU B 503 11.72 3.88 -44.94
CA LEU B 503 12.28 4.58 -46.10
C LEU B 503 11.30 5.65 -46.58
N PRO B 504 11.73 6.92 -46.70
CA PRO B 504 10.76 8.01 -46.90
C PRO B 504 9.85 7.80 -48.12
N GLU B 505 10.34 7.12 -49.16
CA GLU B 505 9.52 6.81 -50.32
C GLU B 505 8.41 5.81 -50.01
N ARG B 506 8.68 4.82 -49.15
CA ARG B 506 7.66 3.84 -48.78
C ARG B 506 6.73 4.30 -47.66
N ARG B 507 6.93 5.50 -47.10
CA ARG B 507 6.17 5.93 -45.92
C ARG B 507 4.67 6.03 -46.20
N THR B 508 4.29 6.52 -47.38
CA THR B 508 2.85 6.67 -47.63
C THR B 508 2.21 5.33 -47.90
N GLU B 509 2.97 4.41 -48.52
CA GLU B 509 2.51 3.04 -48.73
C GLU B 509 2.12 2.38 -47.41
N LEU B 510 3.03 2.43 -46.42
CA LEU B 510 2.83 1.79 -45.11
C LEU B 510 2.18 2.79 -44.15
N GLY B 511 0.87 2.98 -44.31
CA GLY B 511 0.16 3.93 -43.48
C GLY B 511 -0.17 3.43 -42.09
N ALA B 512 -0.44 2.12 -41.96
CA ALA B 512 -0.83 1.58 -40.67
C ALA B 512 0.34 1.36 -39.72
N VAL B 513 1.56 1.27 -40.25
CA VAL B 513 2.70 0.83 -39.47
C VAL B 513 3.81 1.88 -39.45
N THR B 514 3.52 3.13 -39.82
CA THR B 514 4.50 4.20 -39.80
C THR B 514 4.06 5.28 -38.82
N HIS B 515 4.97 5.66 -37.94
CA HIS B 515 4.68 6.66 -36.90
C HIS B 515 4.76 8.08 -37.48
N VAL B 516 4.48 9.08 -36.64
CA VAL B 516 4.55 10.48 -37.05
C VAL B 516 6.00 10.94 -37.25
N ASP B 517 6.96 10.24 -36.67
CA ASP B 517 8.37 10.53 -36.91
C ASP B 517 8.97 9.69 -38.04
N GLY B 518 8.19 8.79 -38.64
CA GLY B 518 8.65 8.03 -39.78
C GLY B 518 9.21 6.65 -39.47
N THR B 519 9.14 6.23 -38.22
CA THR B 519 9.84 5.05 -37.75
C THR B 519 8.86 3.89 -37.56
N ALA B 520 9.40 2.70 -37.28
CA ALA B 520 8.56 1.54 -37.10
C ALA B 520 9.32 0.47 -36.33
N ARG B 521 8.61 -0.22 -35.45
CA ARG B 521 9.17 -1.32 -34.65
C ARG B 521 9.05 -2.59 -35.50
N VAL B 522 10.04 -2.87 -36.34
CA VAL B 522 9.89 -3.86 -37.40
C VAL B 522 10.30 -5.25 -36.93
N GLN B 523 9.44 -6.22 -37.20
CA GLN B 523 9.84 -7.62 -37.18
C GLN B 523 10.26 -8.00 -38.58
N VAL B 524 11.41 -8.65 -38.69
CA VAL B 524 11.88 -9.24 -39.94
C VAL B 524 11.75 -10.75 -39.78
N VAL B 525 10.90 -11.36 -40.59
CA VAL B 525 10.65 -12.80 -40.51
C VAL B 525 11.36 -13.46 -41.68
N SER B 526 11.94 -14.61 -41.40
CA SER B 526 12.71 -15.38 -42.35
C SER B 526 12.18 -16.81 -42.31
N ALA B 527 12.64 -17.65 -43.25
CA ALA B 527 12.26 -19.04 -43.14
C ALA B 527 12.92 -19.75 -41.96
N GLU B 528 13.87 -19.11 -41.29
CA GLU B 528 14.51 -19.73 -40.15
C GLU B 528 13.89 -19.28 -38.84
N SER B 529 13.41 -18.04 -38.76
CA SER B 529 12.68 -17.61 -37.55
C SER B 529 11.26 -18.14 -37.51
N GLY B 530 10.55 -18.11 -38.65
CA GLY B 530 9.19 -18.62 -38.71
C GLY B 530 8.67 -18.95 -40.09
N GLU B 531 8.75 -20.24 -40.49
CA GLU B 531 8.43 -20.64 -41.85
C GLU B 531 7.00 -20.27 -42.22
N ARG B 532 6.03 -20.68 -41.40
CA ARG B 532 4.63 -20.45 -41.74
C ARG B 532 4.35 -18.97 -41.84
N PHE B 533 4.85 -18.19 -40.88
CA PHE B 533 4.61 -16.75 -40.93
C PHE B 533 5.33 -16.10 -42.11
N HIS B 534 6.50 -16.63 -42.50
CA HIS B 534 7.23 -16.08 -43.64
C HIS B 534 6.47 -16.34 -44.94
N ARG B 535 6.06 -17.59 -45.16
CA ARG B 535 5.19 -17.92 -46.30
C ARG B 535 3.97 -16.99 -46.36
N LEU B 536 3.36 -16.72 -45.21
CA LEU B 536 2.19 -15.84 -45.15
C LEU B 536 2.49 -14.45 -45.68
N VAL B 537 3.58 -13.83 -45.19
CA VAL B 537 3.88 -12.46 -45.59
C VAL B 537 4.39 -12.42 -47.03
N ARG B 538 5.13 -13.46 -47.45
CA ARG B 538 5.58 -13.51 -48.83
C ARG B 538 4.39 -13.63 -49.77
N ARG B 539 3.54 -14.64 -49.56
CA ARG B 539 2.34 -14.82 -50.39
C ARG B 539 1.55 -13.53 -50.50
N PHE B 540 1.31 -12.87 -49.37
CA PHE B 540 0.53 -11.63 -49.40
C PHE B 540 1.19 -10.58 -50.28
N GLY B 541 2.53 -10.54 -50.27
CA GLY B 541 3.25 -9.56 -51.09
C GLY B 541 3.23 -9.89 -52.57
N GLU B 542 3.26 -11.19 -52.90
CA GLU B 542 3.04 -11.61 -54.28
C GLU B 542 1.64 -11.21 -54.77
N LEU B 543 0.65 -11.16 -53.88
CA LEU B 543 -0.71 -10.81 -54.29
C LEU B 543 -0.98 -9.31 -54.25
N THR B 544 -0.05 -8.52 -53.70
CA THR B 544 -0.28 -7.09 -53.46
C THR B 544 0.85 -6.19 -53.89
N GLY B 545 2.08 -6.71 -54.00
CA GLY B 545 3.24 -5.88 -54.25
C GLY B 545 3.82 -5.24 -53.01
N THR B 546 3.30 -5.57 -51.84
CA THR B 546 3.76 -5.04 -50.56
C THR B 546 3.89 -6.22 -49.61
N PRO B 547 5.10 -6.77 -49.45
CA PRO B 547 5.30 -7.91 -48.55
C PRO B 547 5.43 -7.51 -47.08
N VAL B 548 4.70 -6.47 -46.65
CA VAL B 548 4.68 -6.02 -45.26
C VAL B 548 3.26 -6.23 -44.72
N LEU B 549 3.13 -6.89 -43.57
CA LEU B 549 1.88 -6.96 -42.84
C LEU B 549 1.96 -6.20 -41.52
N LEU B 550 0.78 -5.80 -41.01
CA LEU B 550 0.65 -5.28 -39.65
C LEU B 550 0.61 -6.46 -38.67
N ASN B 551 1.30 -6.32 -37.54
CA ASN B 551 1.38 -7.44 -36.59
C ASN B 551 1.19 -6.93 -35.15
N THR B 552 0.08 -7.34 -34.54
CA THR B 552 -0.22 -6.97 -33.17
C THR B 552 -0.55 -8.23 -32.37
N SER B 553 -0.45 -8.13 -31.04
CA SER B 553 -0.68 -9.28 -30.17
C SER B 553 -2.16 -9.68 -30.15
N PHE B 554 -2.40 -10.98 -30.16
CA PHE B 554 -3.76 -11.52 -30.08
C PHE B 554 -4.23 -11.53 -28.62
N ASN B 555 -4.89 -10.44 -28.21
CA ASN B 555 -5.40 -10.18 -26.87
C ASN B 555 -6.20 -8.88 -26.89
N ASN B 556 -7.25 -8.80 -26.05
CA ASN B 556 -7.99 -7.55 -25.92
C ASN B 556 -7.42 -6.75 -24.74
N ASN B 557 -8.10 -5.66 -24.37
CA ASN B 557 -7.57 -4.78 -23.31
C ASN B 557 -7.51 -5.46 -21.93
N ALA B 558 -8.15 -6.62 -21.75
CA ALA B 558 -8.32 -7.20 -20.42
C ALA B 558 -7.60 -8.56 -20.26
N GLU B 559 -6.49 -8.78 -20.95
CA GLU B 559 -5.83 -10.07 -20.86
C GLU B 559 -4.40 -9.94 -21.40
N PRO B 560 -3.54 -10.86 -21.05
CA PRO B 560 -2.27 -10.99 -21.77
C PRO B 560 -2.51 -11.77 -23.05
N ILE B 561 -1.44 -11.93 -23.86
CA ILE B 561 -1.51 -12.75 -25.06
C ILE B 561 -2.20 -14.08 -24.75
N VAL B 562 -3.05 -14.53 -25.67
CA VAL B 562 -3.82 -15.74 -25.45
C VAL B 562 -2.92 -16.97 -25.54
N GLN B 563 -3.29 -18.03 -24.83
CA GLN B 563 -2.44 -19.20 -24.74
C GLN B 563 -3.11 -20.44 -25.34
N SER B 564 -4.09 -21.02 -24.66
CA SER B 564 -4.77 -22.25 -25.07
C SER B 564 -5.65 -21.99 -26.29
N LEU B 565 -6.16 -23.09 -26.85
CA LEU B 565 -7.16 -22.96 -27.89
C LEU B 565 -8.38 -22.20 -27.38
N ASP B 566 -8.97 -22.66 -26.26
CA ASP B 566 -10.10 -21.96 -25.65
C ASP B 566 -9.79 -20.48 -25.47
N ASP B 567 -8.57 -20.15 -25.02
CA ASP B 567 -8.15 -18.74 -24.97
C ASP B 567 -8.33 -18.05 -26.32
N VAL B 568 -7.84 -18.69 -27.38
CA VAL B 568 -7.87 -18.07 -28.70
C VAL B 568 -9.31 -17.87 -29.18
N VAL B 569 -10.16 -18.90 -29.01
CA VAL B 569 -11.55 -18.78 -29.45
C VAL B 569 -12.30 -17.73 -28.61
N THR B 570 -12.16 -17.79 -27.28
CA THR B 570 -12.74 -16.77 -26.41
C THR B 570 -12.38 -15.36 -26.86
N SER B 571 -11.09 -15.12 -27.06
CA SER B 571 -10.66 -13.80 -27.48
C SER B 571 -11.22 -13.42 -28.84
N PHE B 572 -11.37 -14.39 -29.75
CA PHE B 572 -11.92 -14.08 -31.07
C PHE B 572 -13.40 -13.70 -30.98
N LEU B 573 -14.20 -14.46 -30.22
CA LEU B 573 -15.63 -14.18 -30.08
C LEU B 573 -15.91 -12.89 -29.32
N THR B 574 -14.98 -12.37 -28.53
CA THR B 574 -15.25 -11.21 -27.70
C THR B 574 -14.54 -9.97 -28.22
N THR B 575 -14.07 -10.03 -29.45
CA THR B 575 -13.51 -8.89 -30.16
C THR B 575 -14.12 -8.88 -31.56
N ASP B 576 -13.79 -7.86 -32.33
CA ASP B 576 -14.44 -7.69 -33.64
C ASP B 576 -13.50 -8.06 -34.79
N LEU B 577 -12.85 -9.21 -34.67
CA LEU B 577 -12.05 -9.74 -35.76
C LEU B 577 -12.95 -10.41 -36.79
N ASP B 578 -12.50 -10.38 -38.05
CA ASP B 578 -13.28 -10.94 -39.16
C ASP B 578 -13.17 -12.45 -39.22
N VAL B 579 -11.94 -12.96 -39.26
CA VAL B 579 -11.69 -14.39 -39.39
C VAL B 579 -10.62 -14.78 -38.37
N LEU B 580 -10.65 -16.04 -37.95
CA LEU B 580 -9.62 -16.62 -37.12
C LEU B 580 -8.97 -17.79 -37.87
N VAL B 581 -7.65 -17.75 -38.00
CA VAL B 581 -6.88 -18.87 -38.56
C VAL B 581 -6.19 -19.56 -37.39
N VAL B 582 -6.62 -20.75 -37.02
CA VAL B 582 -6.01 -21.47 -35.91
C VAL B 582 -5.70 -22.89 -36.36
N GLU B 583 -4.41 -23.17 -36.59
CA GLU B 583 -3.94 -24.50 -36.97
C GLU B 583 -4.68 -25.05 -38.20
N ASP B 584 -4.79 -24.20 -39.22
CA ASP B 584 -5.31 -24.45 -40.55
C ASP B 584 -6.83 -24.37 -40.62
N CYS B 585 -7.51 -24.16 -39.51
CA CYS B 585 -8.96 -24.04 -39.50
C CYS B 585 -9.35 -22.58 -39.59
N LEU B 586 -10.34 -22.29 -40.43
CA LEU B 586 -10.91 -20.95 -40.51
C LEU B 586 -12.15 -20.90 -39.62
N VAL B 587 -12.22 -19.91 -38.74
CA VAL B 587 -13.27 -19.82 -37.75
C VAL B 587 -13.96 -18.47 -37.88
N ARG B 588 -15.29 -18.49 -38.03
CA ARG B 588 -16.07 -17.27 -37.96
C ARG B 588 -17.18 -17.43 -36.94
N GLY B 589 -17.60 -16.30 -36.35
CA GLY B 589 -18.66 -16.33 -35.37
C GLY B 589 -20.02 -16.54 -36.04
N LYS B 590 -20.80 -17.48 -35.49
CA LYS B 590 -22.09 -17.85 -36.06
C LYS B 590 -23.02 -16.65 -36.17
N ALA B 591 -24.05 -16.84 -37.02
CA ALA B 591 -25.20 -15.96 -37.16
C ALA B 591 -25.51 -15.30 -35.83
N SER B 592 -26.13 -16.07 -34.93
CA SER B 592 -26.30 -15.70 -33.53
C SER B 592 -25.77 -16.82 -32.65
N PRO B 593 -24.73 -16.59 -31.86
CA PRO B 593 -24.10 -17.68 -31.11
C PRO B 593 -24.90 -18.00 -29.85
N ASP B 594 -24.89 -19.28 -29.47
CA ASP B 594 -25.65 -19.72 -28.29
C ASP B 594 -24.76 -19.65 -27.06
N LEU B 595 -24.83 -18.52 -26.34
CA LEU B 595 -24.02 -18.38 -25.14
C LEU B 595 -24.39 -19.42 -24.10
N GLY B 596 -25.62 -19.95 -24.16
CA GLY B 596 -26.12 -20.80 -23.09
C GLY B 596 -25.41 -22.14 -22.97
N VAL B 597 -24.71 -22.58 -24.02
CA VAL B 597 -23.99 -23.84 -23.89
C VAL B 597 -22.67 -23.69 -23.15
N LEU B 598 -22.14 -22.47 -23.03
CA LEU B 598 -20.90 -22.23 -22.31
C LEU B 598 -21.10 -22.53 -20.83
N VAL B 599 -20.12 -23.22 -20.25
CA VAL B 599 -20.13 -23.54 -18.82
C VAL B 599 -19.32 -22.47 -18.09
N PRO B 600 -19.95 -21.65 -17.25
CA PRO B 600 -19.17 -20.64 -16.51
C PRO B 600 -18.39 -21.29 -15.37
N ARG B 601 -17.14 -20.86 -15.22
CA ARG B 601 -16.31 -21.25 -14.09
C ARG B 601 -15.71 -19.99 -13.48
N PHE B 602 -15.54 -20.02 -12.15
CA PHE B 602 -14.82 -18.96 -11.47
C PHE B 602 -13.33 -19.09 -11.75
N ARG B 603 -12.65 -17.96 -11.96
CA ARG B 603 -11.20 -17.95 -11.84
C ARG B 603 -10.82 -17.97 -10.38
N PRO B 604 -9.60 -18.40 -10.04
CA PRO B 604 -9.22 -18.48 -8.62
C PRO B 604 -9.32 -17.14 -7.92
N VAL B 605 -9.20 -16.05 -8.67
CA VAL B 605 -9.26 -14.70 -8.11
C VAL B 605 -10.64 -14.06 -8.24
N THR B 606 -11.64 -14.76 -8.77
CA THR B 606 -12.98 -14.20 -8.86
C THR B 606 -13.61 -14.09 -7.47
N ARG B 607 -14.28 -12.97 -7.22
CA ARG B 607 -15.03 -12.75 -5.99
C ARG B 607 -16.37 -12.14 -6.37
N LEU B 608 -17.43 -12.62 -5.74
CA LEU B 608 -18.78 -12.16 -6.04
C LEU B 608 -19.36 -11.62 -4.75
N VAL B 609 -19.75 -10.34 -4.76
CA VAL B 609 -20.00 -9.59 -3.53
C VAL B 609 -21.34 -8.88 -3.59
N GLU B 610 -22.10 -8.92 -2.48
CA GLU B 610 -23.18 -7.99 -2.18
C GLU B 610 -22.70 -7.02 -1.10
N ARG B 611 -22.86 -5.72 -1.34
CA ARG B 611 -22.30 -4.71 -0.45
C ARG B 611 -23.39 -3.77 0.04
N ARG B 612 -23.32 -3.40 1.32
N ARG B 612 -23.33 -3.43 1.33
CA ARG B 612 -24.12 -2.30 1.85
CA ARG B 612 -24.08 -2.32 1.90
C ARG B 612 -23.19 -1.29 2.52
C ARG B 612 -23.07 -1.30 2.42
N THR B 613 -23.31 -0.04 2.12
CA THR B 613 -22.48 1.03 2.62
C THR B 613 -23.27 1.75 3.72
N ALA B 614 -22.70 2.78 4.32
CA ALA B 614 -23.47 3.59 5.26
C ALA B 614 -24.45 4.46 4.50
N GLY B 615 -25.59 4.72 5.12
CA GLY B 615 -26.61 5.53 4.51
C GLY B 615 -26.88 6.80 5.28
N PRO B 616 -27.75 7.63 4.72
CA PRO B 616 -28.16 8.86 5.42
C PRO B 616 -28.91 8.53 6.72
N ASP B 617 -28.68 9.37 7.73
CA ASP B 617 -29.23 9.20 9.06
C ASP B 617 -28.72 7.92 9.73
N ALA B 618 -27.53 7.49 9.31
CA ALA B 618 -26.83 6.37 9.91
C ALA B 618 -27.60 5.06 9.68
N SER B 619 -28.24 4.96 8.53
CA SER B 619 -28.94 3.74 8.17
C SER B 619 -28.02 2.81 7.36
N ALA B 620 -28.48 1.58 7.15
CA ALA B 620 -27.85 0.71 6.16
C ALA B 620 -28.10 1.26 4.77
N GLY B 621 -27.03 1.50 4.04
CA GLY B 621 -27.14 2.24 2.80
C GLY B 621 -27.43 1.41 1.58
N ALA B 622 -26.81 1.85 0.48
CA ALA B 622 -27.13 1.34 -0.84
C ALA B 622 -26.65 -0.10 -0.98
N LYS B 623 -27.57 -0.98 -1.42
CA LYS B 623 -27.25 -2.37 -1.78
C LYS B 623 -26.75 -2.43 -3.23
N THR B 624 -25.50 -2.82 -3.42
CA THR B 624 -24.97 -3.06 -4.75
C THR B 624 -24.41 -4.47 -4.83
N HIS B 625 -24.38 -4.99 -6.05
CA HIS B 625 -23.81 -6.30 -6.32
C HIS B 625 -22.69 -6.09 -7.32
N GLU B 626 -21.53 -6.70 -7.06
CA GLU B 626 -20.36 -6.50 -7.91
C GLU B 626 -19.58 -7.81 -8.05
N ILE B 627 -18.95 -7.98 -9.21
CA ILE B 627 -17.96 -9.02 -9.43
C ILE B 627 -16.59 -8.35 -9.54
N HIS B 628 -15.55 -8.97 -8.96
CA HIS B 628 -14.23 -8.39 -9.10
C HIS B 628 -13.16 -9.48 -9.05
N LEU B 629 -11.97 -9.14 -9.54
CA LEU B 629 -10.80 -10.01 -9.49
C LEU B 629 -9.91 -9.55 -8.35
N ASP B 630 -9.60 -10.47 -7.42
CA ASP B 630 -8.94 -10.16 -6.15
C ASP B 630 -7.42 -10.24 -6.29
N TYR B 631 -6.84 -9.18 -6.85
CA TYR B 631 -5.40 -8.97 -6.89
C TYR B 631 -5.17 -7.49 -7.12
N ASP B 632 -4.03 -7.00 -6.64
CA ASP B 632 -3.72 -5.57 -6.72
C ASP B 632 -3.79 -5.08 -8.15
N GLY B 633 -4.67 -4.09 -8.37
CA GLY B 633 -4.92 -3.55 -9.68
C GLY B 633 -5.96 -4.29 -10.48
N GLY B 634 -6.73 -5.19 -9.87
CA GLY B 634 -7.67 -6.06 -10.56
C GLY B 634 -8.96 -5.33 -10.87
N PRO B 635 -9.66 -5.73 -11.93
CA PRO B 635 -10.85 -5.00 -12.35
C PRO B 635 -12.05 -5.38 -11.50
N SER B 636 -13.10 -4.58 -11.61
CA SER B 636 -14.36 -4.84 -10.92
C SER B 636 -15.50 -4.33 -11.77
N ALA B 637 -16.71 -4.88 -11.55
CA ALA B 637 -17.88 -4.49 -12.32
C ALA B 637 -19.16 -4.70 -11.52
N LYS B 638 -20.06 -3.73 -11.57
CA LYS B 638 -21.42 -3.85 -11.04
C LYS B 638 -22.19 -4.93 -11.79
N VAL B 639 -23.04 -5.67 -11.07
CA VAL B 639 -23.93 -6.66 -11.68
C VAL B 639 -25.33 -6.46 -11.14
N SER B 640 -26.29 -6.87 -11.94
CA SER B 640 -27.68 -6.80 -11.57
C SER B 640 -27.99 -7.85 -10.51
N PRO B 641 -29.11 -7.69 -9.80
CA PRO B 641 -29.48 -8.73 -8.83
C PRO B 641 -29.70 -10.09 -9.45
N GLU B 642 -30.17 -10.16 -10.71
CA GLU B 642 -30.39 -11.48 -11.31
C GLU B 642 -29.06 -12.13 -11.69
N LEU B 643 -28.08 -11.34 -12.16
CA LEU B 643 -26.79 -11.96 -12.45
C LEU B 643 -26.16 -12.44 -11.17
N TYR B 644 -26.33 -11.67 -10.11
CA TYR B 644 -25.78 -12.04 -8.82
C TYR B 644 -26.31 -13.38 -8.38
N GLU B 645 -27.64 -13.60 -8.49
CA GLU B 645 -28.20 -14.88 -8.06
C GLU B 645 -27.74 -16.01 -8.97
N LEU B 646 -27.75 -15.76 -10.28
CA LEU B 646 -27.25 -16.75 -11.22
C LEU B 646 -25.78 -17.07 -10.96
N LEU B 647 -24.92 -16.05 -10.91
CA LEU B 647 -23.49 -16.31 -10.78
C LEU B 647 -23.19 -17.07 -9.49
N GLY B 648 -23.90 -16.74 -8.42
CA GLY B 648 -23.65 -17.44 -7.17
C GLY B 648 -24.00 -18.92 -7.21
N ALA B 649 -24.77 -19.35 -8.20
CA ALA B 649 -25.12 -20.75 -8.34
C ALA B 649 -24.15 -21.53 -9.23
N VAL B 650 -23.14 -20.84 -9.79
CA VAL B 650 -22.13 -21.46 -10.64
C VAL B 650 -21.46 -22.62 -9.90
N ASP B 651 -21.56 -23.81 -10.46
CA ASP B 651 -20.93 -24.98 -9.87
C ASP B 651 -19.77 -25.52 -10.69
N GLY B 652 -19.41 -24.87 -11.81
CA GLY B 652 -18.29 -25.30 -12.61
C GLY B 652 -18.58 -26.41 -13.61
N THR B 653 -19.76 -27.02 -13.58
CA THR B 653 -20.18 -28.01 -14.57
C THR B 653 -21.47 -27.66 -15.29
N THR B 654 -22.45 -27.06 -14.61
CA THR B 654 -23.72 -26.71 -15.24
C THR B 654 -23.53 -25.56 -16.23
N THR B 655 -24.27 -25.60 -17.34
CA THR B 655 -24.11 -24.58 -18.37
C THR B 655 -24.81 -23.28 -17.96
N LEU B 656 -24.49 -22.21 -18.69
CA LEU B 656 -25.07 -20.91 -18.40
C LEU B 656 -26.58 -20.96 -18.61
N GLY B 657 -27.02 -21.60 -19.70
CA GLY B 657 -28.45 -21.70 -19.96
C GLY B 657 -29.21 -22.44 -18.89
N ASP B 658 -28.62 -23.51 -18.34
CA ASP B 658 -29.30 -24.23 -17.28
C ASP B 658 -29.31 -23.43 -15.99
N LEU B 659 -28.21 -22.75 -15.67
CA LEU B 659 -28.18 -21.87 -14.49
C LEU B 659 -29.18 -20.72 -14.64
N ALA B 660 -29.26 -20.15 -15.84
CA ALA B 660 -30.20 -19.06 -16.09
C ALA B 660 -31.65 -19.46 -15.82
N LYS B 661 -31.98 -20.76 -15.82
CA LYS B 661 -33.35 -21.17 -15.56
C LYS B 661 -33.78 -20.83 -14.13
N THR B 662 -32.86 -20.82 -13.17
CA THR B 662 -33.30 -20.50 -11.82
C THR B 662 -33.66 -19.02 -11.66
N VAL B 663 -33.49 -18.20 -12.70
CA VAL B 663 -33.94 -16.81 -12.66
C VAL B 663 -34.79 -16.47 -13.88
N GLY B 664 -35.39 -17.47 -14.51
CA GLY B 664 -36.37 -17.19 -15.53
C GLY B 664 -35.92 -17.39 -16.95
N GLY B 665 -34.70 -17.86 -17.14
CA GLY B 665 -34.16 -18.15 -18.46
C GLY B 665 -33.16 -17.12 -18.94
N LEU B 666 -32.27 -17.55 -19.81
CA LEU B 666 -31.32 -16.65 -20.43
C LEU B 666 -32.04 -15.65 -21.33
N SER B 667 -32.53 -14.54 -20.77
CA SER B 667 -33.10 -13.46 -21.57
C SER B 667 -32.00 -12.79 -22.39
N ASP B 668 -32.38 -11.96 -23.36
CA ASP B 668 -31.37 -11.22 -24.11
C ASP B 668 -30.62 -10.24 -23.20
N ALA B 669 -31.33 -9.64 -22.25
CA ALA B 669 -30.68 -8.70 -21.34
C ALA B 669 -29.60 -9.41 -20.54
N LEU B 670 -29.95 -10.55 -19.96
CA LEU B 670 -28.98 -11.28 -19.16
C LEU B 670 -27.76 -11.66 -20.00
N ALA B 671 -28.00 -12.23 -21.20
CA ALA B 671 -26.91 -12.72 -22.02
C ALA B 671 -26.00 -11.58 -22.50
N THR B 672 -26.57 -10.40 -22.75
CA THR B 672 -25.74 -9.22 -23.02
C THR B 672 -24.91 -8.83 -21.80
N GLU B 673 -25.50 -8.92 -20.60
CA GLU B 673 -24.75 -8.58 -19.40
C GLU B 673 -23.62 -9.56 -19.17
N VAL B 674 -23.91 -10.86 -19.26
CA VAL B 674 -22.88 -11.90 -19.13
C VAL B 674 -21.79 -11.68 -20.16
N PHE B 675 -22.19 -11.42 -21.42
CA PHE B 675 -21.21 -11.18 -22.48
C PHE B 675 -20.27 -10.01 -22.14
N ALA B 676 -20.79 -8.93 -21.55
CA ALA B 676 -19.87 -7.85 -21.19
C ALA B 676 -18.92 -8.28 -20.09
N LEU B 677 -19.38 -9.13 -19.17
CA LEU B 677 -18.50 -9.69 -18.14
C LEU B 677 -17.43 -10.60 -18.76
N TRP B 678 -17.83 -11.40 -19.76
CA TRP B 678 -16.90 -12.25 -20.49
C TRP B 678 -15.81 -11.43 -21.17
N GLU B 679 -16.20 -10.31 -21.79
CA GLU B 679 -15.23 -9.42 -22.42
C GLU B 679 -14.16 -9.00 -21.44
N GLN B 680 -14.55 -8.59 -20.21
CA GLN B 680 -13.61 -8.16 -19.17
C GLN B 680 -13.00 -9.33 -18.39
N ARG B 681 -13.37 -10.57 -18.71
CA ARG B 681 -12.68 -11.76 -18.24
C ARG B 681 -12.83 -11.99 -16.73
N PHE B 682 -13.96 -11.56 -16.16
CA PHE B 682 -14.23 -11.83 -14.76
C PHE B 682 -14.36 -13.31 -14.45
N LEU B 683 -14.66 -14.13 -15.45
CA LEU B 683 -14.81 -15.54 -15.19
C LEU B 683 -14.60 -16.28 -16.49
N THR B 684 -14.28 -17.57 -16.39
CA THR B 684 -14.07 -18.37 -17.59
C THR B 684 -15.42 -18.76 -18.19
N LEU B 685 -15.55 -18.60 -19.50
CA LEU B 685 -16.72 -19.13 -20.20
C LEU B 685 -16.22 -19.96 -21.37
N ALA B 686 -16.50 -21.26 -21.35
CA ALA B 686 -16.06 -22.14 -22.42
C ALA B 686 -16.89 -23.40 -22.37
N PRO B 687 -17.08 -24.08 -23.53
CA PRO B 687 -17.86 -25.33 -23.56
C PRO B 687 -17.41 -26.38 -22.57
N ALA B 688 -18.26 -27.36 -22.32
CA ALA B 688 -18.02 -28.32 -21.26
C ALA B 688 -16.77 -29.15 -21.54
N GLY B 689 -16.06 -29.50 -20.47
CA GLY B 689 -14.78 -30.17 -20.61
C GLY B 689 -13.67 -29.19 -20.99
N ASP B 690 -12.67 -29.74 -21.71
CA ASP B 690 -11.54 -28.95 -22.19
C ASP B 690 -10.87 -29.74 -23.30
N ILE B 691 -9.86 -29.13 -23.93
CA ILE B 691 -9.15 -29.78 -25.03
C ILE B 691 -8.48 -31.08 -24.63
N GLY B 692 -8.30 -31.32 -23.33
CA GLY B 692 -7.60 -32.50 -22.86
C GLY B 692 -6.10 -32.27 -22.81
N PRO B 693 -5.37 -33.24 -22.27
CA PRO B 693 -3.91 -33.10 -22.16
C PRO B 693 -3.27 -32.91 -23.53
N LEU B 694 -2.45 -31.87 -23.66
CA LEU B 694 -1.92 -31.46 -24.96
C LEU B 694 -1.07 -32.55 -25.60
N ALA B 695 -1.22 -32.68 -26.92
CA ALA B 695 -0.70 -33.80 -27.69
C ALA B 695 0.82 -33.87 -27.65
N ASP B 696 1.33 -35.04 -28.06
CA ASP B 696 2.73 -35.29 -28.36
C ASP B 696 2.86 -35.52 -29.87
N ASP B 697 3.73 -34.74 -30.53
CA ASP B 697 3.81 -34.74 -31.99
C ASP B 697 5.19 -35.10 -32.56
N GLY B 698 6.26 -35.10 -31.77
CA GLY B 698 7.61 -35.20 -32.30
C GLY B 698 8.57 -34.30 -31.56
C19 83Z C . 3.93 13.07 7.44
C22 83Z C . 4.24 12.65 9.80
C01 83Z C . 4.88 7.17 5.59
C02 83Z C . 6.41 7.15 5.60
C03 83Z C . 7.18 6.89 4.29
C04 83Z C . 6.56 7.80 3.23
C05 83Z C . 5.71 7.27 2.25
C06 83Z C . 5.11 8.10 1.28
C08 83Z C . 4.30 6.19 0.02
C09 83Z C . 5.38 9.47 1.35
C11 83Z C . 6.20 10.00 2.33
C13 83Z C . 6.17 12.41 3.37
C14 83Z C . 5.35 11.97 4.59
C15 83Z C . 4.42 13.10 5.03
C17 83Z C . 3.69 12.54 6.25
C18 83Z C . 2.72 11.37 6.05
C20 83Z C . 3.22 12.55 8.69
C21 83Z C . 1.98 13.39 8.91
C24 83Z C . 5.40 11.75 9.38
C25 83Z C . 5.64 10.57 10.32
C28 83Z C . 6.80 9.16 3.26
C29 83Z C . 7.04 7.42 6.74
C30 83Z C . 6.16 7.71 7.96
C31 83Z C . 6.27 8.89 8.54
C32 83Z C . 5.36 9.16 9.75
C34 83Z C . 4.19 8.00 11.34
N12 83Z C . 6.50 11.43 2.34
O07 83Z C . 4.25 7.58 0.28
O16 83Z C . 4.97 14.35 5.38
O23 83Z C . 3.63 12.28 11.01
O26 83Z C . 6.03 10.79 11.44
O27 83Z C . 6.53 13.54 3.25
O33 83Z C . 5.36 8.03 10.58
CL1 83Z C . 4.69 10.65 0.19
FE FE D . 5.01 16.11 14.40
P AMP E . 4.14 13.48 15.46
O1P AMP E . 2.69 13.18 15.81
O2P AMP E . 4.47 13.46 13.94
O3P AMP E . 4.73 14.64 16.23
O5' AMP E . 4.98 12.24 16.00
C5' AMP E . 4.97 11.01 15.29
C4' AMP E . 6.29 10.31 15.45
O4' AMP E . 6.63 10.20 16.87
C3' AMP E . 6.35 8.90 14.87
O3' AMP E . 7.60 8.71 14.21
C2' AMP E . 6.27 8.02 16.12
O2' AMP E . 6.82 6.72 16.03
C1' AMP E . 7.02 8.86 17.14
N9 AMP E . 6.65 8.46 18.50
C8 AMP E . 5.41 8.42 19.08
N7 AMP E . 5.48 7.91 20.35
C5 AMP E . 6.77 7.59 20.59
C6 AMP E . 7.55 7.01 21.72
N6 AMP E . 6.95 6.65 22.88
N1 AMP E . 8.88 6.83 21.53
C2 AMP E . 9.50 7.19 20.38
N3 AMP E . 8.87 7.72 19.32
C4 AMP E . 7.53 7.93 19.36
C1 GOL F . -6.45 8.00 23.39
O1 GOL F . -7.68 7.55 22.84
C2 GOL F . -5.46 6.81 23.34
O2 GOL F . -5.18 6.26 24.66
C3 GOL F . -6.00 5.79 22.15
O3 GOL F . -6.00 6.49 20.82
S SO4 G . -2.74 3.54 29.78
O1 SO4 G . -3.87 4.49 29.75
O2 SO4 G . -2.80 2.61 28.63
O3 SO4 G . -2.70 2.68 31.00
O4 SO4 G . -1.49 4.31 29.67
S SO4 H . -14.54 18.68 36.50
O1 SO4 H . -15.92 19.15 36.31
O2 SO4 H . -14.02 18.34 35.18
O3 SO4 H . -14.59 17.50 37.38
O4 SO4 H . -13.63 19.71 37.09
S SO4 I . -15.51 14.22 -0.97
O1 SO4 I . -16.39 13.43 -0.08
O2 SO4 I . -15.90 14.08 -2.38
O3 SO4 I . -14.11 13.79 -0.76
O4 SO4 I . -15.70 15.65 -0.70
S SO4 J . 17.17 29.78 30.66
O1 SO4 J . 16.07 30.36 31.49
O2 SO4 J . 16.87 28.41 30.23
O3 SO4 J . 18.43 29.83 31.46
O4 SO4 J . 17.29 30.59 29.43
S SO4 K . -24.35 -21.15 -0.48
O1 SO4 K . -25.69 -20.54 -0.68
O2 SO4 K . -24.26 -22.40 -1.25
O3 SO4 K . -24.07 -21.39 0.94
O4 SO4 K . -23.32 -20.26 -1.00
N CP L . -4.03 -2.42 24.40
C CP L . -4.51 -1.04 24.41
O CP L . -4.98 -0.62 23.39
O4P CP L . -4.40 -0.24 25.58
P CP L . -5.13 1.27 25.65
O1P CP L . -6.63 1.13 25.53
O2P CP L . -4.98 2.08 26.94
O3P CP L . -4.67 2.07 24.44
C1 EDO M . -1.67 5.04 -0.09
O1 EDO M . -2.40 5.56 1.05
C2 EDO M . -0.17 4.85 0.16
O2 EDO M . 0.69 5.51 -0.81
C1 EDO N . 23.49 -0.82 7.58
O1 EDO N . 24.70 -0.57 8.32
C2 EDO N . 22.66 -1.93 8.23
O2 EDO N . 21.48 -2.21 7.44
C1 EDO O . -2.13 13.51 27.45
O1 EDO O . -0.73 13.37 27.77
C2 EDO O . -2.90 14.28 28.52
O2 EDO O . -4.31 14.19 28.23
C1 EDO P . -18.90 10.93 20.00
O1 EDO P . -17.70 10.41 20.58
C2 EDO P . -18.88 12.40 20.41
O2 EDO P . -20.19 12.99 20.39
C1 EDO Q . -29.44 21.95 33.11
O1 EDO Q . -28.35 21.81 34.06
C2 EDO Q . -28.97 21.68 31.65
O2 EDO Q . -28.74 20.27 31.35
C1 PEG R . -22.25 8.04 19.63
O1 PEG R . -20.94 8.54 20.09
C2 PEG R . -23.14 7.17 20.59
O2 PEG R . -22.43 6.06 21.27
C3 PEG R . -23.00 4.72 21.50
C4 PEG R . -22.00 3.56 21.22
O4 PEG R . -22.51 2.39 20.53
C19 83Z S . 12.10 -5.91 -7.21
C22 83Z S . 11.82 -5.03 -9.41
C01 83Z S . 8.31 -1.01 -4.95
C02 83Z S . 9.34 0.13 -4.98
C03 83Z S . 9.54 1.00 -3.74
C04 83Z S . 9.82 -0.13 -2.73
C05 83Z S . 8.87 -0.48 -1.77
C06 83Z S . 9.11 -1.52 -0.88
C08 83Z S . 7.03 -1.09 0.32
C09 83Z S . 10.31 -2.20 -0.98
C11 83Z S . 11.24 -1.88 -1.96
C13 83Z S . 12.83 -3.60 -3.05
C14 83Z S . 11.90 -4.05 -4.20
C15 83Z S . 12.33 -5.39 -4.83
C17 83Z S . 11.49 -5.61 -6.07
C18 83Z S . 9.96 -5.51 -5.95
C20 83Z S . 11.34 -6.15 -8.50
C21 83Z S . 11.59 -7.57 -8.97
C24 83Z S . 11.68 -3.67 -8.70
C25 83Z S . 11.33 -2.48 -9.59
C28 83Z S . 11.01 -0.84 -2.84
C29 83Z S . 10.10 0.32 -6.05
C30 83Z S . 9.94 -0.59 -7.25
C31 83Z S . 10.53 -0.48 -8.41
C32 83Z S . 10.09 -1.64 -9.31
C34 83Z S . 8.72 -2.35 -11.04
N12 83Z S . 12.49 -2.60 -2.05
O07 83Z S . 8.18 -1.88 0.13
O16 83Z S . 13.64 -5.55 -5.30
O23 83Z S . 11.11 -5.06 -10.61
O26 83Z S . 11.98 -2.17 -10.53
O27 83Z S . 13.93 -4.09 -2.97
O33 83Z S . 9.38 -1.26 -10.43
CL1 83Z S . 10.62 -3.54 0.15
FE FE T . 15.19 -7.15 -13.92
P AMP U . 12.73 -5.88 -15.07
O1P AMP U . 11.48 -6.66 -15.49
O2P AMP U . 14.03 -6.15 -15.83
O3P AMP U . 12.89 -5.70 -13.54
O5' AMP U . 12.37 -4.43 -15.62
C5' AMP U . 11.38 -3.66 -14.98
C4' AMP U . 11.77 -2.22 -15.09
O4' AMP U . 11.89 -1.87 -16.52
C3' AMP U . 10.79 -1.22 -14.48
O3' AMP U . 11.54 -0.21 -13.76
C2' AMP U . 10.14 -0.58 -15.71
O2' AMP U . 9.65 0.74 -15.52
C1' AMP U . 11.28 -0.63 -16.73
N9 AMP U . 10.81 -0.54 -18.10
C8 AMP U . 9.96 -1.40 -18.71
N7 AMP U . 9.71 -0.98 -19.97
C5 AMP U . 10.38 0.16 -20.19
C6 AMP U . 10.56 1.12 -21.31
N6 AMP U . 9.92 0.93 -22.49
N1 AMP U . 11.37 2.19 -21.13
C2 AMP U . 12.00 2.39 -19.94
N3 AMP U . 11.88 1.56 -18.88
C4 AMP U . 11.10 0.46 -18.94
S SO4 V . 1.41 -4.36 -29.68
O1 SO4 V . 0.70 -3.37 -30.51
O2 SO4 V . 1.42 -5.73 -30.24
O3 SO4 V . 0.76 -4.44 -28.38
O4 SO4 V . 2.77 -3.85 -29.52
S SO4 W . -0.77 -20.46 0.99
O1 SO4 W . -1.37 -20.56 2.33
O2 SO4 W . -1.83 -20.78 0.02
O3 SO4 W . 0.33 -21.44 0.92
O4 SO4 W . -0.30 -19.09 0.67
C1 EDO X . 0.73 -7.88 -23.59
O1 EDO X . 2.05 -7.88 -24.20
C2 EDO X . 0.67 -8.87 -22.40
O2 EDO X . 0.92 -10.24 -22.82
#